data_7UO9
#
_entry.id   7UO9
#
_cell.length_a   1.00
_cell.length_b   1.00
_cell.length_c   1.00
_cell.angle_alpha   90.00
_cell.angle_beta   90.00
_cell.angle_gamma   90.00
#
_symmetry.space_group_name_H-M   'P 1'
#
loop_
_entity.id
_entity.type
_entity.pdbx_description
1 polymer 'RNA-directed RNA polymerase'
2 polymer 'Non-structural protein 8'
3 polymer 'Non-structural protein 7'
4 polymer 'Product RNA (35-MER)'
5 polymer 'Template RNA (55-MER)'
6 non-polymer 'ZINC ION'
7 non-polymer 'MAGNESIUM ION'
8 non-polymer "URIDINE 5'-TRIPHOSPHATE"
9 water water
#
loop_
_entity_poly.entity_id
_entity_poly.type
_entity_poly.pdbx_seq_one_letter_code
_entity_poly.pdbx_strand_id
1 'polypeptide(L)'
;SADAQSFLNRVCGVSAARLTPCGTGTSTDVVYRAFDIYNDKVAGFAKFLKTNCCRFQEKDEDDNLIDSYFVVKRHTFSNY
QHEETIYNLLKDCPAVAKHDFFKFRIDGDMVPHISRQRLTKYTMADLVYALRHFDEGNCDTLKEILVTYNCCDDDYFNKK
DWYDFVENPDILRVYANLGERVRQALLKTVQFCDAMRNAGIVGVLTLDNQDLNGNWYDFGDFIQTTPGSGVPVVDSYYSL
LMPILTLTRALTAESHVDTDLTKPYIKWDLLKYDFTEERLKLFDRYFKYWDQTYHPNCVNCLDDRCILHCANFNVLFSTV
FPPTSFGPLVRKIFVDGVPFVVSTGYHFRELGVVHNQDVNLHSSRLSFKELLVYAADPAMHAASGNLLLDKRTTCFSVAA
LTNNVAFQTVKPGNFNKDFYDFAVSKGFFKEGSSVELKHFFFAQDGNAAISDYDYYRYNLPTMCDIRQLLFVVEVVDKYF
DCYDGGCINANQVIVNNLDKSAGFPFNKWGKARLYYDSMSYEDQDALFAYTKRNVIPTITQMNLKYAISAKNRARTVAGV
SICSTMTNRQFHQKLLKSIAATRGATVVIGTSKFYGGWHNMLKTVYSDVENPHLMGWDYPKCDRAMPNMLRIMASLVLAR
KHTTCCSLSHRFYRLANECAQVLSEMVMCGGSLYVKPGGTSSGDATTAYANSVFNICQAVTANVNALLSTDGNKIADKYV
RNLQHRLYECLYRNRDVDTDFVNEFYAYLRKHFSMMILSDDAVVCFNSTYASQGLVASIKNFKSVLYYQNNVFMSEAKCW
TETDLTKGPHEFCSQHTMLVKQGDDYVYLPYPDPSRILGAGCFVDDIVKTDGTLMIERFVSLAIDAYPLTKHPNQEYADV
FHLYLQYIRKLHDELTGHMLDMYSVMLTNDNTSRYWEPEFYEAMYTPHTVLQ
;
A
2 'polypeptide(L)'
;AIASEFSSLPSYAAFATAQEAYEQAVANGDSEVVLKKLKKSLNVAKSEFDRDAAMQRKLEKMADQAMTQMYKQARSEDKR
AKVTSAMQTMLFTMLRKLDNDALNNIINNARDGCVPLNIIPLTTAAKLMVVIPDYNTYKNTCDGTTFTYASALWEIQQVV
DADSKIVQLSEISMDNSPNLAWPLIVTALRANSAVKLQ
;
B,D
3 'polypeptide(L)'
;VACTKEVHMSKMSDVKCTSVVLLSVLQQLRVESSSKLWAQCVQLHNDILLAKDTTEAFEKMVSLLSVLLSMQGAVDINKL
CEEMLDNRATLQ
;
C
4 'polyribonucleotide' CGCGUAGCAUGCUACGUCAUUCUCCACGCGAAGC(3DA) P
5 'polyribonucleotide' CUAUCCCCAUUUUGUUGUCAUGCUUCGCGUGGAGAAUGACGUAGCAUGCUACGCG T
#
# COMPACT_ATOMS: atom_id res chain seq x y z
N ALA A 4 13.66 54.33 34.60
CA ALA A 4 13.40 52.97 34.15
C ALA A 4 13.14 52.05 35.34
N GLN A 5 13.83 52.32 36.45
CA GLN A 5 13.57 51.55 37.67
C GLN A 5 12.16 51.80 38.19
N SER A 6 11.71 53.06 38.13
CA SER A 6 10.35 53.37 38.58
C SER A 6 9.31 52.67 37.71
N PHE A 7 9.57 52.54 36.41
CA PHE A 7 8.63 51.84 35.54
C PHE A 7 8.49 50.39 35.95
N LEU A 8 9.59 49.71 36.24
CA LEU A 8 9.52 48.34 36.72
C LEU A 8 8.81 48.25 38.08
N ASN A 9 9.12 49.20 38.97
CA ASN A 9 8.44 49.21 40.26
C ASN A 9 6.94 49.37 40.12
N ARG A 10 6.50 50.15 39.14
CA ARG A 10 5.07 50.32 38.93
C ARG A 10 4.46 49.12 38.22
N VAL A 11 5.20 48.48 37.30
CA VAL A 11 4.69 47.30 36.62
C VAL A 11 4.46 46.18 37.62
N CYS A 12 5.41 45.98 38.55
CA CYS A 12 5.23 44.93 39.54
C CYS A 12 3.92 45.10 40.30
N GLY A 13 3.48 46.34 40.49
CA GLY A 13 2.17 46.59 41.05
C GLY A 13 2.04 46.15 42.49
N VAL A 14 0.78 46.00 42.91
CA VAL A 14 0.47 45.53 44.27
C VAL A 14 0.40 44.01 44.18
N SER A 15 1.57 43.39 44.28
CA SER A 15 1.68 41.94 44.22
C SER A 15 3.08 41.54 44.63
N ALA A 16 3.25 40.27 44.95
CA ALA A 16 4.57 39.72 45.30
C ALA A 16 5.33 39.37 44.02
N ALA A 17 5.56 40.40 43.21
CA ALA A 17 6.21 40.24 41.92
C ALA A 17 7.67 40.65 42.04
N ARG A 18 8.57 39.72 41.73
CA ARG A 18 10.02 39.95 41.73
C ARG A 18 10.49 39.62 40.32
N LEU A 19 10.57 40.65 39.47
CA LEU A 19 10.73 40.45 38.04
C LEU A 19 11.86 41.30 37.50
N THR A 20 12.53 40.78 36.47
CA THR A 20 13.62 41.39 35.74
C THR A 20 13.17 41.79 34.35
N PRO A 21 13.84 42.76 33.72
CA PRO A 21 13.43 43.20 32.39
C PRO A 21 13.94 42.28 31.29
N CYS A 22 13.15 42.19 30.22
CA CYS A 22 13.56 41.50 29.02
C CYS A 22 13.81 42.44 27.84
N GLY A 23 13.28 43.66 27.89
CA GLY A 23 13.51 44.63 26.85
C GLY A 23 14.85 45.31 26.99
N THR A 24 14.89 46.62 26.74
CA THR A 24 16.12 47.39 26.78
C THR A 24 15.92 48.66 27.61
N GLY A 25 15.44 48.50 28.84
CA GLY A 25 15.30 49.65 29.71
C GLY A 25 14.18 50.60 29.30
N THR A 26 12.94 50.15 29.43
CA THR A 26 11.77 50.95 29.08
C THR A 26 11.69 51.18 27.57
N SER A 27 11.67 50.07 26.84
CA SER A 27 11.51 50.12 25.40
C SER A 27 10.85 48.83 24.94
N THR A 28 10.25 48.89 23.76
CA THR A 28 9.56 47.72 23.20
C THR A 28 10.55 46.62 22.87
N ASP A 29 10.03 45.40 22.78
CA ASP A 29 10.82 44.21 22.46
C ASP A 29 10.41 43.67 21.10
N VAL A 30 11.38 43.48 20.22
CA VAL A 30 11.11 42.89 18.91
C VAL A 30 11.05 41.38 19.07
N VAL A 31 10.08 40.75 18.38
CA VAL A 31 9.87 39.32 18.53
C VAL A 31 9.03 38.84 17.35
N TYR A 32 9.39 37.67 16.82
CA TYR A 32 8.62 37.01 15.77
C TYR A 32 7.60 36.08 16.42
N ARG A 33 6.32 36.39 16.26
CA ARG A 33 5.26 35.57 16.84
C ARG A 33 4.20 35.29 15.79
N ALA A 34 3.60 34.11 15.88
CA ALA A 34 2.53 33.74 14.96
C ALA A 34 1.25 34.46 15.33
N PHE A 35 0.57 35.00 14.33
CA PHE A 35 -0.66 35.76 14.53
C PHE A 35 -1.72 35.25 13.59
N ASP A 36 -2.94 35.11 14.12
CA ASP A 36 -4.13 34.85 13.31
C ASP A 36 -4.81 36.19 13.11
N ILE A 37 -4.45 36.87 12.03
CA ILE A 37 -4.81 38.27 11.80
C ILE A 37 -5.74 38.35 10.62
N TYR A 38 -6.82 39.13 10.76
CA TYR A 38 -7.74 39.41 9.66
C TYR A 38 -8.21 40.85 9.79
N ASN A 39 -7.50 41.76 9.14
CA ASN A 39 -7.89 43.17 9.08
C ASN A 39 -8.64 43.42 7.79
N ASP A 40 -8.89 44.69 7.47
CA ASP A 40 -9.44 45.06 6.18
C ASP A 40 -8.38 45.11 5.08
N LYS A 41 -7.10 45.00 5.44
CA LYS A 41 -6.02 45.04 4.47
C LYS A 41 -5.24 43.74 4.36
N VAL A 42 -5.10 42.98 5.46
CA VAL A 42 -4.31 41.76 5.48
C VAL A 42 -5.14 40.66 6.10
N ALA A 43 -4.73 39.42 5.84
CA ALA A 43 -5.41 38.25 6.40
C ALA A 43 -4.48 37.05 6.27
N GLY A 44 -4.44 36.22 7.28
CA GLY A 44 -3.67 35.00 7.23
C GLY A 44 -3.13 34.62 8.59
N PHE A 45 -2.76 33.35 8.71
CA PHE A 45 -2.16 32.81 9.93
C PHE A 45 -0.64 32.77 9.79
N ALA A 46 -0.04 33.94 9.63
CA ALA A 46 1.37 34.06 9.35
C ALA A 46 2.15 34.31 10.63
N LYS A 47 3.43 34.61 10.48
CA LYS A 47 4.34 34.83 11.61
C LYS A 47 4.87 36.26 11.49
N PHE A 48 4.25 37.17 12.22
CA PHE A 48 4.56 38.58 12.10
C PHE A 48 5.53 39.01 13.19
N LEU A 49 6.28 40.07 12.91
CA LEU A 49 7.18 40.69 13.89
C LEU A 49 6.48 41.95 14.38
N LYS A 50 5.87 41.86 15.56
CA LYS A 50 5.16 42.99 16.16
C LYS A 50 5.88 43.41 17.43
N THR A 51 6.26 44.68 17.48
CA THR A 51 7.11 45.24 18.53
C THR A 51 6.34 46.36 19.21
N ASN A 52 5.57 46.01 20.23
CA ASN A 52 4.77 46.98 20.98
C ASN A 52 4.83 46.82 22.48
N CYS A 53 5.18 45.64 23.00
CA CYS A 53 5.13 45.36 24.42
C CYS A 53 6.52 45.44 25.03
N CYS A 54 6.57 45.35 26.36
CA CYS A 54 7.81 45.36 27.12
C CYS A 54 7.73 44.24 28.16
N ARG A 55 8.16 43.05 27.77
CA ARG A 55 8.05 41.89 28.65
C ARG A 55 8.97 42.03 29.86
N PHE A 56 8.47 41.60 31.02
CA PHE A 56 9.26 41.50 32.24
C PHE A 56 9.10 40.09 32.78
N GLN A 57 10.21 39.36 32.91
CA GLN A 57 10.14 37.96 33.32
C GLN A 57 10.28 37.87 34.83
N GLU A 58 9.36 37.14 35.46
CA GLU A 58 9.30 37.05 36.91
C GLU A 58 10.33 36.07 37.44
N LYS A 59 10.92 36.40 38.58
CA LYS A 59 11.84 35.53 39.30
C LYS A 59 11.16 35.03 40.57
N ASP A 60 11.22 33.72 40.80
CA ASP A 60 10.67 33.12 42.00
C ASP A 60 11.65 32.12 42.57
N GLU A 61 11.56 31.90 43.89
CA GLU A 61 12.46 31.00 44.60
C GLU A 61 13.89 31.51 44.59
N ASP A 62 14.07 32.80 44.91
CA ASP A 62 15.38 33.39 45.13
C ASP A 62 16.27 33.23 43.88
N ASP A 63 15.88 33.97 42.85
CA ASP A 63 16.65 34.13 41.62
C ASP A 63 16.53 32.95 40.67
N ASN A 64 15.53 32.09 40.85
CA ASN A 64 15.27 31.02 39.90
C ASN A 64 14.29 31.52 38.86
N LEU A 65 14.72 31.59 37.60
CA LEU A 65 13.94 32.21 36.54
C LEU A 65 12.85 31.26 36.06
N ILE A 66 11.63 31.79 35.89
CA ILE A 66 10.49 31.00 35.43
C ILE A 66 9.86 31.69 34.24
N ASP A 67 8.81 31.08 33.67
CA ASP A 67 8.11 31.66 32.53
C ASP A 67 6.82 32.31 33.04
N SER A 68 6.93 33.59 33.38
CA SER A 68 5.77 34.40 33.77
C SER A 68 6.14 35.84 33.44
N TYR A 69 5.59 36.34 32.33
CA TYR A 69 6.01 37.62 31.78
C TYR A 69 4.91 38.65 31.98
N PHE A 70 5.30 39.82 32.50
CA PHE A 70 4.37 40.95 32.66
C PHE A 70 4.43 41.79 31.40
N VAL A 71 3.63 41.41 30.41
CA VAL A 71 3.66 42.04 29.10
C VAL A 71 3.01 43.42 29.17
N VAL A 72 3.82 44.47 29.22
CA VAL A 72 3.33 45.84 29.33
C VAL A 72 3.37 46.47 27.94
N LYS A 73 2.29 47.13 27.56
CA LYS A 73 2.19 47.79 26.27
C LYS A 73 1.69 49.22 26.43
N ARG A 74 2.12 50.09 25.51
CA ARG A 74 1.70 51.48 25.48
C ARG A 74 0.50 51.61 24.55
N HIS A 75 -0.53 52.31 25.00
CA HIS A 75 -1.79 52.39 24.28
C HIS A 75 -2.10 53.84 23.90
N THR A 76 -3.21 54.03 23.19
CA THR A 76 -3.56 55.31 22.60
C THR A 76 -4.41 56.21 23.48
N PHE A 77 -4.90 55.70 24.62
CA PHE A 77 -5.78 56.37 25.56
C PHE A 77 -7.21 56.47 25.04
N SER A 78 -7.47 56.10 23.78
CA SER A 78 -8.83 56.05 23.24
C SER A 78 -9.38 54.64 23.24
N ASN A 79 -8.59 53.68 22.74
CA ASN A 79 -8.89 52.27 22.88
C ASN A 79 -8.41 51.71 24.22
N TYR A 80 -7.68 52.49 24.99
CA TYR A 80 -7.30 52.08 26.34
C TYR A 80 -8.48 52.24 27.30
N GLN A 81 -9.28 53.30 27.13
CA GLN A 81 -10.53 53.41 27.87
C GLN A 81 -11.47 52.28 27.50
N HIS A 82 -11.56 51.96 26.20
CA HIS A 82 -12.43 50.88 25.75
C HIS A 82 -11.97 49.53 26.32
N GLU A 83 -10.67 49.28 26.30
CA GLU A 83 -10.16 48.00 26.79
C GLU A 83 -10.23 47.89 28.30
N GLU A 84 -10.56 48.98 29.01
CA GLU A 84 -10.75 48.93 30.45
C GLU A 84 -12.20 48.65 30.82
N THR A 85 -13.15 49.20 30.07
CA THR A 85 -14.56 48.93 30.31
C THR A 85 -15.01 47.58 29.75
N ILE A 86 -14.15 46.92 28.98
CA ILE A 86 -14.44 45.54 28.58
C ILE A 86 -13.80 44.54 29.53
N TYR A 87 -12.68 44.91 30.17
CA TYR A 87 -12.06 44.03 31.15
C TYR A 87 -12.81 44.03 32.47
N ASN A 88 -13.40 45.17 32.86
CA ASN A 88 -14.16 45.21 34.10
C ASN A 88 -15.31 44.20 34.07
N LEU A 89 -15.96 44.07 32.92
CA LEU A 89 -17.04 43.09 32.80
C LEU A 89 -16.51 41.67 32.90
N LEU A 90 -15.35 41.40 32.29
CA LEU A 90 -14.80 40.06 32.19
C LEU A 90 -13.77 39.74 33.26
N LYS A 91 -13.52 40.65 34.21
CA LYS A 91 -12.48 40.40 35.19
C LYS A 91 -12.86 39.34 36.21
N ASP A 92 -14.14 38.99 36.30
CA ASP A 92 -14.56 37.96 37.24
C ASP A 92 -14.21 36.56 36.73
N CYS A 93 -14.10 36.39 35.41
CA CYS A 93 -13.90 35.06 34.87
C CYS A 93 -12.54 34.50 35.28
N PRO A 94 -12.42 33.18 35.52
CA PRO A 94 -11.09 32.63 35.81
C PRO A 94 -10.22 32.42 34.58
N ALA A 95 -10.75 32.61 33.36
CA ALA A 95 -10.02 32.36 32.13
C ALA A 95 -9.50 33.64 31.48
N VAL A 96 -9.32 34.70 32.27
CA VAL A 96 -8.87 36.00 31.78
C VAL A 96 -7.65 36.38 32.60
N ALA A 97 -6.54 36.66 31.92
CA ALA A 97 -5.33 37.08 32.60
C ALA A 97 -5.54 38.43 33.27
N LYS A 98 -5.06 38.55 34.51
CA LYS A 98 -5.30 39.76 35.29
C LYS A 98 -4.51 40.93 34.70
N HIS A 99 -5.21 41.97 34.30
CA HIS A 99 -4.59 43.16 33.74
C HIS A 99 -4.34 44.19 34.83
N ASP A 100 -3.69 45.28 34.45
CA ASP A 100 -3.38 46.38 35.36
C ASP A 100 -3.19 47.62 34.51
N PHE A 101 -4.09 48.58 34.63
CA PHE A 101 -4.09 49.78 33.81
C PHE A 101 -3.48 50.92 34.61
N PHE A 102 -2.44 51.55 34.07
CA PHE A 102 -1.77 52.63 34.78
C PHE A 102 -1.13 53.58 33.80
N LYS A 103 -1.33 54.87 34.01
CA LYS A 103 -0.75 55.92 33.20
C LYS A 103 0.54 56.39 33.85
N PHE A 104 1.67 56.09 33.22
CA PHE A 104 2.99 56.37 33.76
C PHE A 104 3.63 57.50 32.98
N ARG A 105 4.06 58.54 33.70
CA ARG A 105 4.70 59.69 33.06
C ARG A 105 6.07 59.29 32.54
N ILE A 106 6.25 59.30 31.22
CA ILE A 106 7.46 58.83 30.58
C ILE A 106 8.32 59.98 30.06
N ASP A 107 7.80 60.76 29.11
CA ASP A 107 8.56 61.85 28.51
C ASP A 107 7.96 63.22 28.81
N GLY A 108 6.72 63.46 28.41
CA GLY A 108 6.08 64.73 28.65
C GLY A 108 4.64 64.62 29.11
N ASP A 109 4.08 63.42 29.03
CA ASP A 109 2.67 63.22 29.36
C ASP A 109 2.52 61.84 29.98
N MET A 110 1.30 61.56 30.43
CA MET A 110 0.99 60.32 31.13
C MET A 110 0.40 59.34 30.11
N VAL A 111 1.28 58.77 29.30
CA VAL A 111 0.84 57.81 28.27
C VAL A 111 0.33 56.55 28.96
N PRO A 112 -0.85 56.05 28.61
CA PRO A 112 -1.41 54.89 29.33
C PRO A 112 -0.66 53.60 29.03
N HIS A 113 -0.69 52.70 30.02
CA HIS A 113 -0.08 51.39 29.92
C HIS A 113 -1.08 50.33 30.39
N ILE A 114 -1.02 49.17 29.75
CA ILE A 114 -1.92 48.06 30.04
C ILE A 114 -1.04 46.84 30.30
N SER A 115 -0.65 46.64 31.56
CA SER A 115 0.15 45.48 31.92
C SER A 115 -0.71 44.23 31.99
N ARG A 116 -0.19 43.13 31.45
CA ARG A 116 -0.84 41.84 31.56
C ARG A 116 0.05 40.91 32.37
N GLN A 117 -0.51 40.33 33.43
CA GLN A 117 0.28 39.71 34.48
C GLN A 117 0.36 38.21 34.30
N ARG A 118 1.57 37.67 34.41
CA ARG A 118 1.82 36.23 34.46
C ARG A 118 1.28 35.53 33.21
N LEU A 119 1.86 35.89 32.07
CA LEU A 119 1.64 35.20 30.82
C LEU A 119 2.86 34.35 30.48
N THR A 120 2.63 33.21 29.87
CA THR A 120 3.73 32.38 29.42
C THR A 120 4.50 33.10 28.32
N LYS A 121 5.60 32.49 27.87
CA LYS A 121 6.38 33.12 26.81
C LYS A 121 5.67 33.03 25.46
N TYR A 122 5.11 31.87 25.15
CA TYR A 122 4.41 31.64 23.88
C TYR A 122 2.92 31.53 24.13
N THR A 123 2.16 31.70 23.07
CA THR A 123 0.70 31.61 23.09
C THR A 123 0.27 30.31 22.44
N MET A 124 -1.05 30.13 22.32
CA MET A 124 -1.54 28.95 21.63
C MET A 124 -1.29 29.04 20.14
N ALA A 125 -1.29 30.25 19.58
CA ALA A 125 -1.00 30.43 18.16
C ALA A 125 0.42 30.00 17.85
N ASP A 126 1.36 30.25 18.76
CA ASP A 126 2.73 29.81 18.54
C ASP A 126 2.83 28.30 18.49
N LEU A 127 2.14 27.61 19.40
CA LEU A 127 2.14 26.15 19.37
C LEU A 127 1.53 25.63 18.07
N VAL A 128 0.39 26.20 17.67
CA VAL A 128 -0.28 25.73 16.47
C VAL A 128 0.57 25.99 15.24
N TYR A 129 1.22 27.15 15.18
CA TYR A 129 2.07 27.46 14.03
C TYR A 129 3.31 26.57 14.03
N ALA A 130 3.87 26.29 15.20
CA ALA A 130 5.06 25.44 15.26
C ALA A 130 4.75 24.03 14.80
N LEU A 131 3.58 23.51 15.14
CA LEU A 131 3.26 22.14 14.73
C LEU A 131 2.73 22.07 13.30
N ARG A 132 1.95 23.05 12.86
CA ARG A 132 1.40 23.01 11.50
C ARG A 132 2.45 23.34 10.46
N HIS A 133 3.27 24.35 10.69
CA HIS A 133 4.35 24.73 9.78
C HIS A 133 5.66 24.23 10.38
N PHE A 134 5.94 22.95 10.20
CA PHE A 134 7.07 22.29 10.83
C PHE A 134 8.21 22.14 9.84
N ASP A 135 9.35 22.75 10.15
CA ASP A 135 10.57 22.62 9.36
C ASP A 135 11.68 22.19 10.30
N GLU A 136 12.32 21.07 9.99
CA GLU A 136 13.33 20.52 10.89
C GLU A 136 14.58 21.38 10.99
N GLY A 137 14.75 22.36 10.10
CA GLY A 137 15.92 23.20 10.13
C GLY A 137 15.83 24.36 11.10
N ASN A 138 14.62 24.83 11.37
CA ASN A 138 14.42 25.98 12.24
C ASN A 138 13.23 25.75 13.17
N CYS A 139 13.18 24.58 13.79
CA CYS A 139 12.12 24.25 14.75
C CYS A 139 12.54 24.63 16.17
N ASP A 140 12.97 25.87 16.36
CA ASP A 140 13.43 26.31 17.67
C ASP A 140 12.28 26.54 18.63
N THR A 141 11.19 27.15 18.15
CA THR A 141 10.05 27.41 19.03
C THR A 141 9.42 26.13 19.53
N LEU A 142 9.27 25.13 18.66
CA LEU A 142 8.69 23.87 19.09
C LEU A 142 9.56 23.21 20.15
N LYS A 143 10.88 23.21 19.94
CA LYS A 143 11.77 22.62 20.92
C LYS A 143 11.70 23.36 22.24
N GLU A 144 11.63 24.69 22.20
CA GLU A 144 11.54 25.46 23.44
C GLU A 144 10.24 25.20 24.18
N ILE A 145 9.13 25.09 23.45
CA ILE A 145 7.84 24.77 24.08
C ILE A 145 7.89 23.37 24.69
N LEU A 146 8.47 22.41 23.97
CA LEU A 146 8.57 21.06 24.50
C LEU A 146 9.43 21.01 25.75
N VAL A 147 10.54 21.74 25.77
CA VAL A 147 11.43 21.73 26.93
C VAL A 147 10.79 22.44 28.11
N THR A 148 10.14 23.57 27.86
CA THR A 148 9.66 24.39 28.97
C THR A 148 8.60 23.66 29.79
N TYR A 149 7.72 22.91 29.13
CA TYR A 149 6.62 22.23 29.80
C TYR A 149 6.92 20.76 30.07
N ASN A 150 8.19 20.43 30.26
CA ASN A 150 8.63 19.11 30.72
C ASN A 150 8.16 17.98 29.81
N CYS A 151 7.87 18.28 28.53
CA CYS A 151 7.55 17.21 27.60
C CYS A 151 8.76 16.30 27.40
N CYS A 152 9.95 16.88 27.28
CA CYS A 152 11.17 16.11 27.11
C CYS A 152 12.35 16.96 27.55
N ASP A 153 13.46 16.30 27.85
CA ASP A 153 14.66 17.01 28.26
C ASP A 153 15.30 17.70 27.07
N ASP A 154 16.10 18.74 27.35
CA ASP A 154 16.71 19.52 26.29
C ASP A 154 17.66 18.69 25.43
N ASP A 155 18.19 17.60 25.97
CA ASP A 155 19.09 16.71 25.23
C ASP A 155 18.34 15.67 24.41
N TYR A 156 17.01 15.63 24.50
CA TYR A 156 16.25 14.70 23.69
C TYR A 156 16.39 14.97 22.21
N PHE A 157 16.74 16.20 21.83
CA PHE A 157 16.79 16.61 20.44
C PHE A 157 18.14 16.33 19.78
N ASN A 158 19.07 15.74 20.51
CA ASN A 158 20.31 15.24 19.95
C ASN A 158 20.17 13.84 19.38
N LYS A 159 18.95 13.32 19.34
CA LYS A 159 18.65 11.99 18.85
C LYS A 159 18.64 11.99 17.32
N LYS A 160 18.85 10.83 16.76
CA LYS A 160 18.78 10.70 15.33
C LYS A 160 17.36 10.93 14.93
N ASP A 161 17.05 11.93 14.13
CA ASP A 161 15.74 12.28 13.62
C ASP A 161 14.65 12.08 14.68
N TRP A 162 14.72 12.86 15.76
CA TRP A 162 13.73 12.76 16.82
C TRP A 162 12.33 13.02 16.29
N TYR A 163 12.18 14.04 15.43
CA TYR A 163 10.87 14.45 14.96
C TYR A 163 10.17 13.37 14.15
N ASP A 164 10.93 12.45 13.56
CA ASP A 164 10.35 11.48 12.64
C ASP A 164 9.28 10.65 13.33
N PHE A 165 8.15 10.46 12.66
CA PHE A 165 7.07 9.65 13.18
C PHE A 165 7.28 8.16 12.93
N VAL A 166 8.26 7.79 12.10
CA VAL A 166 8.51 6.41 11.75
C VAL A 166 9.80 5.88 12.37
N GLU A 167 10.87 6.67 12.32
CA GLU A 167 12.13 6.20 12.89
C GLU A 167 12.04 6.02 14.39
N ASN A 168 11.43 6.97 15.09
CA ASN A 168 11.17 6.84 16.53
C ASN A 168 9.73 7.23 16.81
N PRO A 169 8.83 6.26 16.97
CA PRO A 169 7.45 6.60 17.34
C PRO A 169 7.33 7.28 18.69
N ASP A 170 8.38 7.21 19.51
CA ASP A 170 8.31 7.80 20.84
C ASP A 170 8.02 9.30 20.80
N ILE A 171 8.29 9.96 19.67
CA ILE A 171 7.99 11.39 19.59
C ILE A 171 6.51 11.61 19.86
N LEU A 172 5.65 10.69 19.42
CA LEU A 172 4.24 10.80 19.74
C LEU A 172 4.04 10.98 21.25
N ARG A 173 4.67 10.11 22.03
CA ARG A 173 4.60 10.26 23.48
C ARG A 173 5.03 11.65 23.92
N VAL A 174 6.11 12.16 23.35
CA VAL A 174 6.60 13.48 23.74
C VAL A 174 5.57 14.54 23.45
N TYR A 175 4.82 14.40 22.34
CA TYR A 175 3.75 15.33 22.07
C TYR A 175 2.59 15.13 23.04
N ALA A 176 2.30 13.88 23.39
CA ALA A 176 1.12 13.61 24.22
C ALA A 176 1.19 14.29 25.57
N ASN A 177 2.39 14.63 26.05
CA ASN A 177 2.53 15.31 27.32
C ASN A 177 2.04 16.74 27.29
N LEU A 178 1.79 17.31 26.12
CA LEU A 178 1.09 18.58 26.01
C LEU A 178 -0.42 18.42 26.09
N GLY A 179 -0.93 17.20 25.94
CA GLY A 179 -2.36 16.97 25.88
C GLY A 179 -3.13 17.72 26.93
N GLU A 180 -2.90 17.39 28.20
CA GLU A 180 -3.63 18.05 29.27
C GLU A 180 -3.55 19.56 29.12
N ARG A 181 -2.35 20.09 28.90
CA ARG A 181 -2.20 21.52 28.69
C ARG A 181 -3.24 22.00 27.67
N VAL A 182 -3.19 21.45 26.46
CA VAL A 182 -4.13 21.86 25.43
C VAL A 182 -5.55 21.69 25.92
N ARG A 183 -5.85 20.54 26.53
CA ARG A 183 -7.21 20.31 27.01
C ARG A 183 -7.65 21.42 27.96
N GLN A 184 -6.77 21.78 28.89
CA GLN A 184 -7.12 22.86 29.81
C GLN A 184 -7.49 24.12 29.04
N ALA A 185 -6.66 24.48 28.06
CA ALA A 185 -6.97 25.65 27.25
C ALA A 185 -8.39 25.56 26.71
N LEU A 186 -8.74 24.43 26.12
CA LEU A 186 -10.09 24.30 25.55
C LEU A 186 -11.13 24.62 26.61
N LEU A 187 -11.02 24.01 27.79
CA LEU A 187 -11.99 24.28 28.84
C LEU A 187 -12.07 25.78 29.11
N LYS A 188 -10.91 26.42 29.29
CA LYS A 188 -10.93 27.84 29.60
C LYS A 188 -11.59 28.63 28.49
N THR A 189 -11.35 28.25 27.23
CA THR A 189 -12.02 28.94 26.14
C THR A 189 -13.51 28.96 26.38
N VAL A 190 -14.09 27.79 26.67
CA VAL A 190 -15.53 27.74 26.91
C VAL A 190 -15.90 28.70 28.02
N GLN A 191 -15.16 28.65 29.14
CA GLN A 191 -15.44 29.59 30.23
C GLN A 191 -15.47 31.01 29.68
N PHE A 192 -14.42 31.39 28.97
CA PHE A 192 -14.34 32.74 28.46
C PHE A 192 -15.57 33.06 27.62
N CYS A 193 -15.93 32.16 26.71
CA CYS A 193 -17.09 32.41 25.88
C CYS A 193 -18.31 32.69 26.75
N ASP A 194 -18.57 31.83 27.73
CA ASP A 194 -19.71 32.04 28.60
C ASP A 194 -19.64 33.43 29.22
N ALA A 195 -18.47 33.81 29.72
CA ALA A 195 -18.32 35.15 30.29
C ALA A 195 -18.74 36.20 29.29
N MET A 196 -18.18 36.17 28.08
CA MET A 196 -18.49 37.21 27.13
C MET A 196 -19.88 37.08 26.55
N ARG A 197 -20.60 36.00 26.88
CA ARG A 197 -22.02 35.96 26.58
C ARG A 197 -22.87 36.50 27.72
N ASN A 198 -22.42 36.30 28.97
CA ASN A 198 -23.19 36.81 30.10
C ASN A 198 -23.13 38.32 30.16
N ALA A 199 -21.99 38.90 29.82
CA ALA A 199 -21.81 40.34 29.81
C ALA A 199 -22.26 40.98 28.50
N GLY A 200 -22.64 40.19 27.51
CA GLY A 200 -23.10 40.72 26.24
C GLY A 200 -21.97 41.38 25.47
N ILE A 201 -20.95 40.61 25.13
CA ILE A 201 -19.74 41.13 24.47
C ILE A 201 -19.57 40.36 23.16
N VAL A 202 -19.56 41.09 22.06
CA VAL A 202 -19.43 40.52 20.72
C VAL A 202 -17.97 40.66 20.30
N GLY A 203 -17.32 39.53 20.02
CA GLY A 203 -15.91 39.58 19.67
C GLY A 203 -15.48 38.31 19.00
N VAL A 204 -14.25 38.35 18.47
CA VAL A 204 -13.65 37.23 17.76
C VAL A 204 -12.53 36.67 18.61
N LEU A 205 -12.59 35.37 18.90
CA LEU A 205 -11.54 34.69 19.65
C LEU A 205 -10.49 34.21 18.66
N THR A 206 -9.24 34.59 18.88
CA THR A 206 -8.12 34.15 18.07
C THR A 206 -7.12 33.41 18.94
N LEU A 207 -6.33 32.55 18.30
CA LEU A 207 -5.39 31.73 19.05
C LEU A 207 -4.34 32.59 19.73
N ASP A 208 -3.88 33.64 19.06
CA ASP A 208 -2.74 34.41 19.57
C ASP A 208 -3.08 35.28 20.77
N ASN A 209 -4.29 35.20 21.31
CA ASN A 209 -4.68 35.92 22.52
C ASN A 209 -4.97 34.94 23.66
N GLN A 210 -4.19 33.86 23.74
CA GLN A 210 -4.39 32.85 24.76
C GLN A 210 -3.03 32.23 25.05
N ASP A 211 -2.42 32.61 26.18
CA ASP A 211 -1.13 32.03 26.52
C ASP A 211 -1.27 30.53 26.70
N LEU A 212 -0.15 29.85 26.89
CA LEU A 212 -0.19 28.40 27.04
C LEU A 212 -0.56 28.03 28.47
N ASN A 213 -1.62 28.68 28.98
CA ASN A 213 -2.31 28.26 30.18
C ASN A 213 -3.82 28.37 30.02
N GLY A 214 -4.29 28.87 28.87
CA GLY A 214 -5.69 29.08 28.62
C GLY A 214 -6.16 30.50 28.84
N ASN A 215 -5.42 31.30 29.59
CA ASN A 215 -5.87 32.64 29.93
C ASN A 215 -5.95 33.53 28.70
N TRP A 216 -7.02 34.32 28.61
CA TRP A 216 -7.25 35.25 27.52
C TRP A 216 -6.93 36.66 27.98
N TYR A 217 -6.28 37.45 27.10
CA TYR A 217 -5.74 38.73 27.55
C TYR A 217 -5.86 39.88 26.56
N ASP A 218 -6.60 39.75 25.47
CA ASP A 218 -6.77 40.85 24.54
C ASP A 218 -8.25 41.11 24.30
N PHE A 219 -8.66 42.36 24.50
CA PHE A 219 -10.05 42.79 24.33
C PHE A 219 -10.10 44.05 23.48
N GLY A 220 -9.35 44.06 22.38
CA GLY A 220 -9.28 45.22 21.54
C GLY A 220 -10.51 45.41 20.66
N ASP A 221 -10.92 44.34 19.98
CA ASP A 221 -12.03 44.39 19.04
C ASP A 221 -13.31 43.78 19.60
N PHE A 222 -13.56 43.97 20.89
CA PHE A 222 -14.79 43.50 21.52
C PHE A 222 -15.74 44.68 21.69
N ILE A 223 -16.93 44.55 21.11
CA ILE A 223 -17.97 45.56 21.24
C ILE A 223 -19.01 45.05 22.23
N GLN A 224 -19.48 45.94 23.09
CA GLN A 224 -20.40 45.58 24.17
C GLN A 224 -21.83 45.74 23.69
N THR A 225 -22.56 44.63 23.63
CA THR A 225 -23.97 44.61 23.26
C THR A 225 -24.83 44.47 24.52
N THR A 226 -26.13 44.26 24.33
CA THR A 226 -27.02 44.14 25.47
C THR A 226 -26.65 42.91 26.29
N PRO A 227 -26.60 43.02 27.62
CA PRO A 227 -26.14 41.88 28.43
C PRO A 227 -26.94 40.62 28.16
N GLY A 228 -26.24 39.50 28.14
CA GLY A 228 -26.86 38.20 27.97
C GLY A 228 -26.93 37.70 26.55
N SER A 229 -26.57 38.52 25.56
CA SER A 229 -26.69 38.14 24.16
C SER A 229 -25.45 38.54 23.36
N GLY A 230 -24.27 38.28 23.94
CA GLY A 230 -23.03 38.47 23.22
C GLY A 230 -22.60 37.17 22.56
N VAL A 231 -22.14 37.28 21.32
CA VAL A 231 -21.84 36.09 20.51
C VAL A 231 -20.32 36.03 20.32
N PRO A 232 -19.64 35.03 20.88
CA PRO A 232 -18.25 34.78 20.50
C PRO A 232 -18.16 34.17 19.10
N VAL A 233 -17.04 34.46 18.43
CA VAL A 233 -16.78 33.94 17.09
C VAL A 233 -15.54 33.05 17.20
N VAL A 234 -15.73 31.74 17.02
CA VAL A 234 -14.69 30.77 17.33
C VAL A 234 -14.45 29.83 16.15
N ASP A 235 -14.61 30.33 14.93
CA ASP A 235 -14.35 29.50 13.76
C ASP A 235 -12.86 29.29 13.55
N SER A 236 -12.11 30.37 13.41
CA SER A 236 -10.68 30.26 13.18
C SER A 236 -9.98 29.65 14.39
N TYR A 237 -10.40 30.00 15.60
CA TYR A 237 -9.81 29.43 16.81
C TYR A 237 -9.87 27.91 16.76
N TYR A 238 -11.09 27.36 16.76
CA TYR A 238 -11.23 25.92 16.83
C TYR A 238 -10.67 25.24 15.58
N SER A 239 -10.89 25.82 14.40
CA SER A 239 -10.44 25.18 13.17
C SER A 239 -8.93 25.08 13.11
N LEU A 240 -8.22 26.17 13.36
CA LEU A 240 -6.76 26.13 13.29
C LEU A 240 -6.17 25.20 14.34
N LEU A 241 -6.88 24.98 15.44
CA LEU A 241 -6.41 24.18 16.55
C LEU A 241 -6.73 22.70 16.39
N MET A 242 -7.54 22.32 15.41
CA MET A 242 -8.03 20.94 15.34
C MET A 242 -6.92 19.91 15.19
N PRO A 243 -5.98 20.05 14.24
CA PRO A 243 -4.97 18.99 14.09
C PRO A 243 -4.12 18.77 15.32
N ILE A 244 -4.07 19.74 16.24
CA ILE A 244 -3.30 19.60 17.47
C ILE A 244 -4.05 18.85 18.55
N LEU A 245 -5.35 18.64 18.39
CA LEU A 245 -6.12 17.95 19.43
C LEU A 245 -5.91 16.45 19.40
N THR A 246 -5.63 15.88 18.23
CA THR A 246 -5.33 14.46 18.10
C THR A 246 -3.85 14.17 18.04
N LEU A 247 -3.06 15.05 17.43
CA LEU A 247 -1.61 14.88 17.47
C LEU A 247 -1.13 14.88 18.91
N THR A 248 -1.68 15.77 19.73
CA THR A 248 -1.35 15.86 21.15
C THR A 248 -2.17 14.92 22.01
N ARG A 249 -3.20 14.26 21.47
CA ARG A 249 -4.08 13.40 22.25
C ARG A 249 -4.61 14.15 23.47
N ALA A 250 -5.38 15.20 23.19
CA ALA A 250 -5.85 16.08 24.26
C ALA A 250 -6.91 15.40 25.11
N LEU A 251 -7.87 14.72 24.49
CA LEU A 251 -8.99 14.12 25.22
C LEU A 251 -8.64 12.79 25.87
N THR A 252 -7.34 12.46 25.99
CA THR A 252 -6.95 11.24 26.66
C THR A 252 -7.33 11.24 28.14
N ALA A 253 -7.62 12.40 28.70
CA ALA A 253 -8.08 12.49 30.08
C ALA A 253 -9.57 12.23 30.22
N GLU A 254 -10.29 12.05 29.12
CA GLU A 254 -11.70 11.71 29.17
C GLU A 254 -11.94 10.24 29.44
N SER A 255 -10.89 9.42 29.40
CA SER A 255 -11.01 7.99 29.63
C SER A 255 -10.87 7.62 31.10
N HIS A 256 -10.62 8.58 31.98
CA HIS A 256 -10.44 8.34 33.40
C HIS A 256 -11.65 8.81 34.18
N VAL A 257 -11.96 8.11 35.27
CA VAL A 257 -13.13 8.46 36.07
C VAL A 257 -12.94 9.85 36.66
N ASP A 258 -13.99 10.67 36.57
CA ASP A 258 -13.98 12.06 36.99
C ASP A 258 -13.01 12.92 36.18
N THR A 259 -12.53 12.41 35.05
CA THR A 259 -11.73 13.18 34.10
C THR A 259 -10.49 13.76 34.76
N ASP A 260 -9.61 12.86 35.19
CA ASP A 260 -8.29 13.25 35.67
C ASP A 260 -7.35 12.07 35.52
N LEU A 261 -6.09 12.37 35.21
CA LEU A 261 -5.12 11.33 34.89
C LEU A 261 -4.61 10.60 36.12
N THR A 262 -5.01 10.99 37.32
CA THR A 262 -4.58 10.33 38.54
C THR A 262 -5.56 9.27 39.02
N LYS A 263 -6.58 8.97 38.23
CA LYS A 263 -7.60 7.99 38.59
C LYS A 263 -7.68 6.90 37.51
N PRO A 264 -8.22 5.74 37.84
CA PRO A 264 -8.20 4.62 36.89
C PRO A 264 -9.21 4.80 35.78
N TYR A 265 -9.00 4.03 34.71
CA TYR A 265 -9.87 4.12 33.55
C TYR A 265 -11.30 3.76 33.91
N ILE A 266 -12.25 4.44 33.26
CA ILE A 266 -13.65 4.10 33.42
C ILE A 266 -13.91 2.74 32.78
N LYS A 267 -14.56 1.85 33.53
CA LYS A 267 -14.86 0.51 33.04
C LYS A 267 -16.12 0.59 32.20
N TRP A 268 -15.94 0.84 30.91
CA TRP A 268 -17.08 0.94 30.01
C TRP A 268 -17.76 -0.43 29.88
N ASP A 269 -19.10 -0.41 29.83
CA ASP A 269 -19.84 -1.63 29.64
C ASP A 269 -19.53 -2.21 28.27
N LEU A 270 -19.40 -3.55 28.21
CA LEU A 270 -19.02 -4.19 26.95
C LEU A 270 -20.18 -4.20 25.97
N LEU A 271 -21.40 -4.44 26.44
CA LEU A 271 -22.55 -4.53 25.56
C LEU A 271 -22.96 -3.17 25.00
N LYS A 272 -22.37 -2.08 25.48
CA LYS A 272 -22.75 -0.74 25.05
C LYS A 272 -22.06 -0.39 23.74
N TYR A 273 -22.84 -0.07 22.73
CA TYR A 273 -22.33 0.38 21.44
C TYR A 273 -22.79 1.77 21.05
N ASP A 274 -23.90 2.26 21.62
CA ASP A 274 -24.45 3.55 21.26
C ASP A 274 -23.90 4.59 22.23
N PHE A 275 -22.93 5.37 21.76
CA PHE A 275 -22.32 6.44 22.54
C PHE A 275 -22.77 7.81 22.09
N THR A 276 -24.00 7.92 21.58
CA THR A 276 -24.49 9.20 21.09
C THR A 276 -24.52 10.24 22.20
N GLU A 277 -24.99 9.86 23.39
CA GLU A 277 -25.09 10.81 24.48
C GLU A 277 -23.72 11.24 24.98
N GLU A 278 -22.76 10.30 25.02
CA GLU A 278 -21.41 10.66 25.39
C GLU A 278 -20.78 11.61 24.38
N ARG A 279 -21.02 11.38 23.08
CA ARG A 279 -20.51 12.28 22.07
C ARG A 279 -21.10 13.68 22.21
N LEU A 280 -22.40 13.77 22.45
CA LEU A 280 -23.01 15.07 22.65
C LEU A 280 -22.48 15.76 23.89
N LYS A 281 -22.27 15.00 24.97
CA LYS A 281 -21.69 15.57 26.18
C LYS A 281 -20.31 16.13 25.92
N LEU A 282 -19.47 15.37 25.22
CA LEU A 282 -18.12 15.86 24.92
C LEU A 282 -18.16 17.11 24.05
N PHE A 283 -19.04 17.11 23.03
CA PHE A 283 -19.15 18.29 22.17
C PHE A 283 -19.55 19.51 22.98
N ASP A 284 -20.63 19.42 23.75
CA ASP A 284 -21.06 20.55 24.56
C ASP A 284 -20.09 20.87 25.69
N ARG A 285 -19.15 19.98 25.98
CA ARG A 285 -18.16 20.23 27.02
C ARG A 285 -16.98 21.04 26.49
N TYR A 286 -16.47 20.68 25.30
CA TYR A 286 -15.30 21.34 24.76
C TYR A 286 -15.60 22.31 23.62
N PHE A 287 -16.61 22.04 22.81
CA PHE A 287 -16.92 22.86 21.64
C PHE A 287 -18.29 23.48 21.78
N LYS A 288 -18.58 24.07 22.94
CA LYS A 288 -19.93 24.54 23.21
C LYS A 288 -20.38 25.60 22.20
N TYR A 289 -19.50 26.55 21.89
CA TYR A 289 -19.87 27.68 21.04
C TYR A 289 -19.43 27.52 19.60
N TRP A 290 -19.29 26.28 19.13
CA TRP A 290 -19.17 26.01 17.71
C TRP A 290 -20.56 26.06 17.09
N ASP A 291 -20.74 26.93 16.09
CA ASP A 291 -22.09 27.27 15.65
C ASP A 291 -22.75 26.13 14.89
N GLN A 292 -22.03 25.48 13.99
CA GLN A 292 -22.65 24.52 13.10
C GLN A 292 -23.15 23.30 13.87
N THR A 293 -24.29 22.77 13.44
CA THR A 293 -24.93 21.67 14.15
C THR A 293 -24.16 20.38 13.93
N TYR A 294 -24.03 19.59 14.99
CA TYR A 294 -23.23 18.37 15.00
C TYR A 294 -24.15 17.17 15.14
N HIS A 295 -24.06 16.24 14.18
CA HIS A 295 -24.84 15.02 14.20
C HIS A 295 -23.94 13.88 14.63
N PRO A 296 -24.12 13.31 15.83
CA PRO A 296 -23.21 12.22 16.23
C PRO A 296 -23.20 11.06 15.26
N ASN A 297 -24.37 10.70 14.72
CA ASN A 297 -24.49 9.66 13.71
C ASN A 297 -24.66 10.33 12.36
N CYS A 298 -23.73 10.09 11.45
CA CYS A 298 -23.80 10.73 10.15
C CYS A 298 -24.87 10.17 9.27
N VAL A 299 -25.74 9.31 9.79
CA VAL A 299 -26.92 8.91 9.02
C VAL A 299 -27.81 10.11 8.79
N ASN A 300 -27.87 11.01 9.76
CA ASN A 300 -28.74 12.18 9.73
C ASN A 300 -28.11 13.38 9.02
N CYS A 301 -26.85 13.28 8.61
CA CYS A 301 -26.18 14.41 8.00
C CYS A 301 -26.87 14.80 6.68
N LEU A 302 -26.78 16.08 6.35
CA LEU A 302 -27.52 16.61 5.21
C LEU A 302 -26.86 16.25 3.89
N ASP A 303 -25.60 16.65 3.68
CA ASP A 303 -24.91 16.43 2.42
C ASP A 303 -23.48 15.99 2.74
N ASP A 304 -22.65 15.94 1.69
CA ASP A 304 -21.26 15.53 1.87
C ASP A 304 -20.50 16.50 2.77
N ARG A 305 -20.70 17.80 2.57
CA ARG A 305 -20.03 18.81 3.37
C ARG A 305 -20.49 18.79 4.82
N CYS A 306 -21.59 18.11 5.13
CA CYS A 306 -21.98 17.89 6.51
C CYS A 306 -21.46 16.56 7.04
N ILE A 307 -21.37 15.53 6.20
CA ILE A 307 -20.76 14.28 6.65
C ILE A 307 -19.31 14.51 7.04
N LEU A 308 -18.57 15.26 6.21
CA LEU A 308 -17.18 15.54 6.56
C LEU A 308 -17.08 16.31 7.86
N HIS A 309 -17.91 17.35 8.02
CA HIS A 309 -17.85 18.17 9.21
C HIS A 309 -18.16 17.37 10.46
N CYS A 310 -19.19 16.53 10.40
CA CYS A 310 -19.62 15.79 11.58
C CYS A 310 -18.83 14.51 11.81
N ALA A 311 -18.03 14.06 10.85
CA ALA A 311 -17.11 12.95 11.06
C ALA A 311 -15.75 13.42 11.54
N ASN A 312 -15.37 14.65 11.21
CA ASN A 312 -14.15 15.22 11.74
C ASN A 312 -14.20 15.36 13.25
N PHE A 313 -15.40 15.36 13.83
CA PHE A 313 -15.56 15.35 15.29
C PHE A 313 -15.64 13.94 15.84
N ASN A 314 -16.25 13.03 15.09
CA ASN A 314 -16.33 11.64 15.54
C ASN A 314 -14.96 11.00 15.58
N VAL A 315 -14.05 11.38 14.68
CA VAL A 315 -12.70 10.84 14.74
C VAL A 315 -12.04 11.21 16.06
N LEU A 316 -12.36 12.38 16.62
CA LEU A 316 -11.79 12.79 17.89
C LEU A 316 -12.52 12.15 19.07
N PHE A 317 -13.85 12.13 19.02
CA PHE A 317 -14.61 11.60 20.14
C PHE A 317 -14.57 10.09 20.23
N SER A 318 -14.18 9.40 19.17
CA SER A 318 -14.10 7.95 19.20
C SER A 318 -12.82 7.42 19.82
N THR A 319 -11.86 8.30 20.09
CA THR A 319 -10.65 7.91 20.80
C THR A 319 -10.87 7.80 22.30
N VAL A 320 -12.05 8.21 22.79
CA VAL A 320 -12.36 8.16 24.20
C VAL A 320 -13.08 6.88 24.58
N PHE A 321 -13.71 6.21 23.62
CA PHE A 321 -14.56 5.06 23.87
C PHE A 321 -13.80 3.77 23.61
N PRO A 322 -14.23 2.65 24.20
CA PRO A 322 -13.45 1.43 24.10
C PRO A 322 -13.42 0.92 22.67
N PRO A 323 -12.35 0.23 22.27
CA PRO A 323 -12.24 -0.23 20.88
C PRO A 323 -12.97 -1.51 20.58
N THR A 324 -13.60 -2.15 21.56
CA THR A 324 -14.42 -3.32 21.33
C THR A 324 -15.84 -2.97 20.92
N SER A 325 -16.22 -1.69 21.01
CA SER A 325 -17.56 -1.25 20.64
C SER A 325 -17.67 -0.84 19.19
N PHE A 326 -16.56 -0.72 18.46
CA PHE A 326 -16.55 -0.30 17.07
C PHE A 326 -16.46 -1.52 16.18
N GLY A 327 -17.56 -1.88 15.54
CA GLY A 327 -17.59 -3.03 14.68
C GLY A 327 -19.01 -3.45 14.36
N PRO A 328 -19.16 -4.47 13.52
CA PRO A 328 -20.50 -4.87 13.09
C PRO A 328 -21.38 -5.24 14.27
N LEU A 329 -22.47 -4.49 14.44
CA LEU A 329 -23.46 -4.83 15.45
C LEU A 329 -24.14 -6.14 15.06
N VAL A 330 -24.27 -7.04 16.02
CA VAL A 330 -24.63 -8.43 15.76
C VAL A 330 -25.95 -8.74 16.44
N ARG A 331 -26.89 -9.30 15.68
CA ARG A 331 -28.21 -9.62 16.16
C ARG A 331 -28.57 -11.04 15.77
N LYS A 332 -29.36 -11.70 16.61
CA LYS A 332 -29.73 -13.10 16.40
C LYS A 332 -31.00 -13.16 15.58
N ILE A 333 -30.92 -13.69 14.37
CA ILE A 333 -32.07 -13.85 13.50
C ILE A 333 -32.36 -15.33 13.33
N PHE A 334 -33.62 -15.64 13.05
CA PHE A 334 -34.07 -17.00 12.82
C PHE A 334 -34.38 -17.19 11.34
N VAL A 335 -33.84 -18.25 10.76
CA VAL A 335 -34.11 -18.59 9.36
C VAL A 335 -34.62 -20.02 9.34
N ASP A 336 -35.93 -20.18 9.18
CA ASP A 336 -36.59 -21.48 9.17
C ASP A 336 -36.58 -22.15 10.54
N GLY A 337 -36.32 -21.39 11.60
CA GLY A 337 -36.27 -21.91 12.95
C GLY A 337 -34.88 -22.10 13.50
N VAL A 338 -33.85 -22.03 12.67
CA VAL A 338 -32.47 -22.19 13.10
C VAL A 338 -31.90 -20.79 13.35
N PRO A 339 -31.54 -20.43 14.59
CA PRO A 339 -31.12 -19.06 14.89
C PRO A 339 -29.70 -18.77 14.43
N PHE A 340 -29.56 -17.86 13.48
CA PHE A 340 -28.28 -17.39 13.02
C PHE A 340 -27.79 -16.26 13.93
N VAL A 341 -26.58 -15.76 13.66
CA VAL A 341 -26.06 -14.58 14.31
C VAL A 341 -25.47 -13.68 13.25
N VAL A 342 -26.27 -12.74 12.74
CA VAL A 342 -25.91 -11.96 11.57
C VAL A 342 -25.71 -10.51 11.97
N SER A 343 -24.93 -9.79 11.17
CA SER A 343 -24.68 -8.38 11.41
C SER A 343 -25.84 -7.55 10.90
N THR A 344 -26.38 -6.70 11.76
CA THR A 344 -27.49 -5.82 11.42
C THR A 344 -27.17 -4.39 11.82
N GLY A 345 -25.98 -3.93 11.44
CA GLY A 345 -25.59 -2.56 11.72
C GLY A 345 -24.07 -2.43 11.64
N TYR A 346 -23.59 -1.36 12.26
CA TYR A 346 -22.17 -1.07 12.33
C TYR A 346 -21.99 0.16 13.20
N HIS A 347 -20.83 0.27 13.84
CA HIS A 347 -20.51 1.42 14.68
C HIS A 347 -19.18 1.97 14.18
N PHE A 348 -19.26 2.86 13.20
CA PHE A 348 -18.05 3.45 12.63
C PHE A 348 -17.46 4.48 13.59
N ARG A 349 -16.13 4.43 13.73
CA ARG A 349 -15.45 5.42 14.56
C ARG A 349 -15.74 6.83 14.06
N GLU A 350 -15.99 6.98 12.76
CA GLU A 350 -16.26 8.27 12.15
C GLU A 350 -17.75 8.51 11.92
N LEU A 351 -18.43 7.55 11.31
CA LEU A 351 -19.82 7.73 10.90
C LEU A 351 -20.82 7.36 11.99
N GLY A 352 -20.39 6.99 13.19
CA GLY A 352 -21.35 6.71 14.23
C GLY A 352 -22.08 5.40 14.00
N VAL A 353 -23.26 5.29 14.60
CA VAL A 353 -24.04 4.06 14.56
C VAL A 353 -24.91 4.07 13.31
N VAL A 354 -24.82 3.00 12.51
CA VAL A 354 -25.61 2.82 11.31
C VAL A 354 -26.37 1.51 11.47
N HIS A 355 -27.68 1.56 11.27
CA HIS A 355 -28.53 0.38 11.40
C HIS A 355 -29.08 0.01 10.03
N ASN A 356 -28.91 -1.25 9.65
CA ASN A 356 -29.49 -1.74 8.40
C ASN A 356 -30.99 -1.48 8.40
N GLN A 357 -31.50 -1.01 7.28
CA GLN A 357 -32.90 -0.62 7.20
C GLN A 357 -33.81 -1.83 7.12
N ASP A 358 -33.63 -2.66 6.09
CA ASP A 358 -34.52 -3.80 5.86
C ASP A 358 -33.86 -5.07 6.40
N VAL A 359 -33.91 -5.21 7.72
CA VAL A 359 -33.49 -6.43 8.40
C VAL A 359 -34.73 -7.29 8.62
N ASN A 360 -34.69 -8.52 8.10
CA ASN A 360 -35.83 -9.43 8.14
C ASN A 360 -35.44 -10.64 8.99
N LEU A 361 -35.66 -10.54 10.29
CA LEU A 361 -35.59 -11.72 11.14
C LEU A 361 -36.82 -12.58 10.96
N HIS A 362 -36.69 -13.86 11.26
CA HIS A 362 -37.73 -14.85 10.97
C HIS A 362 -38.00 -14.92 9.46
N SER A 363 -36.97 -15.31 8.71
CA SER A 363 -37.11 -15.62 7.30
C SER A 363 -37.37 -17.12 7.13
N SER A 364 -37.47 -17.56 5.89
CA SER A 364 -37.82 -18.95 5.60
C SER A 364 -36.75 -19.70 4.85
N ARG A 365 -36.20 -19.13 3.77
CA ARG A 365 -35.19 -19.80 2.98
C ARG A 365 -34.10 -18.79 2.63
N LEU A 366 -32.91 -19.31 2.35
CA LEU A 366 -31.74 -18.50 2.03
C LEU A 366 -31.46 -18.61 0.54
N SER A 367 -31.59 -17.50 -0.17
CA SER A 367 -31.25 -17.45 -1.58
C SER A 367 -29.74 -17.27 -1.74
N PHE A 368 -29.26 -17.50 -2.96
CA PHE A 368 -27.82 -17.43 -3.21
C PHE A 368 -27.25 -16.08 -2.79
N LYS A 369 -27.99 -15.00 -3.04
CA LYS A 369 -27.56 -13.68 -2.58
C LYS A 369 -27.45 -13.64 -1.06
N GLU A 370 -28.45 -14.19 -0.38
CA GLU A 370 -28.44 -14.15 1.09
C GLU A 370 -27.36 -15.06 1.66
N LEU A 371 -27.10 -16.19 1.01
CA LEU A 371 -25.97 -17.02 1.43
C LEU A 371 -24.66 -16.29 1.25
N LEU A 372 -24.50 -15.56 0.14
CA LEU A 372 -23.29 -14.76 -0.05
C LEU A 372 -23.15 -13.72 1.05
N VAL A 373 -24.24 -13.03 1.36
CA VAL A 373 -24.17 -11.99 2.38
C VAL A 373 -23.85 -12.57 3.75
N TYR A 374 -24.45 -13.71 4.09
CA TYR A 374 -24.24 -14.29 5.41
C TYR A 374 -22.87 -14.95 5.53
N ALA A 375 -22.31 -15.45 4.43
CA ALA A 375 -21.00 -16.06 4.47
C ALA A 375 -19.88 -15.06 4.24
N ALA A 376 -20.20 -13.82 3.84
CA ALA A 376 -19.17 -12.81 3.67
C ALA A 376 -18.84 -12.09 4.96
N ASP A 377 -19.85 -11.73 5.75
CA ASP A 377 -19.63 -10.93 6.94
C ASP A 377 -18.96 -11.76 8.03
N PRO A 378 -18.24 -11.11 8.94
CA PRO A 378 -17.52 -11.85 9.99
C PRO A 378 -18.33 -12.21 11.21
N ALA A 379 -19.65 -12.08 11.17
CA ALA A 379 -20.46 -12.39 12.36
C ALA A 379 -20.30 -13.84 12.76
N MET A 380 -20.66 -14.76 11.86
CA MET A 380 -20.54 -16.18 12.19
C MET A 380 -19.09 -16.60 12.38
N HIS A 381 -18.19 -16.08 11.55
CA HIS A 381 -16.79 -16.49 11.63
C HIS A 381 -16.18 -16.10 12.98
N ALA A 382 -16.32 -14.84 13.36
CA ALA A 382 -15.73 -14.38 14.62
C ALA A 382 -16.49 -14.93 15.82
N ALA A 383 -17.81 -15.06 15.70
CA ALA A 383 -18.60 -15.58 16.81
C ALA A 383 -18.25 -17.03 17.11
N SER A 384 -18.07 -17.86 16.08
CA SER A 384 -17.79 -19.26 16.28
C SER A 384 -16.32 -19.54 16.56
N GLY A 385 -15.41 -18.65 16.17
CA GLY A 385 -14.01 -18.84 16.45
C GLY A 385 -13.68 -18.63 17.90
N ASN A 386 -12.47 -19.03 18.27
CA ASN A 386 -12.03 -18.97 19.66
C ASN A 386 -11.16 -17.75 19.88
N LEU A 387 -11.24 -17.19 21.08
CA LEU A 387 -10.59 -15.93 21.38
C LEU A 387 -9.12 -15.97 21.00
N LEU A 388 -8.56 -14.80 20.69
CA LEU A 388 -7.18 -14.68 20.27
C LEU A 388 -6.56 -13.48 20.96
N LEU A 389 -5.30 -13.63 21.39
CA LEU A 389 -4.50 -12.54 21.92
C LEU A 389 -3.13 -12.62 21.23
N ASP A 390 -3.00 -11.97 20.09
CA ASP A 390 -1.77 -12.01 19.31
C ASP A 390 -0.87 -10.88 19.78
N LYS A 391 0.24 -11.23 20.42
CA LYS A 391 1.18 -10.25 20.94
C LYS A 391 2.19 -9.79 19.91
N ARG A 392 2.22 -10.42 18.72
CA ARG A 392 3.13 -9.97 17.68
C ARG A 392 2.80 -8.56 17.21
N THR A 393 1.51 -8.27 17.06
CA THR A 393 1.04 -6.99 16.55
C THR A 393 0.48 -6.13 17.67
N THR A 394 0.16 -4.89 17.33
CA THR A 394 -0.58 -3.99 18.20
C THR A 394 -2.05 -3.86 17.80
N CYS A 395 -2.41 -4.32 16.62
CA CYS A 395 -3.79 -4.21 16.16
C CYS A 395 -4.71 -5.09 16.98
N PHE A 396 -5.90 -4.59 17.25
CA PHE A 396 -6.88 -5.37 18.01
C PHE A 396 -7.20 -6.66 17.26
N SER A 397 -7.07 -7.78 17.96
CA SER A 397 -7.32 -9.10 17.39
C SER A 397 -8.65 -9.63 17.90
N VAL A 398 -9.49 -10.10 16.99
CA VAL A 398 -10.85 -10.47 17.34
C VAL A 398 -10.90 -11.95 17.74
N ALA A 399 -10.57 -12.84 16.80
CA ALA A 399 -10.70 -14.26 17.06
C ALA A 399 -9.79 -15.03 16.11
N ALA A 400 -9.51 -16.28 16.48
CA ALA A 400 -8.73 -17.19 15.66
C ALA A 400 -9.66 -18.22 15.05
N LEU A 401 -9.61 -18.36 13.73
CA LEU A 401 -10.53 -19.24 13.03
C LEU A 401 -10.07 -20.70 13.04
N THR A 402 -8.86 -20.98 13.54
CA THR A 402 -8.32 -22.32 13.54
C THR A 402 -7.61 -22.57 14.86
N ASN A 403 -7.30 -23.83 15.11
CA ASN A 403 -6.58 -24.20 16.33
C ASN A 403 -5.06 -24.03 16.21
N ASN A 404 -4.56 -23.64 15.04
CA ASN A 404 -3.14 -23.44 14.83
C ASN A 404 -2.92 -22.16 14.05
N VAL A 405 -1.87 -21.43 14.40
CA VAL A 405 -1.48 -20.23 13.66
C VAL A 405 -0.76 -20.66 12.39
N ALA A 406 -1.05 -19.97 11.30
CA ALA A 406 -0.45 -20.26 10.00
C ALA A 406 0.68 -19.28 9.74
N PHE A 407 1.88 -19.80 9.51
CA PHE A 407 3.05 -19.00 9.22
C PHE A 407 3.40 -19.17 7.75
N GLN A 408 3.53 -18.05 7.04
CA GLN A 408 3.78 -18.06 5.60
C GLN A 408 5.13 -17.39 5.34
N THR A 409 5.98 -18.09 4.59
CA THR A 409 7.31 -17.62 4.27
C THR A 409 7.36 -17.10 2.84
N VAL A 410 8.52 -16.56 2.46
CA VAL A 410 8.76 -16.07 1.10
C VAL A 410 10.00 -16.76 0.57
N LYS A 411 9.90 -17.27 -0.65
CA LYS A 411 10.98 -18.07 -1.22
C LYS A 411 12.07 -17.18 -1.82
N PRO A 412 13.31 -17.68 -1.86
CA PRO A 412 14.44 -16.82 -2.30
C PRO A 412 14.31 -16.31 -3.72
N GLY A 413 13.72 -17.07 -4.64
CA GLY A 413 13.66 -16.66 -6.03
C GLY A 413 14.74 -17.31 -6.87
N ASN A 414 14.37 -17.79 -8.06
CA ASN A 414 15.26 -18.62 -8.85
C ASN A 414 16.29 -17.76 -9.58
N PHE A 415 17.37 -18.42 -10.00
CA PHE A 415 18.51 -17.78 -10.61
C PHE A 415 18.68 -18.29 -12.04
N ASN A 416 18.72 -17.36 -12.99
CA ASN A 416 18.84 -17.70 -14.41
C ASN A 416 20.32 -17.67 -14.76
N LYS A 417 21.00 -18.80 -14.56
CA LYS A 417 22.46 -18.82 -14.67
C LYS A 417 22.92 -18.61 -16.11
N ASP A 418 22.11 -19.01 -17.10
CA ASP A 418 22.52 -18.83 -18.49
C ASP A 418 22.63 -17.35 -18.84
N PHE A 419 21.62 -16.57 -18.49
CA PHE A 419 21.66 -15.14 -18.80
C PHE A 419 22.79 -14.46 -18.02
N TYR A 420 23.00 -14.84 -16.76
CA TYR A 420 24.09 -14.24 -16.00
C TYR A 420 25.44 -14.55 -16.63
N ASP A 421 25.65 -15.81 -17.03
CA ASP A 421 26.91 -16.16 -17.69
C ASP A 421 27.09 -15.38 -18.98
N PHE A 422 26.03 -15.25 -19.76
CA PHE A 422 26.11 -14.49 -21.00
C PHE A 422 26.48 -13.03 -20.71
N ALA A 423 25.79 -12.41 -19.77
CA ALA A 423 26.06 -11.02 -19.43
C ALA A 423 27.49 -10.83 -18.96
N VAL A 424 27.99 -11.78 -18.16
CA VAL A 424 29.37 -11.70 -17.70
C VAL A 424 30.33 -11.82 -18.87
N SER A 425 30.02 -12.69 -19.83
CA SER A 425 30.88 -12.82 -21.00
C SER A 425 30.85 -11.55 -21.84
N LYS A 426 29.77 -10.78 -21.78
CA LYS A 426 29.67 -9.51 -22.48
C LYS A 426 30.21 -8.34 -21.66
N GLY A 427 31.00 -8.62 -20.63
CA GLY A 427 31.69 -7.57 -19.90
C GLY A 427 30.91 -6.91 -18.79
N PHE A 428 29.73 -7.44 -18.44
CA PHE A 428 28.93 -6.83 -17.38
C PHE A 428 29.40 -7.31 -16.01
N PHE A 429 28.86 -6.68 -14.98
CA PHE A 429 29.05 -7.09 -13.59
C PHE A 429 30.54 -7.12 -13.23
N LYS A 430 31.29 -6.14 -13.73
CA LYS A 430 32.67 -5.98 -13.34
C LYS A 430 32.76 -5.13 -12.07
N GLU A 431 33.95 -5.11 -11.47
CA GLU A 431 34.19 -4.26 -10.32
C GLU A 431 34.31 -2.81 -10.76
N GLY A 432 33.56 -1.93 -10.10
CA GLY A 432 33.55 -0.53 -10.46
C GLY A 432 32.61 -0.17 -11.58
N SER A 433 31.92 -1.14 -12.17
CA SER A 433 31.00 -0.85 -13.25
C SER A 433 29.82 -0.04 -12.74
N SER A 434 29.36 0.91 -13.55
CA SER A 434 28.25 1.76 -13.16
C SER A 434 26.92 1.03 -13.13
N VAL A 435 26.84 -0.15 -13.73
CA VAL A 435 25.63 -0.96 -13.73
C VAL A 435 25.90 -2.21 -12.90
N GLU A 436 25.11 -2.40 -11.84
CA GLU A 436 25.30 -3.48 -10.90
C GLU A 436 23.94 -4.03 -10.49
N LEU A 437 23.96 -5.18 -9.83
CA LEU A 437 22.73 -5.83 -9.38
C LEU A 437 22.26 -5.18 -8.08
N LYS A 438 21.06 -4.60 -8.11
CA LYS A 438 20.45 -4.00 -6.93
C LYS A 438 19.08 -4.55 -6.62
N HIS A 439 18.44 -5.27 -7.54
CA HIS A 439 17.09 -5.77 -7.37
C HIS A 439 17.13 -7.29 -7.29
N PHE A 440 16.66 -7.83 -6.16
CA PHE A 440 16.65 -9.26 -5.90
C PHE A 440 15.29 -9.68 -5.36
N PHE A 441 15.09 -10.98 -5.26
CA PHE A 441 13.95 -11.55 -4.55
C PHE A 441 14.39 -11.83 -3.11
N PHE A 442 13.91 -11.02 -2.17
CA PHE A 442 14.28 -11.19 -0.78
C PHE A 442 13.39 -12.23 -0.11
N ALA A 443 14.01 -13.11 0.65
CA ALA A 443 13.29 -14.13 1.40
C ALA A 443 12.92 -13.60 2.79
N GLN A 444 11.86 -14.19 3.36
CA GLN A 444 11.33 -13.77 4.64
C GLN A 444 11.05 -14.98 5.52
N ASP A 445 11.04 -14.75 6.82
CA ASP A 445 10.76 -15.80 7.79
C ASP A 445 9.25 -16.04 7.85
N GLY A 446 8.81 -16.78 8.87
CA GLY A 446 7.40 -17.15 8.97
C GLY A 446 6.47 -16.03 9.39
N ASN A 447 7.00 -14.89 9.81
CA ASN A 447 6.19 -13.77 10.28
C ASN A 447 6.17 -12.62 9.26
N ALA A 448 6.31 -12.94 7.97
CA ALA A 448 6.34 -11.89 6.96
C ALA A 448 5.02 -11.15 6.88
N ALA A 449 3.92 -11.90 6.71
CA ALA A 449 2.63 -11.25 6.52
C ALA A 449 2.22 -10.45 7.74
N ILE A 450 2.42 -11.01 8.93
CA ILE A 450 1.99 -10.32 10.14
C ILE A 450 2.81 -9.05 10.37
N SER A 451 4.11 -9.09 10.04
CA SER A 451 4.93 -7.90 10.21
C SER A 451 4.53 -6.81 9.22
N ASP A 452 4.37 -7.17 7.95
CA ASP A 452 3.97 -6.18 6.96
C ASP A 452 2.58 -5.64 7.25
N TYR A 453 1.73 -6.44 7.90
CA TYR A 453 0.44 -5.92 8.33
C TYR A 453 0.57 -5.01 9.54
N ASP A 454 1.40 -5.40 10.52
CA ASP A 454 1.61 -4.57 11.69
C ASP A 454 2.20 -3.22 11.33
N TYR A 455 2.78 -3.10 10.14
CA TYR A 455 3.16 -1.76 9.68
C TYR A 455 1.99 -0.79 9.67
N TYR A 456 0.75 -1.26 9.89
CA TYR A 456 -0.40 -0.36 10.03
C TYR A 456 -0.37 0.45 11.30
N ARG A 457 0.62 0.25 12.16
CA ARG A 457 0.74 1.05 13.38
C ARG A 457 1.02 2.52 13.09
N TYR A 458 1.37 2.85 11.85
CA TYR A 458 1.60 4.24 11.45
C TYR A 458 0.32 5.01 11.23
N ASN A 459 -0.84 4.36 11.21
CA ASN A 459 -2.11 5.03 10.97
C ASN A 459 -2.67 5.47 12.32
N LEU A 460 -2.54 6.74 12.61
CA LEU A 460 -3.04 7.35 13.83
C LEU A 460 -4.30 8.16 13.52
N PRO A 461 -5.21 8.30 14.49
CA PRO A 461 -6.40 9.14 14.26
C PRO A 461 -5.98 10.59 14.05
N THR A 462 -6.35 11.13 12.89
CA THR A 462 -6.03 12.50 12.51
C THR A 462 -7.31 13.30 12.40
N MET A 463 -7.39 14.40 13.12
CA MET A 463 -8.53 15.31 13.07
C MET A 463 -8.14 16.46 12.15
N CYS A 464 -8.68 16.45 10.94
CA CYS A 464 -8.32 17.46 9.96
C CYS A 464 -8.88 18.82 10.35
N ASP A 465 -8.24 19.87 9.84
CA ASP A 465 -8.76 21.22 10.00
C ASP A 465 -9.96 21.37 9.08
N ILE A 466 -11.16 21.34 9.67
CA ILE A 466 -12.36 21.12 8.87
C ILE A 466 -12.65 22.32 7.99
N ARG A 467 -12.40 23.53 8.48
CA ARG A 467 -12.75 24.70 7.68
C ARG A 467 -11.91 24.79 6.43
N GLN A 468 -10.68 24.30 6.45
CA GLN A 468 -9.86 24.27 5.23
C GLN A 468 -10.11 23.01 4.42
N LEU A 469 -10.45 21.90 5.08
CA LEU A 469 -10.77 20.69 4.33
C LEU A 469 -12.01 20.89 3.48
N LEU A 470 -13.00 21.61 4.01
CA LEU A 470 -14.24 21.85 3.26
C LEU A 470 -14.03 22.77 2.06
N PHE A 471 -12.90 23.44 1.95
CA PHE A 471 -12.55 24.24 0.78
C PHE A 471 -11.64 23.48 -0.17
N VAL A 472 -10.66 22.77 0.38
CA VAL A 472 -9.80 21.92 -0.44
C VAL A 472 -10.64 20.87 -1.15
N VAL A 473 -11.74 20.42 -0.53
CA VAL A 473 -12.62 19.45 -1.18
C VAL A 473 -13.26 20.06 -2.42
N GLU A 474 -13.72 21.30 -2.31
CA GLU A 474 -14.33 21.95 -3.48
C GLU A 474 -13.32 22.14 -4.60
N VAL A 475 -12.09 22.53 -4.25
CA VAL A 475 -11.08 22.72 -5.30
C VAL A 475 -10.71 21.39 -5.93
N VAL A 476 -10.61 20.32 -5.14
CA VAL A 476 -10.32 19.00 -5.70
C VAL A 476 -11.46 18.54 -6.61
N ASP A 477 -12.70 18.70 -6.17
CA ASP A 477 -13.83 18.36 -7.01
C ASP A 477 -13.79 19.14 -8.32
N LYS A 478 -13.34 20.40 -8.26
CA LYS A 478 -13.12 21.15 -9.48
C LYS A 478 -12.07 20.48 -10.35
N TYR A 479 -11.02 19.94 -9.72
CA TYR A 479 -10.01 19.20 -10.46
C TYR A 479 -10.61 17.98 -11.16
N PHE A 480 -11.69 17.43 -10.61
CA PHE A 480 -12.30 16.21 -11.15
C PHE A 480 -13.62 16.48 -11.88
N ASP A 481 -13.78 17.66 -12.47
CA ASP A 481 -15.07 18.05 -13.05
C ASP A 481 -15.18 17.79 -14.54
N CYS A 482 -14.16 17.20 -15.17
CA CYS A 482 -14.18 16.95 -16.60
C CYS A 482 -14.53 15.52 -16.96
N TYR A 483 -15.00 14.72 -16.01
CA TYR A 483 -15.37 13.33 -16.23
C TYR A 483 -16.87 13.17 -16.07
N ASP A 484 -17.34 11.94 -16.31
CA ASP A 484 -18.72 11.57 -16.08
C ASP A 484 -18.77 10.25 -15.33
N GLY A 485 -19.76 10.11 -14.46
CA GLY A 485 -19.87 8.93 -13.64
C GLY A 485 -21.30 8.63 -13.28
N GLY A 486 -21.49 7.53 -12.59
CA GLY A 486 -22.80 7.10 -12.16
C GLY A 486 -22.82 5.62 -11.91
N CYS A 487 -24.00 5.12 -11.55
CA CYS A 487 -24.20 3.69 -11.37
C CYS A 487 -24.50 3.06 -12.72
N ILE A 488 -24.01 1.84 -12.91
CA ILE A 488 -24.25 1.08 -14.13
C ILE A 488 -24.83 -0.26 -13.76
N ASN A 489 -25.54 -0.86 -14.70
CA ASN A 489 -26.14 -2.17 -14.47
C ASN A 489 -25.06 -3.24 -14.48
N ALA A 490 -25.45 -4.44 -14.03
CA ALA A 490 -24.50 -5.56 -14.05
C ALA A 490 -24.17 -5.99 -15.47
N ASN A 491 -24.93 -5.55 -16.46
CA ASN A 491 -24.61 -5.88 -17.85
C ASN A 491 -23.34 -5.17 -18.30
N GLN A 492 -23.16 -3.92 -17.86
CA GLN A 492 -22.14 -3.04 -18.38
C GLN A 492 -20.82 -3.13 -17.64
N VAL A 493 -20.72 -3.96 -16.61
CA VAL A 493 -19.52 -4.04 -15.80
C VAL A 493 -18.48 -4.88 -16.52
N ILE A 494 -17.26 -4.36 -16.60
CA ILE A 494 -16.15 -5.00 -17.30
C ILE A 494 -15.19 -5.55 -16.25
N VAL A 495 -14.92 -6.85 -16.31
CA VAL A 495 -13.99 -7.51 -15.41
C VAL A 495 -12.86 -8.07 -16.26
N ASN A 496 -11.65 -7.53 -16.06
CA ASN A 496 -10.52 -7.94 -16.89
C ASN A 496 -10.23 -9.43 -16.73
N ASN A 497 -9.83 -9.83 -15.53
CA ASN A 497 -9.44 -11.21 -15.24
C ASN A 497 -10.40 -11.77 -14.20
N LEU A 498 -11.06 -12.87 -14.54
CA LEU A 498 -11.96 -13.56 -13.62
C LEU A 498 -11.30 -14.76 -12.96
N ASP A 499 -10.01 -14.98 -13.20
CA ASP A 499 -9.25 -16.02 -12.49
C ASP A 499 -8.54 -15.47 -11.27
N LYS A 500 -9.08 -14.43 -10.65
CA LYS A 500 -8.53 -13.84 -9.44
C LYS A 500 -9.36 -14.26 -8.25
N SER A 501 -8.70 -14.37 -7.09
CA SER A 501 -9.36 -14.93 -5.92
C SER A 501 -10.54 -14.07 -5.49
N ALA A 502 -11.54 -14.73 -4.89
CA ALA A 502 -12.74 -14.06 -4.41
C ALA A 502 -12.65 -13.71 -2.93
N GLY A 503 -11.44 -13.54 -2.41
CA GLY A 503 -11.31 -13.16 -1.02
C GLY A 503 -11.68 -14.31 -0.08
N PHE A 504 -12.04 -13.94 1.14
CA PHE A 504 -12.40 -14.90 2.17
C PHE A 504 -13.86 -14.72 2.56
N PRO A 505 -14.61 -15.81 2.78
CA PRO A 505 -14.26 -17.23 2.67
C PRO A 505 -14.47 -17.81 1.27
N PHE A 506 -14.74 -16.94 0.31
CA PHE A 506 -15.19 -17.39 -1.00
C PHE A 506 -14.10 -18.07 -1.81
N ASN A 507 -12.84 -17.97 -1.41
CA ASN A 507 -11.77 -18.64 -2.12
C ASN A 507 -11.67 -20.11 -1.76
N LYS A 508 -12.48 -20.58 -0.82
CA LYS A 508 -12.50 -21.99 -0.46
C LYS A 508 -13.30 -22.82 -1.46
N TRP A 509 -13.98 -22.18 -2.41
CA TRP A 509 -14.85 -22.89 -3.34
C TRP A 509 -14.66 -22.49 -4.79
N GLY A 510 -13.83 -21.50 -5.09
CA GLY A 510 -13.58 -21.15 -6.47
C GLY A 510 -12.96 -19.78 -6.59
N LYS A 511 -12.79 -19.37 -7.84
CA LYS A 511 -12.25 -18.06 -8.18
C LYS A 511 -13.40 -17.08 -8.38
N ALA A 512 -13.06 -15.84 -8.75
CA ALA A 512 -14.09 -14.84 -8.98
C ALA A 512 -15.00 -15.22 -10.13
N ARG A 513 -14.50 -16.06 -11.05
CA ARG A 513 -15.33 -16.51 -12.17
C ARG A 513 -16.56 -17.27 -11.67
N LEU A 514 -16.37 -18.12 -10.67
CA LEU A 514 -17.48 -18.91 -10.15
C LEU A 514 -18.57 -18.03 -9.58
N TYR A 515 -18.20 -16.95 -8.90
CA TYR A 515 -19.18 -16.08 -8.28
C TYR A 515 -19.70 -14.99 -9.22
N TYR A 516 -19.07 -14.82 -10.37
CA TYR A 516 -19.59 -13.89 -11.37
C TYR A 516 -20.51 -14.59 -12.36
N ASP A 517 -20.29 -15.87 -12.63
CA ASP A 517 -21.14 -16.60 -13.59
C ASP A 517 -22.24 -17.41 -12.92
N SER A 518 -22.16 -17.65 -11.61
CA SER A 518 -23.14 -18.48 -10.93
C SER A 518 -24.31 -17.69 -10.38
N MET A 519 -24.31 -16.37 -10.47
CA MET A 519 -25.44 -15.55 -10.05
C MET A 519 -25.76 -14.56 -11.15
N SER A 520 -27.00 -14.59 -11.62
CA SER A 520 -27.40 -13.85 -12.81
C SER A 520 -27.31 -12.34 -12.56
N TYR A 521 -27.44 -11.58 -13.65
CA TYR A 521 -27.42 -10.13 -13.54
C TYR A 521 -28.52 -9.63 -12.63
N GLU A 522 -29.63 -10.36 -12.55
CA GLU A 522 -30.68 -9.99 -11.61
C GLU A 522 -30.19 -10.09 -10.18
N ASP A 523 -29.45 -11.14 -9.85
CA ASP A 523 -28.89 -11.27 -8.50
C ASP A 523 -27.85 -10.21 -8.22
N GLN A 524 -26.99 -9.88 -9.18
CA GLN A 524 -26.00 -8.85 -8.96
C GLN A 524 -26.66 -7.49 -8.75
N ASP A 525 -27.69 -7.18 -9.54
CA ASP A 525 -28.43 -5.94 -9.34
C ASP A 525 -29.12 -5.94 -7.99
N ALA A 526 -29.68 -7.08 -7.57
CA ALA A 526 -30.32 -7.15 -6.26
C ALA A 526 -29.33 -6.91 -5.14
N LEU A 527 -28.13 -7.50 -5.24
CA LEU A 527 -27.12 -7.28 -4.21
C LEU A 527 -26.70 -5.82 -4.18
N PHE A 528 -26.50 -5.20 -5.34
CA PHE A 528 -26.09 -3.81 -5.37
C PHE A 528 -27.17 -2.90 -4.80
N ALA A 529 -28.44 -3.19 -5.11
CA ALA A 529 -29.52 -2.39 -4.56
C ALA A 529 -29.67 -2.64 -3.06
N TYR A 530 -29.30 -3.83 -2.59
CA TYR A 530 -29.29 -4.10 -1.17
C TYR A 530 -28.24 -3.26 -0.46
N THR A 531 -27.03 -3.16 -1.03
CA THR A 531 -25.99 -2.39 -0.36
C THR A 531 -26.30 -0.92 -0.28
N LYS A 532 -27.25 -0.42 -1.07
CA LYS A 532 -27.62 0.99 -1.04
C LYS A 532 -28.49 1.35 0.15
N ARG A 533 -29.01 0.35 0.89
CA ARG A 533 -29.75 0.64 2.10
C ARG A 533 -29.39 -0.32 3.24
N ASN A 534 -28.30 -1.06 3.12
CA ASN A 534 -27.80 -1.92 4.17
C ASN A 534 -26.29 -1.84 4.20
N VAL A 535 -25.70 -2.22 5.33
CA VAL A 535 -24.25 -2.26 5.51
C VAL A 535 -23.83 -3.72 5.50
N ILE A 536 -22.91 -4.06 4.60
CA ILE A 536 -22.37 -5.41 4.50
C ILE A 536 -20.93 -5.39 4.95
N PRO A 537 -20.61 -5.78 6.17
CA PRO A 537 -19.20 -5.97 6.54
C PRO A 537 -18.62 -7.16 5.81
N THR A 538 -17.32 -7.14 5.61
CA THR A 538 -16.64 -8.24 4.92
C THR A 538 -15.28 -8.48 5.54
N ILE A 539 -14.80 -9.72 5.40
CA ILE A 539 -13.44 -10.09 5.75
C ILE A 539 -12.58 -9.93 4.50
N THR A 540 -11.41 -9.32 4.66
CA THR A 540 -10.51 -9.11 3.55
C THR A 540 -9.17 -9.75 3.86
N GLN A 541 -8.89 -10.87 3.18
CA GLN A 541 -7.62 -11.55 3.36
C GLN A 541 -6.46 -10.63 3.04
N MET A 542 -5.42 -10.68 3.86
CA MET A 542 -4.21 -9.89 3.64
C MET A 542 -3.19 -10.78 2.95
N ASN A 543 -3.13 -10.67 1.62
CA ASN A 543 -2.22 -11.48 0.83
C ASN A 543 -0.79 -10.99 1.00
N LEU A 544 0.13 -11.62 0.28
CA LEU A 544 1.55 -11.32 0.39
C LEU A 544 2.14 -11.29 -1.02
N LYS A 545 2.45 -10.09 -1.51
CA LYS A 545 2.95 -9.93 -2.86
C LYS A 545 4.35 -10.53 -2.99
N TYR A 546 4.63 -11.12 -4.15
CA TYR A 546 5.90 -11.76 -4.43
C TYR A 546 6.49 -11.12 -5.69
N ALA A 547 7.50 -10.28 -5.50
CA ALA A 547 8.04 -9.51 -6.61
C ALA A 547 9.49 -9.13 -6.32
N ILE A 548 10.17 -8.71 -7.36
CA ILE A 548 11.58 -8.32 -7.29
C ILE A 548 11.65 -6.84 -6.93
N SER A 549 12.44 -6.53 -5.91
CA SER A 549 12.57 -5.15 -5.45
C SER A 549 13.95 -4.94 -4.86
N ALA A 550 14.25 -3.68 -4.55
CA ALA A 550 15.51 -3.30 -3.93
C ALA A 550 15.38 -3.07 -2.44
N LYS A 551 14.23 -3.37 -1.85
CA LYS A 551 13.97 -3.12 -0.44
C LYS A 551 13.53 -4.41 0.24
N ASN A 552 13.86 -4.53 1.53
CA ASN A 552 13.37 -5.62 2.38
C ASN A 552 11.97 -5.25 2.86
N ARG A 553 10.99 -5.49 2.01
CA ARG A 553 9.60 -5.16 2.33
C ARG A 553 8.72 -6.16 1.59
N ALA A 554 8.22 -7.15 2.31
CA ALA A 554 7.32 -8.16 1.73
C ALA A 554 5.92 -7.56 1.70
N ARG A 555 5.67 -6.77 0.65
CA ARG A 555 4.43 -6.02 0.57
C ARG A 555 3.24 -6.96 0.68
N THR A 556 2.28 -6.58 1.53
CA THR A 556 1.00 -7.28 1.64
C THR A 556 -0.09 -6.42 1.02
N VAL A 557 -1.02 -7.06 0.34
CA VAL A 557 -2.10 -6.39 -0.36
C VAL A 557 -3.41 -7.02 0.07
N ALA A 558 -4.48 -6.23 0.06
CA ALA A 558 -5.75 -6.67 0.59
C ALA A 558 -6.53 -7.43 -0.46
N GLY A 559 -6.90 -8.67 -0.16
CA GLY A 559 -7.73 -9.45 -1.05
C GLY A 559 -9.20 -9.31 -0.73
N VAL A 560 -9.77 -8.15 -1.02
CA VAL A 560 -11.15 -7.86 -0.64
C VAL A 560 -12.07 -8.93 -1.20
N SER A 561 -13.19 -9.17 -0.52
CA SER A 561 -14.12 -10.21 -0.91
C SER A 561 -14.79 -9.87 -2.23
N ILE A 562 -15.42 -10.88 -2.83
CA ILE A 562 -16.16 -10.64 -4.07
C ILE A 562 -17.42 -9.84 -3.80
N CYS A 563 -18.02 -10.01 -2.63
CA CYS A 563 -19.24 -9.27 -2.30
C CYS A 563 -19.00 -7.76 -2.37
N SER A 564 -17.87 -7.30 -1.85
CA SER A 564 -17.57 -5.87 -1.92
C SER A 564 -17.15 -5.45 -3.31
N THR A 565 -16.37 -6.30 -4.00
CA THR A 565 -15.82 -5.91 -5.29
C THR A 565 -16.93 -5.75 -6.33
N MET A 566 -17.91 -6.65 -6.36
CA MET A 566 -18.98 -6.54 -7.34
C MET A 566 -19.74 -5.24 -7.18
N THR A 567 -20.17 -4.93 -5.96
CA THR A 567 -20.93 -3.71 -5.71
C THR A 567 -20.10 -2.47 -5.98
N ASN A 568 -18.83 -2.47 -5.56
CA ASN A 568 -17.98 -1.31 -5.79
C ASN A 568 -17.75 -1.09 -7.28
N ARG A 569 -17.62 -2.17 -8.05
CA ARG A 569 -17.53 -2.02 -9.49
C ARG A 569 -18.78 -1.36 -10.04
N GLN A 570 -19.95 -1.90 -9.70
CA GLN A 570 -21.18 -1.28 -10.22
C GLN A 570 -21.26 0.19 -9.84
N PHE A 571 -20.77 0.55 -8.66
CA PHE A 571 -20.88 1.93 -8.20
C PHE A 571 -19.90 2.86 -8.90
N HIS A 572 -18.65 2.43 -9.08
CA HIS A 572 -17.56 3.33 -9.48
C HIS A 572 -17.03 3.11 -10.89
N GLN A 573 -17.47 2.07 -11.60
CA GLN A 573 -16.79 1.67 -12.83
C GLN A 573 -16.84 2.76 -13.89
N LYS A 574 -17.99 3.43 -14.04
CA LYS A 574 -18.10 4.42 -15.10
C LYS A 574 -17.13 5.56 -14.87
N LEU A 575 -17.07 6.08 -13.64
CA LEU A 575 -16.14 7.16 -13.34
C LEU A 575 -14.70 6.70 -13.51
N LEU A 576 -14.38 5.50 -13.04
CA LEU A 576 -13.00 5.04 -13.12
C LEU A 576 -12.57 4.82 -14.57
N LYS A 577 -13.47 4.31 -15.41
CA LYS A 577 -13.16 4.13 -16.81
C LYS A 577 -13.11 5.45 -17.56
N SER A 578 -13.80 6.47 -17.06
CA SER A 578 -13.70 7.80 -17.65
C SER A 578 -12.41 8.51 -17.24
N ILE A 579 -11.93 8.25 -16.03
CA ILE A 579 -10.65 8.85 -15.61
C ILE A 579 -9.49 8.26 -16.40
N ALA A 580 -9.60 7.00 -16.80
CA ALA A 580 -8.53 6.30 -17.50
C ALA A 580 -8.62 6.43 -19.01
N ALA A 581 -9.58 7.20 -19.52
CA ALA A 581 -9.73 7.40 -20.96
C ALA A 581 -9.62 8.88 -21.34
N THR A 582 -9.17 9.73 -20.43
CA THR A 582 -9.03 11.16 -20.67
C THR A 582 -7.56 11.51 -20.77
N ARG A 583 -7.21 12.28 -21.80
CA ARG A 583 -5.83 12.68 -22.06
C ARG A 583 -5.69 14.17 -21.77
N GLY A 584 -4.66 14.53 -21.01
CA GLY A 584 -4.39 15.91 -20.69
C GLY A 584 -4.84 16.37 -19.31
N ALA A 585 -5.47 15.49 -18.53
CA ALA A 585 -5.88 15.84 -17.18
C ALA A 585 -4.70 15.72 -16.23
N THR A 586 -4.87 16.24 -15.01
CA THR A 586 -3.83 16.10 -14.01
C THR A 586 -3.59 14.63 -13.66
N VAL A 587 -4.67 13.87 -13.50
CA VAL A 587 -4.56 12.44 -13.23
C VAL A 587 -4.21 11.74 -14.53
N VAL A 588 -3.01 11.18 -14.60
CA VAL A 588 -2.49 10.61 -15.84
C VAL A 588 -2.63 9.10 -15.80
N ILE A 589 -3.59 8.60 -15.03
CA ILE A 589 -3.87 7.17 -15.04
C ILE A 589 -4.49 6.80 -16.38
N GLY A 590 -3.95 5.75 -17.00
CA GLY A 590 -4.45 5.28 -18.27
C GLY A 590 -3.68 5.78 -19.48
N THR A 591 -2.69 6.65 -19.29
CA THR A 591 -1.89 7.17 -20.39
C THR A 591 -0.62 6.32 -20.52
N SER A 592 -0.44 5.70 -21.67
CA SER A 592 0.74 4.87 -21.89
C SER A 592 1.96 5.73 -22.13
N LYS A 593 3.13 5.17 -21.84
CA LYS A 593 4.39 5.86 -22.04
C LYS A 593 4.98 5.61 -23.42
N PHE A 594 4.34 4.79 -24.23
CA PHE A 594 4.84 4.44 -25.55
C PHE A 594 4.21 5.33 -26.62
N TYR A 595 4.79 5.28 -27.81
CA TYR A 595 4.27 6.01 -28.97
C TYR A 595 4.11 7.50 -28.66
N GLY A 596 5.05 8.04 -27.89
CA GLY A 596 5.06 9.45 -27.59
C GLY A 596 4.19 9.88 -26.44
N GLY A 597 3.70 8.94 -25.64
CA GLY A 597 2.86 9.31 -24.52
C GLY A 597 3.61 10.07 -23.45
N TRP A 598 4.85 9.67 -23.17
CA TRP A 598 5.63 10.32 -22.14
C TRP A 598 5.91 11.77 -22.48
N HIS A 599 6.31 12.02 -23.73
CA HIS A 599 6.56 13.39 -24.19
C HIS A 599 5.30 14.23 -24.09
N ASN A 600 4.16 13.68 -24.50
CA ASN A 600 2.91 14.42 -24.41
C ASN A 600 2.56 14.74 -22.97
N MET A 601 2.71 13.78 -22.07
CA MET A 601 2.42 14.03 -20.66
C MET A 601 3.31 15.14 -20.13
N LEU A 602 4.61 15.08 -20.43
CA LEU A 602 5.51 16.10 -19.91
C LEU A 602 5.19 17.48 -20.49
N LYS A 603 5.01 17.57 -21.81
CA LYS A 603 4.67 18.86 -22.41
C LYS A 603 3.33 19.37 -21.90
N THR A 604 2.45 18.49 -21.42
CA THR A 604 1.21 18.95 -20.81
C THR A 604 1.45 19.50 -19.41
N VAL A 605 2.31 18.85 -18.62
CA VAL A 605 2.60 19.35 -17.27
C VAL A 605 3.24 20.72 -17.35
N TYR A 606 4.21 20.89 -18.25
CA TYR A 606 4.90 22.17 -18.36
C TYR A 606 3.91 23.29 -18.68
N SER A 607 2.99 23.02 -19.61
CA SER A 607 1.98 23.99 -20.01
C SER A 607 2.58 25.36 -20.26
N ASP A 608 2.15 26.37 -19.51
CA ASP A 608 2.61 27.74 -19.70
C ASP A 608 3.05 28.36 -18.38
N VAL A 609 3.64 27.55 -17.49
CA VAL A 609 4.17 28.08 -16.24
C VAL A 609 5.31 29.04 -16.55
N GLU A 610 5.33 30.18 -15.87
CA GLU A 610 6.13 31.30 -16.35
C GLU A 610 7.60 31.18 -15.96
N ASN A 611 7.89 30.69 -14.75
CA ASN A 611 9.27 30.48 -14.28
C ASN A 611 9.38 29.06 -13.78
N PRO A 612 9.40 28.08 -14.68
CA PRO A 612 9.12 26.70 -14.27
C PRO A 612 10.27 26.08 -13.53
N HIS A 613 9.97 25.51 -12.37
CA HIS A 613 10.82 24.52 -11.70
C HIS A 613 9.99 23.28 -11.47
N LEU A 614 10.62 22.11 -11.57
CA LEU A 614 9.94 20.85 -11.31
C LEU A 614 10.21 20.41 -9.88
N MET A 615 9.23 19.77 -9.27
CA MET A 615 9.42 19.11 -7.99
C MET A 615 8.53 17.88 -7.95
N GLY A 616 8.86 16.97 -7.05
CA GLY A 616 8.12 15.72 -6.99
C GLY A 616 8.33 15.04 -5.67
N TRP A 617 7.41 14.10 -5.38
CA TRP A 617 7.40 13.42 -4.10
C TRP A 617 6.83 12.02 -4.30
N ASP A 618 6.83 11.26 -3.20
CA ASP A 618 6.30 9.90 -3.19
C ASP A 618 6.05 9.56 -1.73
N TYR A 619 4.80 9.33 -1.36
CA TYR A 619 4.47 9.17 0.04
C TYR A 619 5.15 7.91 0.60
N PRO A 620 5.69 7.96 1.82
CA PRO A 620 6.40 6.81 2.37
C PRO A 620 5.59 5.53 2.42
N LYS A 621 4.45 5.55 3.10
CA LYS A 621 3.52 4.42 3.14
C LYS A 621 2.15 5.00 2.82
N CYS A 622 1.81 5.10 1.53
CA CYS A 622 0.60 5.82 1.15
C CYS A 622 -0.63 5.16 1.72
N ASP A 623 -0.70 3.83 1.70
CA ASP A 623 -1.91 3.15 2.13
C ASP A 623 -1.97 2.99 3.64
N ARG A 624 -0.83 2.77 4.28
CA ARG A 624 -0.79 2.49 5.71
C ARG A 624 -0.75 3.75 6.57
N ALA A 625 -0.35 4.88 6.01
CA ALA A 625 -0.26 6.11 6.76
C ALA A 625 -1.40 7.09 6.46
N MET A 626 -2.21 6.82 5.44
CA MET A 626 -3.29 7.72 5.09
C MET A 626 -4.30 7.80 6.23
N PRO A 627 -4.70 9.00 6.67
CA PRO A 627 -5.73 9.09 7.70
C PRO A 627 -7.11 8.77 7.14
N ASN A 628 -8.02 8.45 8.05
CA ASN A 628 -9.37 8.06 7.64
C ASN A 628 -10.15 9.21 7.04
N MET A 629 -9.91 10.44 7.50
CA MET A 629 -10.67 11.57 7.00
C MET A 629 -10.41 11.79 5.51
N LEU A 630 -9.15 11.70 5.09
CA LEU A 630 -8.84 11.91 3.68
C LEU A 630 -9.37 10.77 2.82
N ARG A 631 -9.42 9.54 3.35
CA ARG A 631 -9.99 8.45 2.58
C ARG A 631 -11.50 8.61 2.43
N ILE A 632 -12.18 8.99 3.51
CA ILE A 632 -13.61 9.29 3.40
C ILE A 632 -13.85 10.43 2.43
N MET A 633 -12.96 11.43 2.44
CA MET A 633 -13.08 12.54 1.50
C MET A 633 -12.92 12.07 0.05
N ALA A 634 -11.95 11.18 -0.19
CA ALA A 634 -11.78 10.65 -1.54
C ALA A 634 -13.02 9.89 -1.99
N SER A 635 -13.58 9.07 -1.10
CA SER A 635 -14.79 8.35 -1.44
C SER A 635 -15.97 9.29 -1.66
N LEU A 636 -15.99 10.42 -0.96
CA LEU A 636 -17.09 11.37 -1.10
C LEU A 636 -16.99 12.20 -2.36
N VAL A 637 -15.78 12.49 -2.86
CA VAL A 637 -15.66 13.22 -4.12
C VAL A 637 -15.69 12.30 -5.32
N LEU A 638 -15.42 11.00 -5.14
CA LEU A 638 -15.72 10.06 -6.22
C LEU A 638 -17.21 9.82 -6.37
N ALA A 639 -17.99 10.05 -5.32
CA ALA A 639 -19.44 9.88 -5.36
C ALA A 639 -20.17 11.15 -5.73
N ARG A 640 -19.45 12.25 -6.01
CA ARG A 640 -20.07 13.48 -6.46
C ARG A 640 -20.71 13.33 -7.83
N LYS A 641 -20.42 12.25 -8.56
CA LYS A 641 -20.95 12.02 -9.88
C LYS A 641 -22.31 11.34 -9.86
N HIS A 642 -22.83 11.00 -8.68
CA HIS A 642 -24.11 10.30 -8.55
C HIS A 642 -25.22 11.24 -8.12
N THR A 643 -25.21 12.48 -8.62
CA THR A 643 -26.24 13.44 -8.26
C THR A 643 -27.57 13.17 -8.94
N THR A 644 -27.62 12.24 -9.90
CA THR A 644 -28.83 11.98 -10.66
C THR A 644 -29.35 10.56 -10.55
N CYS A 645 -28.61 9.65 -9.92
CA CYS A 645 -29.03 8.26 -9.79
C CYS A 645 -29.21 7.80 -8.36
N CYS A 646 -28.51 8.39 -7.40
CA CYS A 646 -28.58 7.99 -6.00
C CYS A 646 -29.04 9.18 -5.16
N SER A 647 -29.94 8.92 -4.22
CA SER A 647 -30.36 9.94 -3.28
C SER A 647 -29.36 10.02 -2.13
N LEU A 648 -29.62 10.92 -1.18
CA LEU A 648 -28.69 11.09 -0.07
C LEU A 648 -28.57 9.83 0.76
N SER A 649 -29.69 9.15 1.01
CA SER A 649 -29.63 7.92 1.80
C SER A 649 -28.82 6.85 1.07
N HIS A 650 -29.04 6.69 -0.23
CA HIS A 650 -28.29 5.68 -0.98
C HIS A 650 -26.81 6.01 -0.98
N ARG A 651 -26.45 7.27 -1.19
CA ARG A 651 -25.04 7.63 -1.20
C ARG A 651 -24.42 7.44 0.17
N PHE A 652 -25.13 7.75 1.24
CA PHE A 652 -24.58 7.52 2.56
C PHE A 652 -24.37 6.04 2.82
N TYR A 653 -25.31 5.20 2.43
CA TYR A 653 -25.16 3.78 2.71
C TYR A 653 -24.09 3.16 1.84
N ARG A 654 -23.85 3.69 0.64
CA ARG A 654 -22.70 3.25 -0.14
C ARG A 654 -21.39 3.69 0.53
N LEU A 655 -21.35 4.90 1.06
CA LEU A 655 -20.17 5.33 1.81
C LEU A 655 -19.95 4.44 3.03
N ALA A 656 -21.03 4.09 3.73
CA ALA A 656 -20.92 3.23 4.89
C ALA A 656 -20.41 1.84 4.50
N ASN A 657 -20.89 1.31 3.38
CA ASN A 657 -20.37 0.02 2.92
C ASN A 657 -18.88 0.11 2.62
N GLU A 658 -18.46 1.17 1.94
CA GLU A 658 -17.04 1.33 1.67
C GLU A 658 -16.23 1.42 2.96
N CYS A 659 -16.71 2.20 3.93
CA CYS A 659 -16.00 2.30 5.19
C CYS A 659 -16.01 0.98 5.95
N ALA A 660 -17.04 0.17 5.74
CA ALA A 660 -17.17 -1.10 6.45
C ALA A 660 -16.25 -2.16 5.89
N GLN A 661 -15.97 -2.14 4.58
CA GLN A 661 -15.21 -3.22 3.98
C GLN A 661 -13.87 -2.83 3.39
N VAL A 662 -13.52 -1.54 3.31
CA VAL A 662 -12.19 -1.17 2.84
C VAL A 662 -11.53 -0.09 3.69
N LEU A 663 -12.08 0.21 4.85
CA LEU A 663 -11.47 1.20 5.73
C LEU A 663 -11.28 0.72 7.16
N SER A 664 -12.23 -0.03 7.70
CA SER A 664 -12.13 -0.63 9.02
C SER A 664 -12.45 -2.12 8.95
N GLU A 665 -12.12 -2.74 7.82
CA GLU A 665 -12.41 -4.14 7.60
C GLU A 665 -11.82 -5.00 8.71
N MET A 666 -12.22 -6.26 8.73
CA MET A 666 -11.67 -7.27 9.62
C MET A 666 -10.77 -8.16 8.78
N VAL A 667 -9.49 -7.79 8.71
CA VAL A 667 -8.57 -8.55 7.88
C VAL A 667 -8.42 -9.97 8.43
N MET A 668 -7.90 -10.85 7.59
CA MET A 668 -7.70 -12.27 7.92
C MET A 668 -6.27 -12.60 7.56
N CYS A 669 -5.35 -12.37 8.50
CA CYS A 669 -3.92 -12.49 8.25
C CYS A 669 -3.43 -13.82 8.82
N GLY A 670 -3.64 -14.88 8.04
CA GLY A 670 -3.12 -16.19 8.39
C GLY A 670 -3.93 -16.94 9.41
N GLY A 671 -5.19 -17.22 9.10
CA GLY A 671 -6.03 -17.98 10.01
C GLY A 671 -6.37 -17.25 11.29
N SER A 672 -6.69 -15.96 11.21
CA SER A 672 -7.01 -15.19 12.40
C SER A 672 -7.55 -13.84 11.97
N LEU A 673 -8.54 -13.34 12.69
CA LEU A 673 -9.19 -12.08 12.36
C LEU A 673 -8.61 -10.95 13.18
N TYR A 674 -8.21 -9.88 12.51
CA TYR A 674 -7.74 -8.67 13.14
C TYR A 674 -8.65 -7.52 12.74
N VAL A 675 -8.41 -6.35 13.32
CA VAL A 675 -9.18 -5.16 13.04
C VAL A 675 -8.24 -4.13 12.43
N LYS A 676 -8.54 -3.70 11.21
CA LYS A 676 -7.67 -2.78 10.51
C LYS A 676 -7.79 -1.38 11.11
N PRO A 677 -6.71 -0.76 11.57
CA PRO A 677 -6.85 0.58 12.17
C PRO A 677 -7.43 1.60 11.22
N GLY A 678 -7.05 1.55 9.95
CA GLY A 678 -7.49 2.54 8.99
C GLY A 678 -6.55 2.58 7.81
N GLY A 679 -6.78 3.57 6.95
CA GLY A 679 -6.01 3.71 5.73
C GLY A 679 -6.55 2.83 4.63
N THR A 680 -6.09 3.09 3.42
CA THR A 680 -6.61 2.38 2.26
C THR A 680 -6.23 0.90 2.32
N SER A 681 -7.14 0.06 1.84
CA SER A 681 -6.83 -1.33 1.53
C SER A 681 -6.39 -1.38 0.09
N SER A 682 -5.10 -1.54 -0.15
CA SER A 682 -4.59 -1.58 -1.51
C SER A 682 -5.06 -2.86 -2.14
N GLY A 683 -6.11 -2.78 -2.95
CA GLY A 683 -6.74 -3.95 -3.49
C GLY A 683 -8.25 -3.82 -3.58
N ASP A 684 -8.78 -2.68 -3.14
CA ASP A 684 -10.19 -2.39 -3.32
C ASP A 684 -10.42 -1.85 -4.74
N ALA A 685 -11.69 -1.78 -5.14
CA ALA A 685 -12.02 -1.48 -6.52
C ALA A 685 -11.64 -0.06 -6.93
N THR A 686 -11.07 0.75 -6.05
CA THR A 686 -10.73 2.13 -6.38
C THR A 686 -9.41 2.54 -5.75
N THR A 687 -8.46 1.61 -5.58
CA THR A 687 -7.23 1.92 -4.87
C THR A 687 -6.42 2.98 -5.62
N ALA A 688 -6.25 2.79 -6.93
CA ALA A 688 -5.39 3.68 -7.70
C ALA A 688 -6.02 5.05 -7.95
N TYR A 689 -7.34 5.16 -7.82
CA TYR A 689 -8.03 6.41 -8.08
C TYR A 689 -8.39 7.16 -6.81
N ALA A 690 -8.42 6.48 -5.66
CA ALA A 690 -8.56 7.16 -4.38
C ALA A 690 -7.24 7.67 -3.85
N ASN A 691 -6.11 7.17 -4.38
CA ASN A 691 -4.82 7.74 -4.03
C ASN A 691 -4.57 9.05 -4.76
N SER A 692 -5.09 9.18 -5.99
CA SER A 692 -4.90 10.41 -6.74
C SER A 692 -5.66 11.56 -6.10
N VAL A 693 -6.87 11.31 -5.63
CA VAL A 693 -7.65 12.35 -4.96
C VAL A 693 -6.93 12.80 -3.69
N PHE A 694 -6.39 11.85 -2.94
CA PHE A 694 -5.65 12.19 -1.73
C PHE A 694 -4.38 12.99 -2.06
N ASN A 695 -3.71 12.63 -3.16
CA ASN A 695 -2.54 13.38 -3.59
C ASN A 695 -2.89 14.82 -3.93
N ILE A 696 -3.97 15.01 -4.69
CA ILE A 696 -4.37 16.36 -5.06
C ILE A 696 -4.82 17.14 -3.84
N CYS A 697 -5.47 16.47 -2.88
CA CYS A 697 -5.88 17.14 -1.66
C CYS A 697 -4.67 17.66 -0.89
N GLN A 698 -3.62 16.84 -0.79
CA GLN A 698 -2.43 17.29 -0.09
C GLN A 698 -1.76 18.46 -0.82
N ALA A 699 -1.71 18.40 -2.15
CA ALA A 699 -1.10 19.50 -2.91
C ALA A 699 -1.88 20.80 -2.73
N VAL A 700 -3.22 20.73 -2.79
CA VAL A 700 -4.03 21.94 -2.65
C VAL A 700 -3.92 22.47 -1.22
N THR A 701 -3.86 21.59 -0.22
CA THR A 701 -3.67 22.04 1.15
C THR A 701 -2.34 22.75 1.30
N ALA A 702 -1.29 22.23 0.67
CA ALA A 702 0.01 22.89 0.73
C ALA A 702 -0.07 24.29 0.13
N ASN A 703 -0.77 24.42 -1.00
CA ASN A 703 -0.92 25.74 -1.61
C ASN A 703 -1.69 26.70 -0.71
N VAL A 704 -2.76 26.23 -0.09
CA VAL A 704 -3.54 27.07 0.81
C VAL A 704 -2.68 27.55 1.97
N ASN A 705 -1.94 26.64 2.60
CA ASN A 705 -1.08 27.02 3.72
C ASN A 705 0.03 27.96 3.29
N ALA A 706 0.60 27.73 2.10
CA ALA A 706 1.67 28.58 1.62
C ALA A 706 1.17 30.00 1.37
N LEU A 707 -0.04 30.13 0.84
CA LEU A 707 -0.57 31.46 0.56
C LEU A 707 -1.05 32.16 1.82
N LEU A 708 -1.63 31.44 2.77
CA LEU A 708 -2.15 32.07 3.99
C LEU A 708 -1.05 32.44 4.98
N SER A 709 0.01 31.63 5.08
CA SER A 709 1.08 31.91 6.02
C SER A 709 2.00 33.04 5.56
N THR A 710 1.83 33.53 4.34
CA THR A 710 2.62 34.66 3.87
C THR A 710 2.19 35.93 4.60
N ASP A 711 3.14 36.86 4.73
CA ASP A 711 2.88 38.07 5.51
C ASP A 711 1.62 38.77 5.05
N GLY A 712 1.60 39.21 3.79
CA GLY A 712 0.44 39.88 3.26
C GLY A 712 0.70 41.36 3.04
N ASN A 713 1.41 41.98 3.98
CA ASN A 713 1.87 43.34 3.79
C ASN A 713 3.04 43.42 2.83
N LYS A 714 3.75 42.33 2.61
CA LYS A 714 4.94 42.28 1.77
C LYS A 714 4.66 41.78 0.37
N ILE A 715 3.40 41.56 0.02
CA ILE A 715 3.02 41.11 -1.32
C ILE A 715 2.86 42.34 -2.20
N ALA A 716 3.73 42.47 -3.20
CA ALA A 716 3.65 43.60 -4.12
C ALA A 716 2.52 43.45 -5.13
N ASP A 717 2.22 42.22 -5.53
CA ASP A 717 1.20 41.97 -6.54
C ASP A 717 -0.16 42.16 -5.90
N LYS A 718 -0.89 43.20 -6.32
CA LYS A 718 -2.15 43.54 -5.68
C LYS A 718 -3.26 42.56 -5.99
N TYR A 719 -3.05 41.64 -6.93
CA TYR A 719 -4.06 40.62 -7.20
C TYR A 719 -3.91 39.44 -6.25
N VAL A 720 -2.68 38.99 -6.01
CA VAL A 720 -2.48 37.87 -5.09
C VAL A 720 -2.82 38.27 -3.67
N ARG A 721 -2.61 39.54 -3.31
CA ARG A 721 -2.96 39.98 -1.97
C ARG A 721 -4.46 39.88 -1.73
N ASN A 722 -5.26 40.31 -2.70
CA ASN A 722 -6.70 40.17 -2.59
C ASN A 722 -7.12 38.70 -2.68
N LEU A 723 -6.39 37.90 -3.45
CA LEU A 723 -6.66 36.47 -3.48
C LEU A 723 -6.48 35.85 -2.10
N GLN A 724 -5.43 36.25 -1.39
CA GLN A 724 -5.20 35.74 -0.03
C GLN A 724 -6.27 36.22 0.93
N HIS A 725 -6.62 37.50 0.86
CA HIS A 725 -7.67 38.01 1.74
C HIS A 725 -8.97 37.25 1.53
N ARG A 726 -9.36 37.07 0.26
CA ARG A 726 -10.60 36.36 -0.03
C ARG A 726 -10.49 34.88 0.34
N LEU A 727 -9.31 34.29 0.23
CA LEU A 727 -9.14 32.90 0.62
C LEU A 727 -9.36 32.73 2.11
N TYR A 728 -8.82 33.64 2.92
CA TYR A 728 -9.09 33.57 4.35
C TYR A 728 -10.57 33.75 4.64
N GLU A 729 -11.22 34.70 3.96
CA GLU A 729 -12.67 34.85 4.14
C GLU A 729 -13.40 33.57 3.82
N CYS A 730 -13.03 32.90 2.73
CA CYS A 730 -13.74 31.70 2.29
C CYS A 730 -13.46 30.52 3.21
N LEU A 731 -12.29 30.47 3.85
CA LEU A 731 -12.03 29.38 4.78
C LEU A 731 -12.73 29.63 6.12
N TYR A 732 -12.34 30.69 6.82
CA TYR A 732 -12.68 30.85 8.23
C TYR A 732 -13.69 31.96 8.48
N ARG A 733 -14.37 32.44 7.45
CA ARG A 733 -15.43 33.43 7.63
C ARG A 733 -16.68 33.12 6.84
N ASN A 734 -16.73 32.02 6.10
CA ASN A 734 -17.91 31.60 5.36
C ASN A 734 -18.20 30.14 5.66
N ARG A 735 -19.47 29.78 5.58
CA ARG A 735 -19.91 28.40 5.77
C ARG A 735 -20.48 27.76 4.52
N ASP A 736 -20.92 28.57 3.55
CA ASP A 736 -21.36 28.04 2.26
C ASP A 736 -20.24 28.21 1.23
N VAL A 737 -20.31 27.39 0.18
CA VAL A 737 -19.28 27.35 -0.84
C VAL A 737 -19.49 28.49 -1.82
N ASP A 738 -18.43 29.26 -2.08
CA ASP A 738 -18.45 30.34 -3.06
C ASP A 738 -17.79 29.83 -4.33
N THR A 739 -18.60 29.35 -5.28
CA THR A 739 -18.04 28.79 -6.50
C THR A 739 -17.26 29.82 -7.30
N ASP A 740 -17.67 31.10 -7.22
CA ASP A 740 -16.97 32.14 -7.97
C ASP A 740 -15.51 32.24 -7.54
N PHE A 741 -15.20 31.94 -6.29
CA PHE A 741 -13.81 31.98 -5.85
C PHE A 741 -13.14 30.62 -5.91
N VAL A 742 -13.88 29.52 -5.80
CA VAL A 742 -13.28 28.22 -6.05
C VAL A 742 -12.75 28.16 -7.48
N ASN A 743 -13.50 28.71 -8.42
CA ASN A 743 -13.02 28.77 -9.81
C ASN A 743 -11.77 29.63 -9.92
N GLU A 744 -11.74 30.76 -9.22
CA GLU A 744 -10.58 31.65 -9.31
C GLU A 744 -9.34 31.01 -8.71
N PHE A 745 -9.48 30.34 -7.57
CA PHE A 745 -8.33 29.68 -6.97
C PHE A 745 -7.88 28.50 -7.82
N TYR A 746 -8.83 27.77 -8.42
CA TYR A 746 -8.46 26.69 -9.32
C TYR A 746 -7.68 27.21 -10.53
N ALA A 747 -8.14 28.33 -11.10
CA ALA A 747 -7.40 28.93 -12.22
C ALA A 747 -6.02 29.39 -11.78
N TYR A 748 -5.90 29.95 -10.59
CA TYR A 748 -4.60 30.34 -10.06
C TYR A 748 -3.67 29.14 -9.96
N LEU A 749 -4.15 28.04 -9.37
CA LEU A 749 -3.32 26.85 -9.24
C LEU A 749 -2.93 26.30 -10.60
N ARG A 750 -3.87 26.24 -11.54
CA ARG A 750 -3.55 25.75 -12.87
C ARG A 750 -2.48 26.60 -13.53
N LYS A 751 -2.59 27.93 -13.39
CA LYS A 751 -1.65 28.82 -14.06
C LYS A 751 -0.26 28.68 -13.44
N HIS A 752 -0.15 28.62 -12.12
CA HIS A 752 1.13 28.70 -11.44
C HIS A 752 1.57 27.40 -10.80
N PHE A 753 0.75 26.35 -10.84
CA PHE A 753 1.07 25.10 -10.15
C PHE A 753 0.44 23.97 -10.96
N SER A 754 1.20 23.44 -11.91
CA SER A 754 0.70 22.38 -12.78
C SER A 754 1.08 21.03 -12.20
N MET A 755 0.11 20.15 -12.05
CA MET A 755 0.31 18.85 -11.44
C MET A 755 0.19 17.75 -12.48
N MET A 756 0.83 16.62 -12.17
CA MET A 756 0.62 15.37 -12.89
C MET A 756 0.64 14.27 -11.84
N ILE A 757 -0.52 13.66 -11.61
CA ILE A 757 -0.74 12.78 -10.46
C ILE A 757 -0.98 11.36 -10.97
N LEU A 758 -0.44 10.39 -10.24
CA LEU A 758 -0.72 8.98 -10.50
C LEU A 758 -0.50 8.26 -9.17
N SER A 759 -1.59 7.91 -8.50
CA SER A 759 -1.50 7.36 -7.15
C SER A 759 -0.66 8.29 -6.29
N ASP A 760 0.26 7.75 -5.51
CA ASP A 760 1.08 8.56 -4.62
C ASP A 760 2.29 9.17 -5.30
N ASP A 761 2.33 9.20 -6.64
CA ASP A 761 3.45 9.75 -7.39
C ASP A 761 2.99 11.00 -8.11
N ALA A 762 3.62 12.13 -7.82
CA ALA A 762 3.23 13.40 -8.40
C ALA A 762 4.44 14.13 -8.95
N VAL A 763 4.24 14.84 -10.06
CA VAL A 763 5.24 15.73 -10.64
C VAL A 763 4.59 17.08 -10.82
N VAL A 764 5.22 18.13 -10.28
CA VAL A 764 4.65 19.46 -10.29
C VAL A 764 5.62 20.40 -10.99
N CYS A 765 5.12 21.15 -11.96
CA CYS A 765 5.85 22.26 -12.56
C CYS A 765 5.24 23.54 -12.02
N PHE A 766 6.03 24.30 -11.27
CA PHE A 766 5.51 25.43 -10.53
C PHE A 766 6.31 26.68 -10.86
N ASN A 767 5.65 27.83 -10.70
CA ASN A 767 6.27 29.12 -10.90
C ASN A 767 7.31 29.36 -9.80
N SER A 768 8.59 29.36 -10.17
CA SER A 768 9.64 29.42 -9.17
C SER A 768 9.67 30.77 -8.46
N THR A 769 9.29 31.85 -9.13
CA THR A 769 9.31 33.16 -8.49
C THR A 769 8.26 33.23 -7.37
N TYR A 770 7.04 32.76 -7.65
CA TYR A 770 6.02 32.75 -6.62
C TYR A 770 6.41 31.84 -5.47
N ALA A 771 6.79 30.60 -5.77
CA ALA A 771 7.23 29.70 -4.72
C ALA A 771 8.34 30.31 -3.89
N SER A 772 9.22 31.10 -4.52
CA SER A 772 10.24 31.82 -3.78
C SER A 772 9.64 32.85 -2.86
N GLN A 773 8.66 33.62 -3.33
CA GLN A 773 8.06 34.66 -2.52
C GLN A 773 7.05 34.13 -1.52
N GLY A 774 6.60 32.89 -1.68
CA GLY A 774 5.63 32.30 -0.79
C GLY A 774 4.20 32.40 -1.24
N LEU A 775 3.93 32.35 -2.54
CA LEU A 775 2.58 32.44 -3.07
C LEU A 775 2.08 31.14 -3.66
N VAL A 776 2.93 30.12 -3.80
CA VAL A 776 2.52 28.77 -4.14
C VAL A 776 3.31 27.81 -3.24
N ALA A 777 2.95 26.54 -3.30
CA ALA A 777 3.53 25.56 -2.40
C ALA A 777 4.93 25.18 -2.88
N SER A 778 5.93 25.39 -2.03
CA SER A 778 7.26 24.86 -2.25
C SER A 778 7.27 23.41 -1.77
N ILE A 779 8.46 22.82 -1.62
CA ILE A 779 8.52 21.46 -1.09
C ILE A 779 8.44 21.48 0.44
N LYS A 780 8.92 22.55 1.07
CA LYS A 780 8.81 22.65 2.52
C LYS A 780 7.36 22.71 2.96
N ASN A 781 6.52 23.43 2.21
CA ASN A 781 5.11 23.52 2.56
C ASN A 781 4.45 22.15 2.46
N PHE A 782 4.80 21.37 1.43
CA PHE A 782 4.26 20.03 1.33
C PHE A 782 4.74 19.15 2.46
N LYS A 783 6.00 19.27 2.85
CA LYS A 783 6.49 18.51 4.00
C LYS A 783 5.73 18.85 5.27
N SER A 784 5.47 20.13 5.49
CA SER A 784 4.73 20.56 6.68
C SER A 784 3.31 20.00 6.69
N VAL A 785 2.65 20.06 5.53
CA VAL A 785 1.29 19.53 5.44
C VAL A 785 1.30 18.03 5.70
N LEU A 786 2.26 17.31 5.14
CA LEU A 786 2.34 15.88 5.42
C LEU A 786 2.58 15.63 6.91
N TYR A 787 3.42 16.44 7.55
CA TYR A 787 3.70 16.22 8.96
C TYR A 787 2.43 16.36 9.79
N TYR A 788 1.66 17.42 9.57
CA TYR A 788 0.52 17.68 10.45
C TYR A 788 -0.79 17.06 9.96
N GLN A 789 -0.83 16.45 8.77
CA GLN A 789 -2.06 15.91 8.25
C GLN A 789 -1.94 14.46 7.79
N ASN A 790 -0.73 13.88 7.82
CA ASN A 790 -0.52 12.47 7.54
C ASN A 790 0.17 11.74 8.67
N ASN A 791 0.68 12.44 9.67
CA ASN A 791 1.55 11.83 10.67
C ASN A 791 2.73 11.15 10.00
N VAL A 792 3.28 11.82 8.99
CA VAL A 792 4.40 11.32 8.19
C VAL A 792 5.38 12.45 7.98
N PHE A 793 6.65 12.20 8.27
CA PHE A 793 7.72 13.15 7.96
C PHE A 793 8.39 12.66 6.69
N MET A 794 8.22 13.40 5.60
CA MET A 794 8.71 12.98 4.29
C MET A 794 10.17 13.41 4.16
N SER A 795 11.07 12.45 4.25
CA SER A 795 12.50 12.74 4.19
C SER A 795 12.87 13.23 2.80
N GLU A 796 14.15 13.57 2.63
CA GLU A 796 14.64 14.09 1.36
C GLU A 796 14.88 13.00 0.32
N ALA A 797 14.72 11.72 0.70
CA ALA A 797 14.84 10.66 -0.29
C ALA A 797 13.61 10.60 -1.18
N LYS A 798 12.43 10.84 -0.61
CA LYS A 798 11.18 10.81 -1.37
C LYS A 798 10.99 12.05 -2.23
N CYS A 799 11.57 13.19 -1.84
CA CYS A 799 11.40 14.45 -2.54
C CYS A 799 12.51 14.66 -3.56
N TRP A 800 12.19 15.38 -4.63
CA TRP A 800 13.21 15.83 -5.57
C TRP A 800 12.78 17.15 -6.19
N THR A 801 13.76 17.88 -6.70
CA THR A 801 13.53 19.15 -7.36
C THR A 801 14.51 19.29 -8.52
N GLU A 802 14.08 20.01 -9.55
CA GLU A 802 14.84 20.17 -10.77
C GLU A 802 14.66 21.60 -11.26
N THR A 803 15.75 22.36 -11.31
CA THR A 803 15.71 23.74 -11.75
C THR A 803 15.97 23.91 -13.23
N ASP A 804 16.19 22.81 -13.96
CA ASP A 804 16.42 22.83 -15.41
C ASP A 804 15.41 21.86 -16.02
N LEU A 805 14.24 22.38 -16.39
CA LEU A 805 13.17 21.50 -16.84
C LEU A 805 13.48 20.82 -18.16
N THR A 806 14.53 21.24 -18.87
CA THR A 806 14.92 20.53 -20.09
C THR A 806 15.48 19.15 -19.80
N LYS A 807 15.82 18.86 -18.54
CA LYS A 807 16.22 17.52 -18.14
C LYS A 807 15.04 16.65 -17.74
N GLY A 808 13.85 17.22 -17.60
CA GLY A 808 12.67 16.47 -17.29
C GLY A 808 12.60 16.07 -15.84
N PRO A 809 11.53 15.37 -15.46
CA PRO A 809 11.42 14.89 -14.09
C PRO A 809 12.58 13.97 -13.74
N HIS A 810 13.08 14.10 -12.52
CA HIS A 810 14.14 13.22 -12.06
C HIS A 810 13.67 11.76 -11.97
N GLU A 811 12.41 11.54 -11.58
CA GLU A 811 11.89 10.20 -11.46
C GLU A 811 10.37 10.22 -11.32
N PHE A 812 9.68 9.48 -12.17
CA PHE A 812 8.23 9.38 -12.12
C PHE A 812 7.83 7.98 -12.54
N CYS A 813 7.14 7.26 -11.67
CA CYS A 813 6.79 5.88 -11.92
C CYS A 813 8.03 5.03 -12.17
N SER A 814 9.08 5.29 -11.41
CA SER A 814 10.35 4.56 -11.47
C SER A 814 11.06 4.73 -12.80
N GLN A 815 10.63 5.66 -13.64
CA GLN A 815 11.19 5.87 -14.96
C GLN A 815 11.87 7.23 -15.00
N HIS A 816 13.18 7.25 -15.22
CA HIS A 816 13.87 8.51 -15.43
C HIS A 816 13.54 9.03 -16.83
N THR A 817 13.70 10.34 -17.01
CA THR A 817 13.39 10.99 -18.29
C THR A 817 14.66 11.58 -18.87
N MET A 818 14.80 11.47 -20.19
CA MET A 818 15.94 12.08 -20.88
C MET A 818 15.49 12.64 -22.22
N LEU A 819 16.06 13.77 -22.60
CA LEU A 819 15.74 14.43 -23.86
C LEU A 819 16.66 13.91 -24.95
N VAL A 820 16.07 13.26 -25.96
CA VAL A 820 16.84 12.60 -27.00
C VAL A 820 16.56 13.27 -28.34
N LYS A 821 17.18 12.76 -29.40
CA LYS A 821 16.98 13.24 -30.76
C LYS A 821 16.25 12.15 -31.53
N GLN A 822 14.92 12.15 -31.44
CA GLN A 822 14.09 11.09 -31.99
C GLN A 822 13.54 11.53 -33.33
N GLY A 823 13.91 10.82 -34.39
CA GLY A 823 13.42 11.15 -35.72
C GLY A 823 13.73 12.56 -36.13
N ASP A 824 14.94 13.03 -35.83
CA ASP A 824 15.34 14.41 -36.12
C ASP A 824 14.47 15.41 -35.37
N ASP A 825 13.90 14.98 -34.25
CA ASP A 825 13.15 15.84 -33.34
C ASP A 825 13.59 15.53 -31.92
N TYR A 826 13.38 16.49 -31.02
CA TYR A 826 13.75 16.35 -29.63
C TYR A 826 12.51 15.96 -28.82
N VAL A 827 12.56 14.78 -28.21
CA VAL A 827 11.45 14.26 -27.42
C VAL A 827 11.99 13.68 -26.12
N TYR A 828 11.13 13.62 -25.11
CA TYR A 828 11.48 13.03 -23.83
C TYR A 828 11.18 11.55 -23.85
N LEU A 829 12.16 10.73 -23.52
CA LEU A 829 12.00 9.29 -23.45
C LEU A 829 12.20 8.80 -22.03
N PRO A 830 11.40 7.84 -21.57
CA PRO A 830 11.61 7.27 -20.24
C PRO A 830 12.51 6.06 -20.27
N TYR A 831 13.55 6.03 -19.44
CA TYR A 831 14.36 4.83 -19.33
C TYR A 831 14.32 4.32 -17.89
N PRO A 832 14.43 3.01 -17.69
CA PRO A 832 14.36 2.46 -16.34
C PRO A 832 15.69 2.49 -15.62
N ASP A 833 15.75 1.89 -14.44
CA ASP A 833 17.00 1.64 -13.76
C ASP A 833 17.66 0.40 -14.37
N PRO A 834 18.86 0.50 -14.94
CA PRO A 834 19.45 -0.68 -15.58
C PRO A 834 19.53 -1.88 -14.66
N SER A 835 19.79 -1.65 -13.37
CA SER A 835 19.79 -2.75 -12.41
C SER A 835 18.45 -3.48 -12.43
N ARG A 836 17.35 -2.75 -12.66
CA ARG A 836 16.04 -3.37 -12.66
C ARG A 836 15.92 -4.37 -13.81
N ILE A 837 16.30 -3.95 -15.02
CA ILE A 837 16.17 -4.82 -16.18
C ILE A 837 17.14 -6.00 -16.05
N LEU A 838 18.37 -5.75 -15.62
CA LEU A 838 19.32 -6.85 -15.48
C LEU A 838 18.87 -7.84 -14.41
N GLY A 839 18.35 -7.36 -13.28
CA GLY A 839 17.89 -8.26 -12.25
C GLY A 839 16.62 -8.98 -12.62
N ALA A 840 15.80 -8.38 -13.49
CA ALA A 840 14.65 -9.10 -14.03
C ALA A 840 15.10 -10.23 -14.93
N GLY A 841 16.15 -9.99 -15.72
CA GLY A 841 16.70 -11.06 -16.54
C GLY A 841 17.32 -12.17 -15.73
N CYS A 842 18.10 -11.82 -14.71
CA CYS A 842 18.87 -12.83 -13.98
C CYS A 842 17.99 -13.66 -13.07
N PHE A 843 17.07 -13.03 -12.33
CA PHE A 843 16.24 -13.71 -11.35
C PHE A 843 14.79 -13.75 -11.83
N VAL A 844 14.14 -14.89 -11.62
CA VAL A 844 12.79 -15.13 -12.09
C VAL A 844 11.96 -15.68 -10.94
N ASP A 845 10.64 -15.75 -11.16
CA ASP A 845 9.74 -16.29 -10.15
C ASP A 845 9.71 -17.82 -10.21
N ASP A 846 9.28 -18.37 -11.33
CA ASP A 846 9.11 -19.81 -11.47
C ASP A 846 10.39 -20.45 -12.01
N ILE A 847 10.58 -21.72 -11.67
CA ILE A 847 11.75 -22.44 -12.15
C ILE A 847 11.69 -22.63 -13.66
N VAL A 848 10.49 -22.67 -14.23
CA VAL A 848 10.36 -22.85 -15.67
C VAL A 848 10.93 -21.67 -16.43
N LYS A 849 10.81 -20.46 -15.88
CA LYS A 849 11.29 -19.27 -16.57
C LYS A 849 12.81 -19.26 -16.74
N THR A 850 13.53 -20.12 -16.02
CA THR A 850 14.98 -20.17 -16.12
C THR A 850 15.46 -20.84 -17.39
N ASP A 851 14.57 -21.43 -18.18
CA ASP A 851 14.90 -21.98 -19.49
C ASP A 851 14.54 -20.94 -20.53
N GLY A 852 15.55 -20.32 -21.15
CA GLY A 852 15.29 -19.19 -22.02
C GLY A 852 14.42 -19.54 -23.20
N THR A 853 14.75 -20.64 -23.89
CA THR A 853 14.07 -20.97 -25.14
C THR A 853 12.56 -21.06 -24.95
N LEU A 854 12.10 -21.49 -23.77
CA LEU A 854 10.67 -21.54 -23.51
C LEU A 854 10.05 -20.16 -23.55
N MET A 855 10.71 -19.18 -22.93
CA MET A 855 10.17 -17.83 -22.76
C MET A 855 11.12 -16.85 -23.42
N ILE A 856 10.94 -16.62 -24.72
CA ILE A 856 11.65 -15.56 -25.40
C ILE A 856 10.86 -14.26 -25.36
N GLU A 857 9.57 -14.31 -25.04
CA GLU A 857 8.78 -13.09 -24.95
C GLU A 857 9.10 -12.30 -23.69
N ARG A 858 9.55 -12.99 -22.63
CA ARG A 858 10.10 -12.27 -21.48
C ARG A 858 11.15 -11.27 -21.92
N PHE A 859 12.11 -11.75 -22.72
CA PHE A 859 13.23 -10.90 -23.11
C PHE A 859 12.83 -9.89 -24.18
N VAL A 860 11.86 -10.21 -25.03
CA VAL A 860 11.36 -9.22 -25.96
C VAL A 860 10.74 -8.06 -25.21
N SER A 861 9.92 -8.35 -24.20
CA SER A 861 9.31 -7.27 -23.42
C SER A 861 10.35 -6.51 -22.60
N LEU A 862 11.33 -7.20 -22.04
CA LEU A 862 12.37 -6.51 -21.28
C LEU A 862 13.21 -5.62 -22.18
N ALA A 863 13.49 -6.05 -23.41
CA ALA A 863 14.21 -5.19 -24.35
C ALA A 863 13.34 -4.02 -24.81
N ILE A 864 12.03 -4.22 -24.94
CA ILE A 864 11.14 -3.09 -25.22
C ILE A 864 11.25 -2.05 -24.11
N ASP A 865 11.28 -2.51 -22.87
CA ASP A 865 11.40 -1.57 -21.75
C ASP A 865 12.77 -0.94 -21.66
N ALA A 866 13.82 -1.64 -22.08
CA ALA A 866 15.18 -1.17 -21.95
C ALA A 866 15.71 -0.45 -23.17
N TYR A 867 14.94 -0.36 -24.25
CA TYR A 867 15.43 0.34 -25.44
C TYR A 867 15.91 1.75 -25.16
N PRO A 868 15.19 2.58 -24.40
CA PRO A 868 15.61 3.98 -24.29
C PRO A 868 17.03 4.15 -23.81
N LEU A 869 17.52 3.25 -22.96
CA LEU A 869 18.90 3.30 -22.51
C LEU A 869 19.89 3.39 -23.68
N THR A 870 19.47 3.01 -24.88
CA THR A 870 20.37 3.06 -26.03
C THR A 870 20.90 4.47 -26.27
N LYS A 871 20.11 5.49 -25.95
CA LYS A 871 20.50 6.88 -26.16
C LYS A 871 21.12 7.52 -24.94
N HIS A 872 21.23 6.79 -23.84
CA HIS A 872 21.83 7.35 -22.64
C HIS A 872 23.32 7.62 -22.88
N PRO A 873 23.84 8.78 -22.45
CA PRO A 873 25.27 9.05 -22.69
C PRO A 873 26.19 8.02 -22.07
N ASN A 874 25.84 7.48 -20.90
CA ASN A 874 26.60 6.39 -20.31
C ASN A 874 26.56 5.19 -21.24
N GLN A 875 27.68 4.48 -21.36
CA GLN A 875 27.77 3.40 -22.34
C GLN A 875 27.30 2.06 -21.80
N GLU A 876 27.44 1.81 -20.50
CA GLU A 876 26.90 0.58 -19.93
C GLU A 876 25.40 0.47 -20.16
N TYR A 877 24.70 1.60 -20.14
CA TYR A 877 23.25 1.56 -20.27
C TYR A 877 22.82 1.14 -21.67
N ALA A 878 23.56 1.56 -22.70
CA ALA A 878 23.29 1.07 -24.05
C ALA A 878 23.75 -0.37 -24.21
N ASP A 879 24.85 -0.74 -23.56
CA ASP A 879 25.29 -2.13 -23.58
C ASP A 879 24.22 -3.06 -23.02
N VAL A 880 23.41 -2.57 -22.07
CA VAL A 880 22.34 -3.40 -21.53
C VAL A 880 21.37 -3.82 -22.63
N PHE A 881 20.92 -2.84 -23.43
CA PHE A 881 19.98 -3.16 -24.50
C PHE A 881 20.62 -4.05 -25.56
N HIS A 882 21.86 -3.76 -25.94
CA HIS A 882 22.52 -4.61 -26.93
C HIS A 882 22.67 -6.03 -26.39
N LEU A 883 22.96 -6.17 -25.10
CA LEU A 883 23.03 -7.48 -24.48
C LEU A 883 21.70 -8.21 -24.59
N TYR A 884 20.60 -7.52 -24.32
CA TYR A 884 19.31 -8.18 -24.41
C TYR A 884 19.01 -8.64 -25.83
N LEU A 885 19.33 -7.82 -26.83
CA LEU A 885 19.12 -8.24 -28.22
C LEU A 885 19.98 -9.45 -28.56
N GLN A 886 21.24 -9.45 -28.13
CA GLN A 886 22.12 -10.57 -28.42
C GLN A 886 21.64 -11.84 -27.74
N TYR A 887 21.10 -11.72 -26.53
CA TYR A 887 20.59 -12.90 -25.86
C TYR A 887 19.33 -13.43 -26.52
N ILE A 888 18.47 -12.54 -27.04
CA ILE A 888 17.31 -13.00 -27.78
C ILE A 888 17.75 -13.76 -29.04
N ARG A 889 18.77 -13.24 -29.72
CA ARG A 889 19.30 -13.96 -30.87
C ARG A 889 19.83 -15.33 -30.48
N LYS A 890 20.58 -15.40 -29.38
CA LYS A 890 21.12 -16.68 -28.94
C LYS A 890 20.00 -17.65 -28.60
N LEU A 891 18.95 -17.17 -27.94
CA LEU A 891 17.81 -18.03 -27.62
C LEU A 891 17.13 -18.54 -28.87
N HIS A 892 16.96 -17.69 -29.89
CA HIS A 892 16.35 -18.16 -31.12
C HIS A 892 17.21 -19.23 -31.78
N ASP A 893 18.53 -19.03 -31.82
CA ASP A 893 19.40 -20.04 -32.40
C ASP A 893 19.29 -21.35 -31.64
N GLU A 894 19.31 -21.29 -30.31
CA GLU A 894 19.27 -22.52 -29.52
C GLU A 894 17.91 -23.21 -29.65
N LEU A 895 16.83 -22.45 -29.70
CA LEU A 895 15.52 -23.06 -29.89
C LEU A 895 15.43 -23.75 -31.23
N THR A 896 15.93 -23.12 -32.30
CA THR A 896 15.93 -23.78 -33.60
C THR A 896 16.76 -25.05 -33.57
N GLY A 897 17.94 -24.99 -32.95
CA GLY A 897 18.77 -26.18 -32.85
C GLY A 897 18.09 -27.31 -32.12
N HIS A 898 17.51 -27.02 -30.96
CA HIS A 898 16.82 -28.06 -30.19
C HIS A 898 15.64 -28.62 -30.96
N MET A 899 14.85 -27.75 -31.59
CA MET A 899 13.69 -28.22 -32.32
C MET A 899 14.10 -29.15 -33.45
N LEU A 900 15.15 -28.79 -34.20
CA LEU A 900 15.61 -29.66 -35.27
C LEU A 900 16.27 -30.92 -34.73
N ASP A 901 16.83 -30.88 -33.52
CA ASP A 901 17.50 -32.03 -32.96
C ASP A 901 16.51 -33.07 -32.43
N MET A 902 15.39 -32.63 -31.86
CA MET A 902 14.41 -33.54 -31.28
C MET A 902 13.36 -33.93 -32.32
N TYR A 903 12.64 -32.95 -32.87
CA TYR A 903 11.71 -33.16 -33.97
C TYR A 903 12.37 -32.64 -35.23
N SER A 904 12.76 -33.56 -36.12
CA SER A 904 13.57 -33.16 -37.27
C SER A 904 12.72 -32.34 -38.23
N VAL A 905 12.33 -31.14 -37.81
CA VAL A 905 11.50 -30.24 -38.60
C VAL A 905 12.11 -28.85 -38.46
N MET A 906 12.73 -28.36 -39.54
CA MET A 906 13.33 -27.03 -39.51
C MET A 906 12.28 -25.98 -39.19
N LEU A 907 12.60 -25.11 -38.24
CA LEU A 907 11.71 -24.05 -37.79
C LEU A 907 12.50 -22.74 -37.83
N THR A 908 12.50 -22.08 -38.99
CA THR A 908 13.23 -20.82 -39.18
C THR A 908 12.32 -19.88 -39.98
N ASN A 909 11.56 -19.06 -39.27
CA ASN A 909 10.67 -18.09 -39.88
C ASN A 909 11.40 -16.77 -40.09
N ASP A 910 10.94 -16.01 -41.08
CA ASP A 910 11.51 -14.69 -41.34
C ASP A 910 10.95 -13.60 -40.44
N ASN A 911 9.87 -13.88 -39.71
CA ASN A 911 9.23 -12.91 -38.84
C ASN A 911 9.82 -12.90 -37.43
N THR A 912 10.77 -13.78 -37.14
CA THR A 912 11.42 -13.82 -35.84
C THR A 912 12.76 -13.10 -35.83
N SER A 913 13.20 -12.59 -36.97
CA SER A 913 14.45 -11.85 -37.07
C SER A 913 14.31 -10.38 -36.72
N ARG A 914 13.10 -9.94 -36.38
CA ARG A 914 12.87 -8.55 -36.01
C ARG A 914 12.93 -8.32 -34.51
N TYR A 915 13.12 -9.37 -33.72
CA TYR A 915 13.22 -9.25 -32.28
C TYR A 915 14.64 -9.03 -31.81
N TRP A 916 15.63 -9.13 -32.69
CA TRP A 916 17.00 -8.73 -32.38
C TRP A 916 17.48 -7.64 -33.33
N GLU A 917 16.55 -6.81 -33.80
CA GLU A 917 16.84 -5.64 -34.61
C GLU A 917 16.29 -4.41 -33.90
N PRO A 918 17.06 -3.32 -33.78
CA PRO A 918 16.57 -2.17 -32.99
C PRO A 918 15.32 -1.51 -33.55
N GLU A 919 15.02 -1.66 -34.84
CA GLU A 919 13.89 -0.94 -35.42
C GLU A 919 12.57 -1.35 -34.78
N PHE A 920 12.39 -2.65 -34.52
CA PHE A 920 11.16 -3.12 -33.90
C PHE A 920 10.91 -2.42 -32.58
N TYR A 921 11.98 -1.95 -31.92
CA TYR A 921 11.85 -1.27 -30.65
C TYR A 921 11.85 0.25 -30.78
N GLU A 922 12.51 0.80 -31.80
CA GLU A 922 12.34 2.22 -32.08
C GLU A 922 10.89 2.55 -32.37
N ALA A 923 10.19 1.64 -33.07
CA ALA A 923 8.81 1.90 -33.42
C ALA A 923 7.92 2.08 -32.20
N MET A 924 8.35 1.62 -31.03
CA MET A 924 7.54 1.72 -29.83
C MET A 924 7.52 3.11 -29.22
N TYR A 925 8.50 3.95 -29.55
CA TYR A 925 8.61 5.28 -28.94
C TYR A 925 8.47 6.40 -29.98
N THR A 926 8.04 6.10 -31.19
CA THR A 926 7.79 7.13 -32.18
C THR A 926 6.32 7.45 -32.24
N PRO A 927 5.91 8.72 -32.23
CA PRO A 927 4.49 9.03 -32.06
C PRO A 927 3.67 8.89 -33.34
N HIS A 928 3.40 7.65 -33.73
CA HIS A 928 2.53 7.38 -34.86
C HIS A 928 1.30 6.57 -34.45
N THR A 929 1.50 5.44 -33.79
CA THR A 929 0.37 4.61 -33.35
C THR A 929 -0.11 5.06 -31.98
N PHE B 6 -20.82 -30.41 -48.33
CA PHE B 6 -20.83 -31.84 -48.57
C PHE B 6 -21.62 -32.18 -49.83
N SER B 7 -21.74 -33.47 -50.13
CA SER B 7 -22.47 -33.94 -51.30
C SER B 7 -23.87 -34.44 -50.95
N SER B 8 -24.35 -34.16 -49.73
CA SER B 8 -25.66 -34.59 -49.30
C SER B 8 -26.72 -33.49 -49.43
N LEU B 9 -26.35 -32.34 -49.98
CA LEU B 9 -27.30 -31.23 -50.08
C LEU B 9 -28.44 -31.60 -51.03
N PRO B 10 -29.65 -31.11 -50.77
CA PRO B 10 -30.78 -31.49 -51.63
C PRO B 10 -30.60 -31.10 -53.08
N SER B 11 -29.94 -29.97 -53.35
CA SER B 11 -29.75 -29.48 -54.71
C SER B 11 -28.48 -30.00 -55.35
N TYR B 12 -27.72 -30.86 -54.66
CA TYR B 12 -26.49 -31.40 -55.24
C TYR B 12 -26.79 -32.30 -56.44
N ALA B 13 -27.99 -32.88 -56.49
CA ALA B 13 -28.32 -33.75 -57.62
C ALA B 13 -28.34 -32.97 -58.93
N ALA B 14 -28.92 -31.77 -58.92
CA ALA B 14 -28.95 -30.96 -60.13
C ALA B 14 -27.54 -30.61 -60.59
N PHE B 15 -26.68 -30.22 -59.65
CA PHE B 15 -25.30 -29.90 -60.00
C PHE B 15 -24.58 -31.11 -60.56
N ALA B 16 -24.79 -32.28 -59.97
CA ALA B 16 -24.15 -33.49 -60.47
C ALA B 16 -24.62 -33.82 -61.88
N THR B 17 -25.93 -33.70 -62.13
CA THR B 17 -26.44 -33.97 -63.47
C THR B 17 -25.90 -32.98 -64.49
N ALA B 18 -25.82 -31.70 -64.12
CA ALA B 18 -25.25 -30.71 -65.02
C ALA B 18 -23.79 -31.00 -65.31
N GLN B 19 -23.04 -31.41 -64.28
CA GLN B 19 -21.64 -31.77 -64.48
C GLN B 19 -21.52 -32.96 -65.42
N GLU B 20 -22.39 -33.96 -65.26
CA GLU B 20 -22.35 -35.12 -66.15
C GLU B 20 -22.64 -34.72 -67.58
N ALA B 21 -23.64 -33.86 -67.79
CA ALA B 21 -23.96 -33.40 -69.13
C ALA B 21 -22.80 -32.62 -69.74
N TYR B 22 -22.18 -31.74 -68.96
CA TYR B 22 -21.05 -30.98 -69.46
C TYR B 22 -19.88 -31.89 -69.80
N GLU B 23 -19.62 -32.90 -68.97
CA GLU B 23 -18.56 -33.85 -69.27
C GLU B 23 -18.84 -34.61 -70.56
N GLN B 24 -20.10 -35.04 -70.74
CA GLN B 24 -20.46 -35.73 -71.98
C GLN B 24 -20.27 -34.82 -73.19
N ALA B 25 -20.62 -33.55 -73.06
CA ALA B 25 -20.52 -32.62 -74.18
C ALA B 25 -19.08 -32.19 -74.45
N VAL B 26 -18.20 -32.27 -73.45
CA VAL B 26 -16.83 -31.81 -73.62
C VAL B 26 -16.11 -32.66 -74.66
N ALA B 27 -16.26 -33.98 -74.56
CA ALA B 27 -15.61 -34.90 -75.49
C ALA B 27 -16.63 -35.86 -76.08
N ASN B 28 -16.15 -36.88 -76.79
CA ASN B 28 -16.95 -37.92 -77.45
C ASN B 28 -17.56 -37.44 -78.75
N GLY B 29 -17.29 -36.20 -79.17
CA GLY B 29 -17.80 -35.70 -80.44
C GLY B 29 -19.07 -34.88 -80.28
N ASP B 30 -19.07 -33.95 -79.32
CA ASP B 30 -20.21 -33.08 -79.08
C ASP B 30 -19.99 -31.74 -79.77
N SER B 31 -21.03 -30.90 -79.70
CA SER B 31 -20.98 -29.60 -80.36
C SER B 31 -20.02 -28.66 -79.65
N GLU B 32 -19.40 -27.78 -80.44
CA GLU B 32 -18.41 -26.83 -79.92
C GLU B 32 -19.06 -25.54 -79.41
N VAL B 33 -20.07 -25.04 -80.13
CA VAL B 33 -20.74 -23.81 -79.71
C VAL B 33 -21.86 -24.07 -78.71
N VAL B 34 -22.51 -25.23 -78.77
CA VAL B 34 -23.54 -25.56 -77.79
C VAL B 34 -22.93 -26.02 -76.48
N LEU B 35 -21.74 -26.63 -76.52
CA LEU B 35 -21.09 -27.05 -75.29
C LEU B 35 -20.86 -25.86 -74.36
N LYS B 36 -20.75 -24.65 -74.91
CA LYS B 36 -20.68 -23.46 -74.06
C LYS B 36 -21.97 -23.28 -73.26
N LYS B 37 -23.12 -23.63 -73.86
CA LYS B 37 -24.37 -23.58 -73.11
C LYS B 37 -24.35 -24.56 -71.95
N LEU B 38 -23.84 -25.76 -72.16
CA LEU B 38 -23.73 -26.73 -71.08
C LEU B 38 -22.76 -26.23 -70.01
N LYS B 39 -21.67 -25.59 -70.42
CA LYS B 39 -20.74 -25.01 -69.46
C LYS B 39 -21.41 -23.92 -68.62
N LYS B 40 -22.24 -23.10 -69.26
CA LYS B 40 -22.98 -22.07 -68.53
C LYS B 40 -23.98 -22.69 -67.56
N SER B 41 -24.67 -23.74 -67.98
CA SER B 41 -25.59 -24.42 -67.08
C SER B 41 -24.84 -25.01 -65.88
N LEU B 42 -23.67 -25.62 -66.14
CA LEU B 42 -22.84 -26.11 -65.06
C LEU B 42 -22.42 -24.97 -64.14
N ASN B 43 -22.07 -23.81 -64.70
CA ASN B 43 -21.63 -22.70 -63.89
C ASN B 43 -22.75 -22.20 -62.98
N VAL B 44 -23.96 -22.05 -63.51
CA VAL B 44 -25.07 -21.60 -62.67
C VAL B 44 -25.41 -22.63 -61.61
N ALA B 45 -25.39 -23.92 -61.97
CA ALA B 45 -25.65 -24.96 -60.99
C ALA B 45 -24.57 -24.94 -59.90
N LYS B 46 -23.32 -24.74 -60.28
CA LYS B 46 -22.23 -24.67 -59.30
C LYS B 46 -22.42 -23.48 -58.38
N SER B 47 -22.81 -22.33 -58.93
CA SER B 47 -23.03 -21.16 -58.09
C SER B 47 -24.15 -21.41 -57.08
N GLU B 48 -25.26 -21.98 -57.55
CA GLU B 48 -26.37 -22.27 -56.64
C GLU B 48 -25.95 -23.26 -55.56
N PHE B 49 -25.28 -24.33 -55.96
CA PHE B 49 -24.86 -25.35 -55.00
C PHE B 49 -23.86 -24.78 -54.00
N ASP B 50 -22.93 -23.94 -54.47
CA ASP B 50 -21.95 -23.36 -53.56
C ASP B 50 -22.61 -22.42 -52.56
N ARG B 51 -23.57 -21.61 -53.00
CA ARG B 51 -24.26 -20.74 -52.05
C ARG B 51 -25.06 -21.56 -51.05
N ASP B 52 -25.73 -22.62 -51.51
CA ASP B 52 -26.46 -23.47 -50.58
C ASP B 52 -25.52 -24.13 -49.58
N ALA B 53 -24.35 -24.59 -50.04
CA ALA B 53 -23.39 -25.20 -49.14
C ALA B 53 -22.86 -24.19 -48.13
N ALA B 54 -22.61 -22.96 -48.57
CA ALA B 54 -22.16 -21.93 -47.63
C ALA B 54 -23.22 -21.66 -46.58
N MET B 55 -24.48 -21.54 -47.00
CA MET B 55 -25.55 -21.30 -46.03
C MET B 55 -25.68 -22.46 -45.06
N GLN B 56 -25.60 -23.70 -45.57
CA GLN B 56 -25.71 -24.87 -44.71
C GLN B 56 -24.54 -24.95 -43.73
N ARG B 57 -23.34 -24.60 -44.18
CA ARG B 57 -22.19 -24.59 -43.29
C ARG B 57 -22.35 -23.53 -42.21
N LYS B 58 -22.87 -22.36 -42.57
CA LYS B 58 -23.13 -21.33 -41.58
C LYS B 58 -24.15 -21.80 -40.54
N LEU B 59 -25.22 -22.46 -41.01
CA LEU B 59 -26.21 -22.97 -40.08
C LEU B 59 -25.63 -24.04 -39.17
N GLU B 60 -24.79 -24.93 -39.72
CA GLU B 60 -24.15 -25.95 -38.90
C GLU B 60 -23.25 -25.33 -37.84
N LYS B 61 -22.50 -24.29 -38.22
CA LYS B 61 -21.63 -23.64 -37.25
C LYS B 61 -22.45 -22.92 -36.17
N MET B 62 -23.57 -22.31 -36.56
CA MET B 62 -24.43 -21.69 -35.56
C MET B 62 -25.00 -22.74 -34.61
N ALA B 63 -25.39 -23.90 -35.15
CA ALA B 63 -25.88 -24.98 -34.29
C ALA B 63 -24.78 -25.46 -33.34
N ASP B 64 -23.55 -25.60 -33.84
CA ASP B 64 -22.44 -25.98 -32.98
C ASP B 64 -22.23 -24.95 -31.87
N GLN B 65 -22.30 -23.67 -32.22
CA GLN B 65 -22.16 -22.61 -31.22
C GLN B 65 -23.26 -22.71 -30.17
N ALA B 66 -24.50 -22.94 -30.60
CA ALA B 66 -25.60 -23.10 -29.65
C ALA B 66 -25.44 -24.33 -28.78
N MET B 67 -24.64 -25.31 -29.21
CA MET B 67 -24.36 -26.48 -28.41
C MET B 67 -23.17 -26.28 -27.48
N THR B 68 -22.44 -25.18 -27.62
CA THR B 68 -21.42 -24.81 -26.65
C THR B 68 -21.94 -23.82 -25.61
N GLN B 69 -23.03 -23.14 -25.89
CA GLN B 69 -23.63 -22.22 -24.93
C GLN B 69 -24.61 -22.92 -24.00
N MET B 70 -25.29 -23.96 -24.46
CA MET B 70 -26.18 -24.71 -23.57
C MET B 70 -25.40 -25.60 -22.63
N TYR B 71 -24.28 -26.16 -23.09
CA TYR B 71 -23.42 -26.95 -22.21
C TYR B 71 -22.76 -26.05 -21.16
N LYS B 72 -22.32 -24.86 -21.57
CA LYS B 72 -21.70 -23.95 -20.62
C LYS B 72 -22.69 -23.53 -19.55
N GLN B 73 -23.95 -23.29 -19.94
CA GLN B 73 -24.97 -22.99 -18.94
C GLN B 73 -25.18 -24.16 -17.99
N ALA B 74 -25.13 -25.39 -18.51
CA ALA B 74 -25.28 -26.57 -17.65
C ALA B 74 -24.16 -26.61 -16.62
N ARG B 75 -22.92 -26.38 -17.05
CA ARG B 75 -21.82 -26.38 -16.11
C ARG B 75 -21.93 -25.22 -15.12
N SER B 76 -22.40 -24.07 -15.57
CA SER B 76 -22.58 -22.94 -14.65
C SER B 76 -23.58 -23.28 -13.56
N GLU B 77 -24.70 -23.91 -13.93
CA GLU B 77 -25.70 -24.29 -12.93
C GLU B 77 -25.17 -25.38 -12.02
N ASP B 78 -24.38 -26.32 -12.55
CA ASP B 78 -23.77 -27.34 -11.71
C ASP B 78 -22.85 -26.72 -10.67
N LYS B 79 -21.99 -25.80 -11.10
CA LYS B 79 -21.09 -25.14 -10.15
C LYS B 79 -21.88 -24.31 -9.14
N ARG B 80 -22.95 -23.65 -9.59
CA ARG B 80 -23.78 -22.90 -8.67
C ARG B 80 -24.36 -23.80 -7.59
N ALA B 81 -24.87 -24.97 -7.98
CA ALA B 81 -25.41 -25.89 -6.99
C ALA B 81 -24.33 -26.38 -6.04
N LYS B 82 -23.15 -26.72 -6.56
CA LYS B 82 -22.07 -27.20 -5.72
C LYS B 82 -21.67 -26.14 -4.70
N VAL B 83 -21.51 -24.89 -5.15
CA VAL B 83 -21.08 -23.84 -4.24
C VAL B 83 -22.19 -23.51 -3.24
N THR B 84 -23.45 -23.58 -3.67
CA THR B 84 -24.54 -23.33 -2.73
C THR B 84 -24.52 -24.36 -1.60
N SER B 85 -24.38 -25.64 -1.96
CA SER B 85 -24.34 -26.68 -0.92
C SER B 85 -23.11 -26.51 -0.04
N ALA B 86 -21.94 -26.28 -0.63
CA ALA B 86 -20.72 -26.15 0.14
C ALA B 86 -20.62 -24.84 0.91
N MET B 87 -21.52 -23.90 0.63
CA MET B 87 -21.54 -22.60 1.31
C MET B 87 -22.58 -22.53 2.40
N GLN B 88 -23.67 -23.29 2.28
CA GLN B 88 -24.60 -23.42 3.38
C GLN B 88 -24.29 -24.63 4.27
N THR B 89 -23.34 -25.47 3.87
CA THR B 89 -22.79 -26.46 4.79
C THR B 89 -21.69 -25.89 5.67
N MET B 90 -21.08 -24.77 5.27
CA MET B 90 -20.18 -24.06 6.17
C MET B 90 -20.96 -23.32 7.24
N LEU B 91 -22.04 -22.66 6.86
CA LEU B 91 -22.80 -21.87 7.82
C LEU B 91 -23.35 -22.75 8.93
N PHE B 92 -23.86 -23.92 8.60
CA PHE B 92 -24.45 -24.78 9.62
C PHE B 92 -23.37 -25.35 10.55
N THR B 93 -22.19 -25.65 10.01
CA THR B 93 -21.11 -26.16 10.84
C THR B 93 -20.75 -25.15 11.94
N MET B 94 -20.48 -23.90 11.56
CA MET B 94 -20.16 -22.89 12.55
C MET B 94 -21.39 -22.41 13.31
N LEU B 95 -22.58 -22.77 12.86
CA LEU B 95 -23.78 -22.51 13.63
C LEU B 95 -23.93 -23.49 14.77
N ARG B 96 -23.48 -24.74 14.58
CA ARG B 96 -23.48 -25.70 15.68
C ARG B 96 -22.38 -25.40 16.69
N LYS B 97 -21.26 -24.80 16.25
CA LYS B 97 -20.17 -24.49 17.17
C LYS B 97 -20.47 -23.31 18.07
N LEU B 98 -21.56 -22.59 17.84
CA LEU B 98 -21.93 -21.46 18.69
C LEU B 98 -22.59 -21.98 19.95
N ASP B 99 -21.85 -21.96 21.06
CA ASP B 99 -22.39 -22.38 22.35
C ASP B 99 -23.57 -21.49 22.73
N ASN B 100 -24.77 -22.07 22.76
CA ASN B 100 -25.97 -21.25 22.88
C ASN B 100 -26.14 -20.68 24.29
N ASP B 101 -25.55 -21.31 25.31
CA ASP B 101 -25.72 -20.83 26.67
C ASP B 101 -25.17 -19.42 26.84
N ALA B 102 -23.85 -19.26 26.68
CA ALA B 102 -23.23 -17.96 26.90
C ALA B 102 -23.66 -16.94 25.86
N LEU B 103 -23.81 -17.38 24.61
CA LEU B 103 -24.24 -16.45 23.57
C LEU B 103 -25.62 -15.91 23.86
N ASN B 104 -26.56 -16.77 24.25
CA ASN B 104 -27.88 -16.30 24.61
C ASN B 104 -27.82 -15.40 25.84
N ASN B 105 -26.98 -15.76 26.81
CA ASN B 105 -26.86 -14.92 28.01
C ASN B 105 -26.47 -13.50 27.64
N ILE B 106 -25.46 -13.35 26.78
CA ILE B 106 -25.02 -12.00 26.42
C ILE B 106 -26.05 -11.31 25.53
N ILE B 107 -26.66 -12.04 24.61
CA ILE B 107 -27.60 -11.41 23.68
C ILE B 107 -28.81 -10.88 24.43
N ASN B 108 -29.38 -11.68 25.33
CA ASN B 108 -30.60 -11.28 26.01
C ASN B 108 -30.37 -10.16 27.02
N ASN B 109 -29.12 -9.94 27.45
CA ASN B 109 -28.81 -8.79 28.28
C ASN B 109 -28.64 -7.51 27.47
N ALA B 110 -28.66 -7.61 26.14
CA ALA B 110 -28.52 -6.43 25.30
C ALA B 110 -29.78 -5.57 25.37
N ARG B 111 -29.60 -4.29 25.10
CA ARG B 111 -30.72 -3.36 25.18
C ARG B 111 -31.82 -3.72 24.19
N ASP B 112 -31.43 -4.00 22.94
CA ASP B 112 -32.39 -4.31 21.89
C ASP B 112 -31.95 -5.47 21.02
N GLY B 113 -31.07 -6.34 21.54
CA GLY B 113 -30.61 -7.50 20.82
C GLY B 113 -29.33 -7.29 20.04
N CYS B 114 -28.95 -6.06 19.76
CA CYS B 114 -27.72 -5.76 19.06
C CYS B 114 -26.58 -5.66 20.06
N VAL B 115 -25.50 -6.38 19.79
CA VAL B 115 -24.29 -6.28 20.59
C VAL B 115 -23.13 -6.15 19.61
N PRO B 116 -22.05 -5.46 19.95
CA PRO B 116 -20.90 -5.42 19.04
C PRO B 116 -20.35 -6.81 18.80
N LEU B 117 -19.85 -7.03 17.59
CA LEU B 117 -19.31 -8.35 17.27
C LEU B 117 -18.06 -8.65 18.10
N ASN B 118 -17.25 -7.64 18.38
CA ASN B 118 -15.93 -7.86 18.96
C ASN B 118 -16.00 -8.44 20.37
N ILE B 119 -17.17 -8.45 21.02
CA ILE B 119 -17.31 -9.05 22.34
C ILE B 119 -17.84 -10.47 22.30
N ILE B 120 -18.33 -10.95 21.15
CA ILE B 120 -18.88 -12.30 21.08
C ILE B 120 -17.82 -13.33 21.47
N PRO B 121 -16.56 -13.25 21.00
CA PRO B 121 -15.55 -14.20 21.46
C PRO B 121 -14.95 -13.81 22.79
N LEU B 122 -14.93 -12.52 23.09
CA LEU B 122 -14.32 -12.02 24.32
C LEU B 122 -15.13 -12.34 25.56
N THR B 123 -16.39 -12.73 25.41
CA THR B 123 -17.25 -13.05 26.54
C THR B 123 -17.86 -14.45 26.46
N THR B 124 -17.81 -15.11 25.31
CA THR B 124 -18.41 -16.43 25.15
C THR B 124 -17.43 -17.50 24.68
N ALA B 125 -16.33 -17.13 24.05
CA ALA B 125 -15.38 -18.14 23.58
C ALA B 125 -14.86 -18.97 24.74
N ALA B 126 -14.73 -20.27 24.49
CA ALA B 126 -14.29 -21.23 25.51
C ALA B 126 -12.84 -21.63 25.34
N LYS B 127 -12.08 -20.93 24.52
CA LYS B 127 -10.68 -21.27 24.30
C LYS B 127 -9.95 -20.01 23.85
N LEU B 128 -8.72 -19.86 24.32
CA LEU B 128 -7.92 -18.66 24.04
C LEU B 128 -6.59 -19.09 23.44
N MET B 129 -6.19 -18.39 22.38
CA MET B 129 -4.89 -18.60 21.77
C MET B 129 -4.04 -17.36 21.98
N VAL B 130 -2.89 -17.51 22.62
CA VAL B 130 -1.95 -16.43 22.82
C VAL B 130 -0.69 -16.73 22.02
N VAL B 131 -0.31 -15.81 21.15
CA VAL B 131 0.91 -15.93 20.35
C VAL B 131 1.94 -14.98 20.95
N ILE B 132 3.07 -15.54 21.37
CA ILE B 132 4.06 -14.83 22.16
C ILE B 132 5.35 -14.73 21.35
N PRO B 133 5.80 -13.53 20.98
CA PRO B 133 7.00 -13.41 20.15
C PRO B 133 8.31 -13.65 20.88
N ASP B 134 8.44 -13.12 22.10
CA ASP B 134 9.66 -13.21 22.86
C ASP B 134 9.34 -13.58 24.31
N TYR B 135 10.38 -13.93 25.07
CA TYR B 135 10.14 -14.46 26.41
C TYR B 135 9.65 -13.40 27.39
N ASN B 136 10.03 -12.14 27.19
CA ASN B 136 9.52 -11.09 28.08
C ASN B 136 8.00 -11.04 28.02
N THR B 137 7.44 -11.14 26.81
CA THR B 137 5.99 -11.17 26.67
C THR B 137 5.39 -12.38 27.36
N TYR B 138 6.04 -13.54 27.26
CA TYR B 138 5.53 -14.72 27.95
C TYR B 138 5.47 -14.49 29.44
N LYS B 139 6.57 -13.99 30.01
CA LYS B 139 6.61 -13.75 31.46
C LYS B 139 5.54 -12.74 31.85
N ASN B 140 5.35 -11.69 31.07
CA ASN B 140 4.38 -10.66 31.43
C ASN B 140 2.95 -11.19 31.38
N THR B 141 2.59 -11.89 30.30
CA THR B 141 1.21 -12.27 30.05
C THR B 141 0.86 -13.66 30.54
N CYS B 142 1.53 -14.70 30.01
CA CYS B 142 1.07 -16.06 30.15
C CYS B 142 1.77 -16.84 31.26
N ASP B 143 2.55 -16.17 32.11
CA ASP B 143 3.35 -16.88 33.09
C ASP B 143 2.47 -17.76 33.98
N GLY B 144 3.03 -18.90 34.39
CA GLY B 144 2.29 -19.85 35.18
C GLY B 144 1.42 -20.74 34.31
N THR B 145 0.59 -21.54 34.97
CA THR B 145 -0.38 -22.37 34.29
C THR B 145 -1.74 -21.72 34.18
N THR B 146 -2.12 -20.87 35.13
CA THR B 146 -3.37 -20.13 35.11
C THR B 146 -3.05 -18.64 35.04
N PHE B 147 -3.70 -17.94 34.12
CA PHE B 147 -3.53 -16.50 34.01
C PHE B 147 -4.90 -15.84 33.85
N THR B 148 -4.89 -14.52 33.82
CA THR B 148 -6.10 -13.71 33.79
C THR B 148 -6.11 -12.86 32.53
N TYR B 149 -7.18 -12.94 31.76
CA TYR B 149 -7.32 -12.13 30.56
C TYR B 149 -8.80 -11.92 30.27
N ALA B 150 -9.14 -10.72 29.81
CA ALA B 150 -10.52 -10.38 29.49
C ALA B 150 -11.44 -10.61 30.68
N SER B 151 -10.94 -10.28 31.88
CA SER B 151 -11.71 -10.44 33.11
C SER B 151 -12.15 -11.89 33.32
N ALA B 152 -11.37 -12.83 32.80
CA ALA B 152 -11.64 -14.25 32.96
C ALA B 152 -10.36 -14.96 33.34
N LEU B 153 -10.52 -16.18 33.87
CA LEU B 153 -9.40 -17.00 34.32
C LEU B 153 -9.21 -18.14 33.34
N TRP B 154 -8.02 -18.23 32.75
CA TRP B 154 -7.69 -19.21 31.74
C TRP B 154 -6.62 -20.16 32.26
N GLU B 155 -6.84 -21.46 32.12
CA GLU B 155 -5.88 -22.46 32.52
C GLU B 155 -5.20 -23.01 31.28
N ILE B 156 -3.86 -22.98 31.26
CA ILE B 156 -3.14 -23.36 30.05
C ILE B 156 -3.36 -24.84 29.76
N GLN B 157 -3.60 -25.15 28.50
CA GLN B 157 -3.86 -26.51 28.05
C GLN B 157 -2.72 -27.12 27.26
N GLN B 158 -1.98 -26.31 26.50
CA GLN B 158 -0.93 -26.80 25.64
C GLN B 158 -0.15 -25.60 25.10
N VAL B 159 1.16 -25.77 24.96
CA VAL B 159 2.04 -24.76 24.41
C VAL B 159 2.80 -25.39 23.25
N VAL B 160 2.76 -24.74 22.08
CA VAL B 160 3.49 -25.20 20.92
C VAL B 160 4.29 -24.04 20.36
N ASP B 161 5.34 -24.37 19.62
CA ASP B 161 6.23 -23.37 19.05
C ASP B 161 5.89 -23.16 17.57
N ALA B 162 6.70 -22.36 16.89
CA ALA B 162 6.44 -22.07 15.48
C ALA B 162 6.44 -23.34 14.64
N ASP B 163 7.15 -24.38 15.07
CA ASP B 163 7.18 -25.65 14.36
C ASP B 163 6.01 -26.55 14.74
N SER B 164 5.15 -26.12 15.67
CA SER B 164 4.04 -26.93 16.14
C SER B 164 4.53 -28.22 16.79
N LYS B 165 5.33 -28.05 17.84
CA LYS B 165 5.84 -29.15 18.64
C LYS B 165 5.63 -28.83 20.11
N ILE B 166 5.12 -29.81 20.87
CA ILE B 166 4.75 -29.56 22.25
C ILE B 166 5.94 -29.00 23.01
N VAL B 167 5.71 -27.89 23.72
CA VAL B 167 6.73 -27.25 24.53
C VAL B 167 6.24 -27.29 25.97
N GLN B 168 6.93 -28.05 26.81
CA GLN B 168 6.54 -28.16 28.21
C GLN B 168 6.73 -26.82 28.91
N LEU B 169 5.87 -26.55 29.89
CA LEU B 169 5.98 -25.30 30.64
C LEU B 169 7.33 -25.17 31.34
N SER B 170 8.01 -26.29 31.60
CA SER B 170 9.33 -26.26 32.22
C SER B 170 10.45 -25.94 31.24
N GLU B 171 10.18 -26.01 29.94
CA GLU B 171 11.18 -25.70 28.92
C GLU B 171 11.17 -24.23 28.53
N ILE B 172 10.31 -23.41 29.11
CA ILE B 172 10.23 -21.99 28.77
C ILE B 172 10.84 -21.20 29.91
N SER B 173 12.14 -20.93 29.82
CA SER B 173 12.86 -20.23 30.87
C SER B 173 13.77 -19.19 30.25
N MET B 174 14.25 -18.27 31.08
CA MET B 174 15.11 -17.20 30.59
C MET B 174 16.39 -17.77 30.00
N ASP B 175 16.95 -18.81 30.62
CA ASP B 175 18.18 -19.42 30.12
C ASP B 175 17.92 -20.27 28.89
N ASN B 176 16.79 -20.97 28.85
CA ASN B 176 16.45 -21.85 27.74
C ASN B 176 15.64 -21.15 26.65
N SER B 177 15.40 -19.85 26.79
CA SER B 177 14.68 -19.12 25.75
C SER B 177 15.35 -19.22 24.38
N PRO B 178 16.67 -19.08 24.25
CA PRO B 178 17.26 -19.10 22.91
C PRO B 178 17.06 -20.40 22.16
N ASN B 179 16.79 -21.51 22.83
CA ASN B 179 16.66 -22.81 22.17
C ASN B 179 15.25 -23.10 21.68
N LEU B 180 14.31 -22.18 21.89
CA LEU B 180 12.92 -22.37 21.48
C LEU B 180 12.67 -21.67 20.15
N ALA B 181 11.69 -22.19 19.40
CA ALA B 181 11.33 -21.63 18.10
C ALA B 181 10.15 -20.69 18.30
N TRP B 182 10.46 -19.45 18.66
CA TRP B 182 9.42 -18.46 18.87
C TRP B 182 8.79 -18.09 17.52
N PRO B 183 7.53 -17.63 17.52
CA PRO B 183 6.65 -17.39 18.66
C PRO B 183 6.04 -18.65 19.23
N LEU B 184 5.70 -18.64 20.51
CA LEU B 184 5.04 -19.77 21.15
C LEU B 184 3.55 -19.53 21.18
N ILE B 185 2.77 -20.57 20.86
CA ILE B 185 1.33 -20.49 20.75
C ILE B 185 0.75 -21.29 21.91
N VAL B 186 0.20 -20.62 22.90
CA VAL B 186 -0.35 -21.27 24.08
C VAL B 186 -1.87 -21.20 24.00
N THR B 187 -2.51 -22.36 24.09
CA THR B 187 -3.96 -22.49 23.91
C THR B 187 -4.58 -22.78 25.27
N ALA B 188 -4.90 -21.70 25.99
CA ALA B 188 -5.54 -21.81 27.28
C ALA B 188 -7.03 -22.11 27.13
N LEU B 189 -7.62 -22.60 28.20
CA LEU B 189 -9.03 -22.97 28.25
C LEU B 189 -9.68 -22.21 29.39
N ARG B 190 -10.83 -21.59 29.11
CA ARG B 190 -11.50 -20.79 30.13
C ARG B 190 -11.80 -21.66 31.34
N ALA B 191 -11.57 -21.10 32.53
CA ALA B 191 -11.67 -21.85 33.78
C ALA B 191 -13.02 -21.60 34.42
N ASN B 192 -13.81 -22.66 34.58
CA ASN B 192 -15.09 -22.61 35.28
C ASN B 192 -16.03 -21.57 34.67
N SER B 193 -15.95 -21.38 33.36
CA SER B 193 -16.81 -20.46 32.63
C SER B 193 -16.67 -19.04 33.18
N ALA B 194 -15.48 -18.47 32.95
CA ALA B 194 -15.20 -17.06 33.26
C ALA B 194 -15.14 -16.79 34.75
N VAL B 195 -14.49 -17.67 35.51
CA VAL B 195 -14.25 -17.42 36.92
C VAL B 195 -12.94 -16.64 37.09
N SER C 10 34.36 -8.99 -10.74
CA SER C 10 33.02 -9.64 -10.79
C SER C 10 32.87 -10.66 -9.67
N LYS C 11 33.30 -10.29 -8.46
CA LYS C 11 33.30 -11.21 -7.33
C LYS C 11 32.24 -10.88 -6.29
N MET C 12 31.58 -9.73 -6.38
CA MET C 12 30.51 -9.39 -5.46
C MET C 12 29.16 -9.88 -5.99
N SER C 13 28.82 -9.50 -7.22
CA SER C 13 27.59 -9.97 -7.84
C SER C 13 27.61 -11.48 -7.95
N ASP C 14 28.80 -12.06 -7.89
CA ASP C 14 28.94 -13.52 -7.89
C ASP C 14 28.51 -14.14 -6.57
N VAL C 15 28.93 -13.57 -5.44
CA VAL C 15 28.47 -14.10 -4.15
C VAL C 15 26.99 -13.80 -3.95
N LYS C 16 26.49 -12.69 -4.48
CA LYS C 16 25.05 -12.45 -4.40
C LYS C 16 24.26 -13.60 -5.03
N CYS C 17 24.63 -13.97 -6.25
CA CYS C 17 23.93 -15.03 -6.96
C CYS C 17 24.16 -16.39 -6.30
N THR C 18 25.38 -16.63 -5.80
CA THR C 18 25.63 -17.89 -5.11
C THR C 18 24.79 -17.99 -3.85
N SER C 19 24.60 -16.88 -3.13
CA SER C 19 23.74 -16.91 -1.95
C SER C 19 22.29 -17.17 -2.33
N VAL C 20 21.82 -16.57 -3.43
CA VAL C 20 20.47 -16.86 -3.90
C VAL C 20 20.30 -18.35 -4.15
N VAL C 21 21.23 -18.94 -4.90
CA VAL C 21 21.12 -20.36 -5.25
C VAL C 21 21.28 -21.24 -4.02
N LEU C 22 22.14 -20.84 -3.09
CA LEU C 22 22.36 -21.63 -1.89
C LEU C 22 21.11 -21.62 -1.00
N LEU C 23 20.45 -20.48 -0.87
CA LEU C 23 19.21 -20.48 -0.10
C LEU C 23 18.11 -21.24 -0.81
N SER C 24 18.09 -21.23 -2.15
CA SER C 24 17.14 -22.09 -2.85
C SER C 24 17.40 -23.55 -2.56
N VAL C 25 18.68 -23.96 -2.58
CA VAL C 25 19.02 -25.35 -2.30
C VAL C 25 18.62 -25.73 -0.88
N LEU C 26 18.84 -24.83 0.08
CA LEU C 26 18.40 -25.09 1.45
C LEU C 26 16.88 -25.22 1.52
N GLN C 27 16.18 -24.32 0.84
CA GLN C 27 14.72 -24.32 0.92
C GLN C 27 14.13 -25.59 0.34
N GLN C 28 14.73 -26.12 -0.73
CA GLN C 28 14.23 -27.36 -1.29
C GLN C 28 14.58 -28.58 -0.45
N LEU C 29 15.48 -28.44 0.54
CA LEU C 29 15.78 -29.50 1.48
C LEU C 29 14.88 -29.46 2.70
N ARG C 30 13.73 -28.81 2.61
CA ARG C 30 12.77 -28.74 3.70
C ARG C 30 13.39 -28.10 4.95
N VAL C 31 14.18 -27.05 4.74
CA VAL C 31 14.69 -26.30 5.89
C VAL C 31 13.68 -25.32 6.44
N GLU C 32 12.60 -25.03 5.68
CA GLU C 32 11.52 -24.23 6.22
C GLU C 32 10.81 -24.93 7.36
N SER C 33 10.91 -26.26 7.44
CA SER C 33 10.26 -27.00 8.52
C SER C 33 10.81 -26.64 9.88
N SER C 34 12.00 -26.06 9.94
CA SER C 34 12.61 -25.59 11.18
C SER C 34 12.59 -24.05 11.15
N SER C 35 11.70 -23.46 11.95
CA SER C 35 11.52 -22.01 11.87
C SER C 35 12.79 -21.27 12.27
N LYS C 36 13.48 -21.74 13.31
CA LYS C 36 14.67 -21.05 13.80
C LYS C 36 15.78 -21.07 12.75
N LEU C 37 16.07 -22.24 12.21
CA LEU C 37 17.13 -22.37 11.22
C LEU C 37 16.78 -21.62 9.95
N TRP C 38 15.52 -21.66 9.53
CA TRP C 38 15.12 -20.92 8.34
C TRP C 38 15.21 -19.42 8.56
N ALA C 39 14.87 -18.95 9.76
CA ALA C 39 15.03 -17.53 10.04
C ALA C 39 16.49 -17.12 9.97
N GLN C 40 17.39 -17.96 10.51
CA GLN C 40 18.81 -17.65 10.41
C GLN C 40 19.27 -17.61 8.95
N CYS C 41 18.85 -18.59 8.16
CA CYS C 41 19.25 -18.63 6.75
C CYS C 41 18.70 -17.43 5.99
N VAL C 42 17.46 -17.04 6.26
CA VAL C 42 16.87 -15.89 5.60
C VAL C 42 17.63 -14.63 5.95
N GLN C 43 17.98 -14.46 7.23
CA GLN C 43 18.74 -13.28 7.62
C GLN C 43 20.08 -13.24 6.91
N LEU C 44 20.78 -14.37 6.87
CA LEU C 44 22.08 -14.40 6.20
C LEU C 44 21.96 -14.08 4.72
N HIS C 45 20.95 -14.66 4.07
CA HIS C 45 20.75 -14.43 2.64
C HIS C 45 20.43 -12.97 2.36
N ASN C 46 19.51 -12.38 3.12
CA ASN C 46 19.15 -10.99 2.91
C ASN C 46 20.31 -10.06 3.20
N ASP C 47 21.13 -10.39 4.20
CA ASP C 47 22.30 -9.56 4.50
C ASP C 47 23.37 -9.68 3.43
N ILE C 48 23.51 -10.86 2.81
CA ILE C 48 24.45 -11.00 1.71
C ILE C 48 23.98 -10.21 0.50
N LEU C 49 22.67 -10.23 0.22
CA LEU C 49 22.17 -9.50 -0.94
C LEU C 49 22.37 -8.00 -0.79
N LEU C 50 22.26 -7.47 0.42
CA LEU C 50 22.41 -6.04 0.67
C LEU C 50 23.84 -5.64 1.02
N ALA C 51 24.76 -6.59 1.10
CA ALA C 51 26.11 -6.29 1.55
C ALA C 51 26.83 -5.39 0.56
N LYS C 52 27.63 -4.46 1.08
CA LYS C 52 28.43 -3.56 0.28
C LYS C 52 29.87 -4.03 0.13
N ASP C 53 30.49 -4.47 1.22
CA ASP C 53 31.86 -4.96 1.21
C ASP C 53 31.88 -6.46 1.03
N THR C 54 32.83 -6.94 0.22
CA THR C 54 32.86 -8.35 -0.13
C THR C 54 33.41 -9.22 1.00
N THR C 55 34.25 -8.67 1.87
CA THR C 55 34.78 -9.46 2.98
C THR C 55 33.65 -9.95 3.88
N GLU C 56 32.76 -9.04 4.29
CA GLU C 56 31.65 -9.44 5.15
C GLU C 56 30.70 -10.37 4.40
N ALA C 57 30.52 -10.15 3.10
CA ALA C 57 29.66 -11.03 2.32
C ALA C 57 30.20 -12.46 2.30
N PHE C 58 31.51 -12.62 2.16
CA PHE C 58 32.08 -13.97 2.19
C PHE C 58 32.02 -14.58 3.59
N GLU C 59 32.31 -13.78 4.63
CA GLU C 59 32.21 -14.30 5.98
C GLU C 59 30.78 -14.63 6.38
N LYS C 60 29.80 -14.07 5.67
CA LYS C 60 28.40 -14.42 5.88
C LYS C 60 27.96 -15.57 5.00
N MET C 61 28.62 -15.79 3.87
CA MET C 61 28.37 -16.96 3.05
C MET C 61 28.90 -18.22 3.71
N VAL C 62 29.98 -18.09 4.48
CA VAL C 62 30.51 -19.24 5.20
C VAL C 62 29.45 -19.81 6.14
N SER C 63 28.71 -18.95 6.83
CA SER C 63 27.68 -19.43 7.76
C SER C 63 26.56 -20.15 7.03
N LEU C 64 26.09 -19.61 5.91
CA LEU C 64 25.02 -20.26 5.16
C LEU C 64 25.47 -21.61 4.61
N LEU C 65 26.70 -21.67 4.10
CA LEU C 65 27.20 -22.95 3.63
C LEU C 65 27.38 -23.93 4.78
N SER C 66 27.75 -23.45 5.97
CA SER C 66 27.82 -24.35 7.11
C SER C 66 26.46 -24.85 7.52
N VAL C 67 25.42 -24.04 7.32
CA VAL C 67 24.05 -24.54 7.52
C VAL C 67 23.78 -25.69 6.57
N LEU C 68 24.16 -25.52 5.30
CA LEU C 68 23.94 -26.59 4.34
C LEU C 68 24.74 -27.84 4.70
N LEU C 69 25.96 -27.66 5.20
CA LEU C 69 26.85 -28.79 5.51
C LEU C 69 26.56 -29.43 6.86
N SER C 70 25.78 -28.79 7.73
CA SER C 70 25.46 -29.39 9.01
C SER C 70 24.69 -30.68 8.83
N MET C 71 23.69 -30.67 7.93
CA MET C 71 22.88 -31.84 7.63
C MET C 71 23.65 -32.69 6.63
N GLN C 72 24.22 -33.81 7.10
CA GLN C 72 25.11 -34.59 6.26
C GLN C 72 24.35 -35.58 5.37
N GLY C 73 23.14 -35.99 5.79
CA GLY C 73 22.38 -36.93 4.98
C GLY C 73 21.67 -36.30 3.80
N ALA C 74 21.40 -34.99 3.85
CA ALA C 74 20.60 -34.36 2.81
C ALA C 74 21.38 -34.20 1.51
N VAL C 75 22.63 -33.75 1.60
CA VAL C 75 23.45 -33.46 0.43
C VAL C 75 24.70 -34.32 0.48
N ASP C 76 25.01 -34.99 -0.62
CA ASP C 76 26.19 -35.85 -0.72
C ASP C 76 27.33 -35.01 -1.28
N ILE C 77 28.12 -34.41 -0.39
CA ILE C 77 29.19 -33.53 -0.83
C ILE C 77 30.20 -34.31 -1.66
N ASN C 78 30.52 -35.53 -1.26
CA ASN C 78 31.57 -36.29 -1.93
C ASN C 78 31.20 -36.63 -3.37
N LYS C 79 29.93 -36.55 -3.74
CA LYS C 79 29.51 -36.81 -5.11
C LYS C 79 29.35 -35.52 -5.91
N LEU C 80 28.71 -34.51 -5.32
CA LEU C 80 28.56 -33.23 -6.01
C LEU C 80 29.91 -32.58 -6.26
N CYS C 81 30.82 -32.68 -5.29
CA CYS C 81 32.14 -32.10 -5.47
C CYS C 81 33.04 -33.03 -6.28
N GLU C 82 33.25 -34.24 -5.79
CA GLU C 82 34.03 -35.27 -6.48
C GLU C 82 35.24 -34.69 -7.20
N PHE F 6 6.12 -23.26 -55.46
CA PHE F 6 5.99 -24.43 -54.59
C PHE F 6 5.54 -25.65 -55.39
N SER F 7 6.51 -26.47 -55.80
CA SER F 7 6.24 -27.68 -56.56
C SER F 7 5.73 -28.77 -55.62
N SER F 8 5.74 -30.01 -56.09
CA SER F 8 5.31 -31.18 -55.34
C SER F 8 3.79 -31.28 -55.24
N LEU F 9 3.06 -30.54 -56.09
CA LEU F 9 1.61 -30.59 -56.12
C LEU F 9 1.13 -30.77 -57.55
N PRO F 10 0.13 -31.63 -57.78
CA PRO F 10 -0.41 -31.74 -59.14
C PRO F 10 -1.02 -30.43 -59.62
N SER F 11 -1.57 -29.63 -58.72
CA SER F 11 -2.12 -28.34 -59.10
C SER F 11 -1.03 -27.42 -59.65
N TYR F 12 0.15 -27.41 -59.01
CA TYR F 12 1.25 -26.63 -59.54
C TYR F 12 1.73 -27.18 -60.88
N ALA F 13 1.67 -28.50 -61.06
CA ALA F 13 2.03 -29.07 -62.36
C ALA F 13 1.08 -28.57 -63.45
N ALA F 14 -0.22 -28.56 -63.15
CA ALA F 14 -1.19 -28.03 -64.11
C ALA F 14 -0.95 -26.55 -64.37
N PHE F 15 -0.63 -25.79 -63.32
CA PHE F 15 -0.34 -24.37 -63.50
C PHE F 15 0.88 -24.16 -64.39
N ALA F 16 1.93 -24.96 -64.18
CA ALA F 16 3.12 -24.85 -65.00
C ALA F 16 2.84 -25.21 -66.45
N THR F 17 2.05 -26.28 -66.67
CA THR F 17 1.69 -26.65 -68.04
C THR F 17 0.90 -25.53 -68.71
N ALA F 18 -0.05 -24.94 -68.00
CA ALA F 18 -0.83 -23.84 -68.57
C ALA F 18 0.06 -22.64 -68.89
N GLN F 19 0.99 -22.33 -67.99
CA GLN F 19 1.90 -21.21 -68.23
C GLN F 19 2.78 -21.47 -69.44
N GLU F 20 3.29 -22.69 -69.57
CA GLU F 20 4.11 -23.03 -70.74
C GLU F 20 3.29 -22.94 -72.02
N ALA F 21 2.04 -23.41 -71.98
CA ALA F 21 1.19 -23.31 -73.16
C ALA F 21 0.94 -21.86 -73.54
N TYR F 22 0.67 -21.00 -72.55
CA TYR F 22 0.44 -19.59 -72.83
C TYR F 22 1.69 -18.94 -73.40
N GLU F 23 2.86 -19.24 -72.83
CA GLU F 23 4.10 -18.66 -73.32
C GLU F 23 4.46 -19.15 -74.71
N GLN F 24 4.10 -20.38 -75.06
CA GLN F 24 4.33 -20.86 -76.42
C GLN F 24 3.32 -20.27 -77.41
N ALA F 25 2.09 -20.05 -76.96
CA ALA F 25 1.06 -19.53 -77.86
C ALA F 25 1.21 -18.04 -78.12
N VAL F 26 1.69 -17.27 -77.14
CA VAL F 26 1.80 -15.82 -77.33
C VAL F 26 2.71 -15.52 -78.51
N ALA F 27 3.81 -16.28 -78.64
CA ALA F 27 4.67 -16.13 -79.80
C ALA F 27 3.99 -16.62 -81.07
N ASN F 28 3.05 -17.56 -80.94
CA ASN F 28 2.33 -18.06 -82.11
C ASN F 28 1.36 -17.01 -82.67
N GLY F 29 0.76 -16.20 -81.81
CA GLY F 29 -0.20 -15.21 -82.26
C GLY F 29 -1.44 -15.84 -82.86
N ASP F 30 -1.98 -16.86 -82.20
CA ASP F 30 -3.11 -17.61 -82.72
C ASP F 30 -4.40 -16.80 -82.56
N SER F 31 -5.54 -17.44 -82.78
CA SER F 31 -6.82 -16.76 -82.72
C SER F 31 -7.05 -16.18 -81.33
N GLU F 32 -7.68 -15.01 -81.28
CA GLU F 32 -7.91 -14.33 -80.02
C GLU F 32 -8.80 -15.16 -79.10
N VAL F 33 -9.84 -15.79 -79.66
CA VAL F 33 -10.73 -16.60 -78.84
C VAL F 33 -9.95 -17.71 -78.15
N VAL F 34 -9.04 -18.36 -78.88
CA VAL F 34 -8.23 -19.42 -78.30
C VAL F 34 -7.38 -18.86 -77.16
N LEU F 35 -6.76 -17.70 -77.39
CA LEU F 35 -5.93 -17.09 -76.35
C LEU F 35 -6.75 -16.79 -75.09
N LYS F 36 -7.95 -16.23 -75.27
CA LYS F 36 -8.75 -15.86 -74.11
C LYS F 36 -9.24 -17.08 -73.35
N LYS F 37 -9.68 -18.13 -74.06
CA LYS F 37 -10.14 -19.32 -73.34
C LYS F 37 -8.97 -20.05 -72.68
N LEU F 38 -7.79 -20.04 -73.31
CA LEU F 38 -6.61 -20.57 -72.64
C LEU F 38 -6.29 -19.78 -71.39
N LYS F 39 -6.42 -18.45 -71.45
CA LYS F 39 -6.22 -17.62 -70.28
C LYS F 39 -7.22 -17.98 -69.18
N LYS F 40 -8.48 -18.19 -69.55
CA LYS F 40 -9.49 -18.55 -68.56
C LYS F 40 -9.16 -19.89 -67.89
N SER F 41 -8.77 -20.88 -68.69
CA SER F 41 -8.41 -22.18 -68.12
C SER F 41 -7.18 -22.08 -67.24
N LEU F 42 -6.19 -21.29 -67.67
CA LEU F 42 -5.00 -21.09 -66.85
C LEU F 42 -5.36 -20.42 -65.53
N ASN F 43 -6.25 -19.44 -65.57
CA ASN F 43 -6.67 -18.78 -64.33
C ASN F 43 -7.41 -19.74 -63.41
N VAL F 44 -8.25 -20.62 -63.98
CA VAL F 44 -8.94 -21.61 -63.16
C VAL F 44 -7.94 -22.55 -62.48
N ALA F 45 -6.96 -23.03 -63.26
CA ALA F 45 -5.96 -23.92 -62.70
C ALA F 45 -5.13 -23.21 -61.63
N LYS F 46 -4.79 -21.93 -61.87
CA LYS F 46 -4.03 -21.17 -60.90
C LYS F 46 -4.84 -20.95 -59.62
N SER F 47 -6.15 -20.73 -59.75
CA SER F 47 -7.00 -20.59 -58.58
C SER F 47 -7.05 -21.88 -57.78
N GLU F 48 -7.16 -23.03 -58.46
CA GLU F 48 -7.13 -24.30 -57.74
C GLU F 48 -5.80 -24.51 -57.04
N PHE F 49 -4.69 -24.20 -57.73
CA PHE F 49 -3.38 -24.33 -57.12
C PHE F 49 -3.23 -23.42 -55.90
N ASP F 50 -3.74 -22.20 -56.01
CA ASP F 50 -3.66 -21.26 -54.89
C ASP F 50 -4.50 -21.71 -53.71
N ARG F 51 -5.67 -22.29 -53.99
CA ARG F 51 -6.49 -22.84 -52.91
C ARG F 51 -5.73 -23.96 -52.20
N ASP F 52 -5.12 -24.86 -52.98
CA ASP F 52 -4.36 -25.95 -52.37
C ASP F 52 -3.16 -25.43 -51.60
N ALA F 53 -2.51 -24.38 -52.12
CA ALA F 53 -1.39 -23.77 -51.41
C ALA F 53 -1.83 -23.17 -50.09
N ALA F 54 -2.99 -22.51 -50.07
CA ALA F 54 -3.51 -21.98 -48.82
C ALA F 54 -3.79 -23.10 -47.84
N MET F 55 -4.36 -24.21 -48.32
CA MET F 55 -4.60 -25.35 -47.43
C MET F 55 -3.29 -25.89 -46.86
N GLN F 56 -2.27 -26.02 -47.70
CA GLN F 56 -0.99 -26.54 -47.22
C GLN F 56 -0.34 -25.57 -46.24
N ARG F 57 -0.47 -24.26 -46.47
CA ARG F 57 0.06 -23.28 -45.52
C ARG F 57 -0.64 -23.39 -44.18
N LYS F 58 -1.98 -23.54 -44.19
CA LYS F 58 -2.69 -23.71 -42.94
C LYS F 58 -2.24 -24.97 -42.22
N LEU F 59 -2.09 -26.07 -42.97
CA LEU F 59 -1.68 -27.33 -42.34
C LEU F 59 -0.27 -27.22 -41.75
N GLU F 60 0.65 -26.59 -42.49
CA GLU F 60 2.01 -26.42 -41.98
C GLU F 60 2.03 -25.53 -40.74
N LYS F 61 1.25 -24.45 -40.74
CA LYS F 61 1.19 -23.59 -39.57
C LYS F 61 0.64 -24.34 -38.36
N MET F 62 -0.41 -25.13 -38.57
CA MET F 62 -0.97 -25.91 -37.47
C MET F 62 0.03 -26.93 -36.95
N ALA F 63 0.74 -27.61 -37.85
CA ALA F 63 1.72 -28.59 -37.43
C ALA F 63 2.85 -27.94 -36.64
N ASP F 64 3.33 -26.77 -37.10
CA ASP F 64 4.37 -26.07 -36.37
C ASP F 64 3.89 -25.61 -35.01
N GLN F 65 2.65 -25.14 -34.92
CA GLN F 65 2.09 -24.76 -33.63
C GLN F 65 2.04 -25.95 -32.68
N ALA F 66 1.57 -27.10 -33.18
CA ALA F 66 1.50 -28.30 -32.34
C ALA F 66 2.89 -28.73 -31.90
N MET F 67 3.86 -28.67 -32.82
CA MET F 67 5.22 -29.08 -32.48
C MET F 67 5.82 -28.16 -31.41
N THR F 68 5.62 -26.84 -31.54
CA THR F 68 6.12 -25.94 -30.52
C THR F 68 5.45 -26.19 -29.18
N GLN F 69 4.14 -26.46 -29.19
CA GLN F 69 3.45 -26.76 -27.94
C GLN F 69 4.03 -28.01 -27.29
N MET F 70 4.26 -29.06 -28.09
CA MET F 70 4.83 -30.29 -27.55
C MET F 70 6.23 -30.06 -26.99
N TYR F 71 7.05 -29.30 -27.72
CA TYR F 71 8.40 -29.03 -27.24
C TYR F 71 8.36 -28.26 -25.92
N LYS F 72 7.50 -27.26 -25.82
CA LYS F 72 7.39 -26.49 -24.58
C LYS F 72 6.91 -27.38 -23.44
N GLN F 73 5.93 -28.25 -23.68
CA GLN F 73 5.47 -29.15 -22.63
C GLN F 73 6.60 -30.06 -22.16
N ALA F 74 7.33 -30.66 -23.11
CA ALA F 74 8.39 -31.59 -22.72
C ALA F 74 9.48 -30.88 -21.93
N ARG F 75 9.90 -29.69 -22.40
CA ARG F 75 10.98 -29.00 -21.71
C ARG F 75 10.53 -28.45 -20.35
N SER F 76 9.28 -28.02 -20.23
CA SER F 76 8.78 -27.59 -18.93
C SER F 76 8.73 -28.76 -17.95
N GLU F 77 8.28 -29.94 -18.42
CA GLU F 77 8.27 -31.10 -17.55
C GLU F 77 9.69 -31.46 -17.11
N ASP F 78 10.65 -31.41 -18.04
CA ASP F 78 12.03 -31.70 -17.68
C ASP F 78 12.55 -30.68 -16.67
N LYS F 79 12.26 -29.40 -16.89
CA LYS F 79 12.77 -28.36 -15.99
C LYS F 79 12.20 -28.52 -14.59
N ARG F 80 10.91 -28.83 -14.49
CA ARG F 80 10.28 -28.97 -13.18
C ARG F 80 10.56 -30.32 -12.54
N ALA F 81 11.05 -31.30 -13.30
CA ALA F 81 11.28 -32.63 -12.74
C ALA F 81 12.61 -32.69 -12.00
N LYS F 82 13.71 -32.46 -12.70
CA LYS F 82 15.05 -32.55 -12.12
C LYS F 82 15.53 -31.19 -11.62
N VAL F 83 14.71 -30.53 -10.79
CA VAL F 83 15.13 -29.29 -10.16
C VAL F 83 16.12 -29.56 -9.04
N THR F 84 15.89 -30.62 -8.27
CA THR F 84 16.71 -30.88 -7.08
C THR F 84 18.16 -31.11 -7.47
N SER F 85 18.41 -31.95 -8.48
CA SER F 85 19.79 -32.26 -8.86
C SER F 85 20.44 -31.06 -9.53
N ALA F 86 19.72 -30.38 -10.41
CA ALA F 86 20.26 -29.24 -11.14
C ALA F 86 20.66 -28.11 -10.20
N MET F 87 19.84 -27.84 -9.18
CA MET F 87 20.14 -26.76 -8.26
C MET F 87 21.43 -27.03 -7.50
N GLN F 88 21.63 -28.25 -7.02
CA GLN F 88 22.84 -28.58 -6.28
C GLN F 88 24.07 -28.57 -7.19
N THR F 89 23.94 -29.10 -8.40
CA THR F 89 25.06 -29.05 -9.32
C THR F 89 25.45 -27.61 -9.64
N MET F 90 24.46 -26.75 -9.88
CA MET F 90 24.73 -25.34 -10.11
C MET F 90 25.41 -24.71 -8.90
N LEU F 91 24.91 -25.02 -7.70
CA LEU F 91 25.47 -24.42 -6.49
C LEU F 91 26.94 -24.78 -6.34
N PHE F 92 27.29 -26.05 -6.54
CA PHE F 92 28.67 -26.43 -6.34
C PHE F 92 29.56 -25.96 -7.48
N THR F 93 29.02 -25.83 -8.69
CA THR F 93 29.78 -25.18 -9.75
C THR F 93 30.11 -23.74 -9.39
N MET F 94 29.14 -23.01 -8.85
CA MET F 94 29.38 -21.62 -8.47
C MET F 94 30.36 -21.52 -7.31
N LEU F 95 30.26 -22.42 -6.33
CA LEU F 95 31.20 -22.39 -5.22
C LEU F 95 32.61 -22.70 -5.68
N ARG F 96 32.77 -23.64 -6.62
CA ARG F 96 34.08 -23.86 -7.21
C ARG F 96 34.57 -22.59 -7.90
N LYS F 97 33.68 -21.92 -8.63
CA LYS F 97 34.07 -20.72 -9.37
C LYS F 97 34.56 -19.62 -8.43
N LEU F 98 33.92 -19.46 -7.27
CA LEU F 98 34.32 -18.40 -6.36
C LEU F 98 35.79 -18.53 -5.95
N ASP F 99 36.23 -19.76 -5.66
CA ASP F 99 37.60 -20.02 -5.24
C ASP F 99 38.00 -19.12 -4.06
N ASN F 100 37.32 -19.36 -2.95
CA ASN F 100 37.57 -18.63 -1.72
C ASN F 100 38.51 -19.45 -0.83
N ASP F 101 38.87 -18.87 0.31
CA ASP F 101 39.74 -19.54 1.28
C ASP F 101 38.96 -20.24 2.38
N ALA F 102 37.80 -19.70 2.77
CA ALA F 102 36.99 -20.31 3.79
C ALA F 102 36.03 -21.34 3.20
N LEU F 103 35.31 -20.97 2.14
CA LEU F 103 34.35 -21.90 1.55
C LEU F 103 35.05 -23.17 1.09
N ASN F 104 36.18 -23.04 0.40
CA ASN F 104 36.90 -24.22 -0.03
C ASN F 104 37.38 -25.04 1.15
N ASN F 105 37.83 -24.38 2.22
CA ASN F 105 38.33 -25.10 3.38
C ASN F 105 37.21 -25.93 4.01
N ILE F 106 36.06 -25.32 4.26
CA ILE F 106 34.99 -26.06 4.91
C ILE F 106 34.44 -27.14 4.01
N ILE F 107 34.38 -26.89 2.69
CA ILE F 107 33.91 -27.93 1.78
C ILE F 107 34.87 -29.11 1.77
N ASN F 108 36.17 -28.85 1.71
CA ASN F 108 37.14 -29.93 1.73
C ASN F 108 37.08 -30.71 3.04
N ASN F 109 36.92 -30.01 4.16
CA ASN F 109 36.76 -30.70 5.43
C ASN F 109 35.50 -31.56 5.44
N ALA F 110 34.39 -31.03 4.93
CA ALA F 110 33.13 -31.76 4.94
C ALA F 110 33.14 -32.95 3.99
N ARG F 111 34.01 -32.93 2.98
CA ARG F 111 34.12 -34.11 2.12
C ARG F 111 34.61 -35.32 2.90
N ASP F 112 35.58 -35.12 3.80
CA ASP F 112 36.09 -36.21 4.62
C ASP F 112 35.21 -36.49 5.83
N GLY F 113 34.19 -35.68 6.09
CA GLY F 113 33.27 -35.90 7.18
C GLY F 113 33.47 -35.03 8.40
N CYS F 114 34.27 -33.97 8.31
CA CYS F 114 34.49 -33.07 9.43
C CYS F 114 33.50 -31.90 9.42
N VAL F 115 32.22 -32.23 9.31
CA VAL F 115 31.17 -31.22 9.17
C VAL F 115 30.97 -30.51 10.51
N PRO F 116 30.34 -29.35 10.53
CA PRO F 116 29.95 -28.75 11.81
C PRO F 116 28.65 -29.33 12.32
N LEU F 117 28.39 -29.09 13.61
CA LEU F 117 27.11 -29.44 14.21
C LEU F 117 26.17 -28.26 14.34
N ASN F 118 26.68 -27.03 14.19
CA ASN F 118 25.86 -25.83 14.24
C ASN F 118 26.37 -24.85 13.20
N ILE F 119 25.62 -23.76 13.01
CA ILE F 119 26.05 -22.72 12.09
C ILE F 119 27.41 -22.19 12.53
N ILE F 120 28.31 -22.04 11.57
CA ILE F 120 29.61 -21.44 11.86
C ILE F 120 29.36 -19.98 12.26
N PRO F 121 29.81 -19.55 13.43
CA PRO F 121 29.48 -18.21 13.91
C PRO F 121 30.37 -17.15 13.27
N LEU F 122 30.09 -15.89 13.63
CA LEU F 122 30.85 -14.76 13.13
C LEU F 122 31.49 -13.92 14.24
N THR F 123 31.08 -14.11 15.49
CA THR F 123 31.54 -13.31 16.61
C THR F 123 32.54 -14.09 17.46
N THR F 124 33.42 -13.35 18.14
CA THR F 124 34.45 -13.99 18.95
C THR F 124 33.84 -14.82 20.07
N ALA F 125 32.80 -14.30 20.72
CA ALA F 125 32.16 -15.00 21.84
C ALA F 125 31.09 -15.96 21.33
N ALA F 126 31.51 -16.91 20.51
CA ALA F 126 30.60 -17.87 19.90
C ALA F 126 31.21 -19.27 19.96
N LYS F 127 30.34 -20.27 19.94
CA LYS F 127 30.70 -21.67 20.11
C LYS F 127 30.54 -22.41 18.79
N LEU F 128 31.56 -23.17 18.40
CA LEU F 128 31.50 -24.04 17.23
C LEU F 128 31.70 -25.48 17.68
N MET F 129 30.87 -26.38 17.16
CA MET F 129 30.93 -27.80 17.51
C MET F 129 31.16 -28.57 16.23
N VAL F 130 32.38 -29.09 16.05
CA VAL F 130 32.80 -29.74 14.82
C VAL F 130 33.07 -31.21 15.10
N VAL F 131 32.47 -32.09 14.32
CA VAL F 131 32.67 -33.53 14.48
C VAL F 131 33.90 -33.93 13.70
N ILE F 132 34.87 -34.53 14.39
CA ILE F 132 36.13 -34.97 13.80
C ILE F 132 36.07 -36.50 13.67
N PRO F 133 35.99 -37.04 12.46
CA PRO F 133 35.71 -38.48 12.32
C PRO F 133 36.89 -39.41 12.52
N ASP F 134 38.12 -38.96 12.39
CA ASP F 134 39.25 -39.88 12.48
C ASP F 134 40.51 -39.09 12.86
N TYR F 135 41.54 -39.83 13.26
CA TYR F 135 42.76 -39.20 13.73
C TYR F 135 43.51 -38.50 12.59
N ASN F 136 43.38 -38.99 11.36
CA ASN F 136 44.04 -38.33 10.24
C ASN F 136 43.54 -36.90 10.08
N THR F 137 42.22 -36.73 10.00
CA THR F 137 41.66 -35.39 9.90
C THR F 137 41.91 -34.59 11.18
N TYR F 138 41.99 -35.25 12.33
CA TYR F 138 42.30 -34.54 13.56
C TYR F 138 43.69 -33.92 13.49
N LYS F 139 44.69 -34.69 13.06
CA LYS F 139 46.03 -34.14 12.91
C LYS F 139 46.08 -33.11 11.80
N ASN F 140 45.27 -33.29 10.75
CA ASN F 140 45.23 -32.29 9.68
C ASN F 140 44.74 -30.94 10.20
N THR F 141 43.67 -30.94 10.98
CA THR F 141 43.08 -29.70 11.47
C THR F 141 43.61 -29.31 12.86
N CYS F 142 43.39 -30.19 13.85
CA CYS F 142 43.75 -29.87 15.22
C CYS F 142 45.26 -30.01 15.40
N ASP F 143 45.90 -28.92 15.82
CA ASP F 143 47.32 -28.92 16.15
C ASP F 143 47.49 -28.21 17.48
N GLY F 144 48.26 -28.83 18.37
CA GLY F 144 48.40 -28.25 19.71
C GLY F 144 47.06 -28.16 20.38
N THR F 145 46.74 -26.95 20.88
CA THR F 145 45.46 -26.69 21.51
C THR F 145 44.63 -25.68 20.73
N THR F 146 44.85 -25.61 19.40
CA THR F 146 44.13 -24.69 18.55
C THR F 146 43.62 -25.42 17.32
N PHE F 147 42.48 -24.97 16.81
CA PHE F 147 41.73 -25.64 15.76
C PHE F 147 41.65 -24.74 14.55
N THR F 148 42.05 -25.24 13.39
CA THR F 148 42.07 -24.46 12.15
C THR F 148 40.93 -24.94 11.26
N TYR F 149 39.81 -24.21 11.28
CA TYR F 149 38.63 -24.58 10.53
C TYR F 149 37.98 -23.32 9.99
N ALA F 150 37.73 -23.30 8.68
CA ALA F 150 37.10 -22.15 8.01
C ALA F 150 38.04 -20.96 7.95
N SER F 151 39.34 -21.22 7.79
CA SER F 151 40.35 -20.17 7.66
C SER F 151 40.33 -19.24 8.87
N ALA F 152 40.21 -19.83 10.07
CA ALA F 152 40.28 -19.08 11.31
C ALA F 152 40.77 -20.01 12.39
N LEU F 153 41.25 -19.41 13.48
CA LEU F 153 41.78 -20.16 14.61
C LEU F 153 40.76 -20.16 15.75
N TRP F 154 40.49 -21.34 16.29
CA TRP F 154 39.49 -21.53 17.33
C TRP F 154 40.17 -22.17 18.54
N GLU F 155 39.76 -21.76 19.73
CA GLU F 155 40.31 -22.30 20.98
C GLU F 155 39.49 -23.52 21.37
N ILE F 156 40.12 -24.69 21.36
CA ILE F 156 39.40 -25.92 21.68
C ILE F 156 39.07 -25.89 23.17
N GLN F 157 37.81 -25.64 23.49
CA GLN F 157 37.37 -25.62 24.88
C GLN F 157 36.98 -26.99 25.41
N GLN F 158 36.68 -27.95 24.53
CA GLN F 158 36.27 -29.27 25.00
C GLN F 158 36.37 -30.25 23.84
N VAL F 159 36.58 -31.52 24.19
CA VAL F 159 36.59 -32.60 23.20
C VAL F 159 35.79 -33.77 23.73
N VAL F 160 34.56 -33.91 23.25
CA VAL F 160 33.65 -34.95 23.72
C VAL F 160 33.90 -36.23 22.91
N ASP F 161 33.99 -37.35 23.61
CA ASP F 161 34.17 -38.64 22.96
C ASP F 161 32.94 -38.97 22.12
N ALA F 162 32.97 -40.10 21.41
CA ALA F 162 31.79 -40.52 20.67
C ALA F 162 30.67 -41.01 21.58
N ASP F 163 30.99 -41.37 22.83
CA ASP F 163 30.01 -41.85 23.79
C ASP F 163 29.68 -40.79 24.84
N SER F 164 29.88 -39.51 24.50
CA SER F 164 29.58 -38.36 25.34
C SER F 164 30.58 -38.19 26.48
N LYS F 165 31.64 -38.98 26.53
CA LYS F 165 32.62 -38.92 27.61
C LYS F 165 33.67 -37.88 27.28
N ILE F 166 34.02 -37.04 28.27
CA ILE F 166 35.00 -36.00 28.02
C ILE F 166 36.36 -36.63 27.74
N VAL F 167 37.09 -36.02 26.80
CA VAL F 167 38.42 -36.49 26.41
C VAL F 167 39.40 -35.34 26.57
N GLN F 168 40.53 -35.61 27.22
CA GLN F 168 41.57 -34.61 27.36
C GLN F 168 42.42 -34.56 26.10
N LEU F 169 42.88 -33.35 25.74
CA LEU F 169 43.68 -33.19 24.55
C LEU F 169 44.96 -34.02 24.60
N SER F 170 45.40 -34.41 25.79
CA SER F 170 46.61 -35.22 25.91
C SER F 170 46.37 -36.67 25.55
N GLU F 171 45.17 -37.19 25.82
CA GLU F 171 44.88 -38.60 25.55
C GLU F 171 44.83 -38.90 24.06
N ILE F 172 44.54 -37.91 23.22
CA ILE F 172 44.52 -38.11 21.77
C ILE F 172 45.96 -38.10 21.27
N SER F 173 46.55 -39.29 21.15
CA SER F 173 47.94 -39.40 20.75
C SER F 173 48.08 -40.36 19.57
N MET F 174 49.30 -40.58 19.10
CA MET F 174 49.50 -41.39 17.91
C MET F 174 48.98 -42.81 18.11
N ASP F 175 49.25 -43.40 19.28
CA ASP F 175 48.84 -44.77 19.54
C ASP F 175 47.52 -44.88 20.29
N ASN F 176 47.08 -43.82 20.98
CA ASN F 176 45.76 -43.84 21.58
C ASN F 176 44.64 -43.74 20.56
N SER F 177 44.97 -43.43 19.31
CA SER F 177 43.91 -43.22 18.31
C SER F 177 42.99 -44.42 18.18
N PRO F 178 43.48 -45.65 17.99
CA PRO F 178 42.56 -46.79 17.98
C PRO F 178 41.82 -46.98 19.29
N ASN F 179 42.46 -46.63 20.42
CA ASN F 179 41.82 -46.82 21.71
C ASN F 179 40.59 -45.94 21.87
N LEU F 180 40.70 -44.67 21.48
CA LEU F 180 39.61 -43.72 21.66
C LEU F 180 38.45 -44.03 20.73
N ALA F 181 37.26 -43.58 21.11
CA ALA F 181 36.04 -43.88 20.37
C ALA F 181 35.70 -42.72 19.45
N TRP F 182 36.13 -42.81 18.20
CA TRP F 182 35.78 -41.83 17.20
C TRP F 182 34.35 -42.04 16.73
N PRO F 183 33.68 -41.00 16.21
CA PRO F 183 34.13 -39.63 15.99
C PRO F 183 34.09 -38.76 17.23
N LEU F 184 35.02 -37.82 17.36
CA LEU F 184 34.98 -36.88 18.47
C LEU F 184 34.16 -35.67 18.09
N ILE F 185 33.79 -34.87 19.09
CA ILE F 185 33.11 -33.61 18.89
C ILE F 185 33.93 -32.54 19.57
N VAL F 186 34.63 -31.73 18.79
CA VAL F 186 35.46 -30.66 19.32
C VAL F 186 34.61 -29.40 19.44
N THR F 187 34.46 -28.91 20.67
CA THR F 187 33.77 -27.66 20.93
C THR F 187 34.84 -26.59 21.15
N ALA F 188 34.78 -25.53 20.34
CA ALA F 188 35.81 -24.51 20.32
C ALA F 188 35.17 -23.13 20.28
N LEU F 189 35.98 -22.12 20.54
CA LEU F 189 35.57 -20.72 20.49
C LEU F 189 36.40 -20.00 19.45
N ARG F 190 35.77 -19.11 18.69
CA ARG F 190 36.49 -18.33 17.70
C ARG F 190 37.51 -17.42 18.37
N ALA F 191 38.70 -17.33 17.79
CA ALA F 191 39.76 -16.49 18.32
C ALA F 191 40.10 -15.37 17.34
#